data_4O06
# 
_entry.id   4O06 
# 
_audit_conform.dict_name       mmcif_pdbx.dic 
_audit_conform.dict_version    5.379 
_audit_conform.dict_location   http://mmcif.pdb.org/dictionaries/ascii/mmcif_pdbx.dic 
# 
loop_
_database_2.database_id 
_database_2.database_code 
_database_2.pdbx_database_accession 
_database_2.pdbx_DOI 
PDB   4O06         pdb_00004o06 10.2210/pdb4o06/pdb 
RCSB  RCSB083875   ?            ?                   
WWPDB D_1000083875 ?            ?                   
# 
_pdbx_database_status.entry_id                        4O06 
_pdbx_database_status.status_code                     REL 
_pdbx_database_status.deposit_site                    RCSB 
_pdbx_database_status.process_site                    RCSB 
_pdbx_database_status.recvd_initial_deposition_date   2013-12-13 
_pdbx_database_status.status_code_sf                  REL 
_pdbx_database_status.status_code_mr                  ? 
_pdbx_database_status.SG_entry                        ? 
_pdbx_database_status.status_code_cs                  ? 
_pdbx_database_status.methods_development_category    ? 
_pdbx_database_status.pdb_format_compatible           Y 
_pdbx_database_status.status_code_nmr_data            ? 
# 
loop_
_audit_author.name 
_audit_author.pdbx_ordinal 
'Lovell, S.'      1 
'Mehzabeen, N.'   2 
'Battaile, K.P.'  3 
'Singh, C.R.'     4 
'Chowdhury, W.Q.' 5 
'Geanes, E.'      6 
'Roelofs, J.'     7 
# 
_citation.id                        primary 
_citation.title                     '1.15 angstrom resolution structure of the proteasome-assembly chaperone Nas2 PDZ domain.' 
_citation.journal_abbrev            'Acta Crystallogr F Struct Biol Commun' 
_citation.journal_volume            70 
_citation.page_first                418 
_citation.page_last                 423 
_citation.year                      2014 
_citation.journal_id_ASTM           ? 
_citation.country                   ? 
_citation.journal_id_ISSN           ? 
_citation.journal_id_CSD            0353 
_citation.book_publisher            ? 
_citation.pdbx_database_id_PubMed   24699731 
_citation.pdbx_database_id_DOI      10.1107/S2053230X14003884 
# 
loop_
_citation_author.citation_id 
_citation_author.name 
_citation_author.ordinal 
_citation_author.identifier_ORCID 
primary 'Singh, C.R.'     1 ? 
primary 'Lovell, S.'      2 ? 
primary 'Mehzabeen, N.'   3 ? 
primary 'Chowdhury, W.Q.' 4 ? 
primary 'Geanes, E.S.'    5 ? 
primary 'Battaile, K.P.'  6 ? 
primary 'Roelofs, J.'     7 ? 
# 
_cell.length_a           39.968 
_cell.length_b           39.968 
_cell.length_c           115.827 
_cell.angle_alpha        90.000 
_cell.angle_beta         90.000 
_cell.angle_gamma        90.000 
_cell.entry_id           4O06 
_cell.pdbx_unique_axis   ? 
_cell.Z_PDB              8 
_cell.length_a_esd       ? 
_cell.length_b_esd       ? 
_cell.length_c_esd       ? 
_cell.angle_alpha_esd    ? 
_cell.angle_beta_esd     ? 
_cell.angle_gamma_esd    ? 
# 
_symmetry.space_group_name_H-M             'P 41 21 2' 
_symmetry.entry_id                         4O06 
_symmetry.Int_Tables_number                92 
_symmetry.pdbx_full_space_group_name_H-M   ? 
_symmetry.cell_setting                     ? 
_symmetry.space_group_name_Hall            ? 
# 
loop_
_entity.id 
_entity.type 
_entity.src_method 
_entity.pdbx_description 
_entity.formula_weight 
_entity.pdbx_number_of_molecules 
_entity.pdbx_ec 
_entity.pdbx_mutation 
_entity.pdbx_fragment 
_entity.details 
1 polymer     man 'Probable 26S proteasome regulatory subunit p27' 11644.451 1  ? ? 'PDZ Domain (residues 126-220)' ? 
2 non-polymer syn 'TETRAETHYLENE GLYCOL'                           194.226   1  ? ? ?                               ? 
3 non-polymer syn 'SULFATE ION'                                    96.063    1  ? ? ?                               ? 
4 water       nat water                                            18.015    98 ? ? ?                               ? 
# 
_entity_name_com.entity_id   1 
_entity_name_com.name        'Proteasome non-ATPase subunit 2' 
# 
_entity_poly.entity_id                      1 
_entity_poly.type                           'polypeptide(L)' 
_entity_poly.nstd_linkage                   no 
_entity_poly.nstd_monomer                   no 
_entity_poly.pdbx_seq_one_letter_code       
;GPLTRRASVGSQAIQYTIPFAFISEVVPGSPSDKADIKVDDKLISIGNVHAANHSKLQNIQMVVMKNEDRPLPVLLLREG
QILKTSLTPSRNWNGRGLLGCRIQEL
;
_entity_poly.pdbx_seq_one_letter_code_can   
;GPLTRRASVGSQAIQYTIPFAFISEVVPGSPSDKADIKVDDKLISIGNVHAANHSKLQNIQMVVMKNEDRPLPVLLLREG
QILKTSLTPSRNWNGRGLLGCRIQEL
;
_entity_poly.pdbx_strand_id                 A 
_entity_poly.pdbx_target_identifier         ? 
# 
loop_
_entity_poly_seq.entity_id 
_entity_poly_seq.num 
_entity_poly_seq.mon_id 
_entity_poly_seq.hetero 
1 1   GLY n 
1 2   PRO n 
1 3   LEU n 
1 4   THR n 
1 5   ARG n 
1 6   ARG n 
1 7   ALA n 
1 8   SER n 
1 9   VAL n 
1 10  GLY n 
1 11  SER n 
1 12  GLN n 
1 13  ALA n 
1 14  ILE n 
1 15  GLN n 
1 16  TYR n 
1 17  THR n 
1 18  ILE n 
1 19  PRO n 
1 20  PHE n 
1 21  ALA n 
1 22  PHE n 
1 23  ILE n 
1 24  SER n 
1 25  GLU n 
1 26  VAL n 
1 27  VAL n 
1 28  PRO n 
1 29  GLY n 
1 30  SER n 
1 31  PRO n 
1 32  SER n 
1 33  ASP n 
1 34  LYS n 
1 35  ALA n 
1 36  ASP n 
1 37  ILE n 
1 38  LYS n 
1 39  VAL n 
1 40  ASP n 
1 41  ASP n 
1 42  LYS n 
1 43  LEU n 
1 44  ILE n 
1 45  SER n 
1 46  ILE n 
1 47  GLY n 
1 48  ASN n 
1 49  VAL n 
1 50  HIS n 
1 51  ALA n 
1 52  ALA n 
1 53  ASN n 
1 54  HIS n 
1 55  SER n 
1 56  LYS n 
1 57  LEU n 
1 58  GLN n 
1 59  ASN n 
1 60  ILE n 
1 61  GLN n 
1 62  MET n 
1 63  VAL n 
1 64  VAL n 
1 65  MET n 
1 66  LYS n 
1 67  ASN n 
1 68  GLU n 
1 69  ASP n 
1 70  ARG n 
1 71  PRO n 
1 72  LEU n 
1 73  PRO n 
1 74  VAL n 
1 75  LEU n 
1 76  LEU n 
1 77  LEU n 
1 78  ARG n 
1 79  GLU n 
1 80  GLY n 
1 81  GLN n 
1 82  ILE n 
1 83  LEU n 
1 84  LYS n 
1 85  THR n 
1 86  SER n 
1 87  LEU n 
1 88  THR n 
1 89  PRO n 
1 90  SER n 
1 91  ARG n 
1 92  ASN n 
1 93  TRP n 
1 94  ASN n 
1 95  GLY n 
1 96  ARG n 
1 97  GLY n 
1 98  LEU n 
1 99  LEU n 
1 100 GLY n 
1 101 CYS n 
1 102 ARG n 
1 103 ILE n 
1 104 GLN n 
1 105 GLU n 
1 106 LEU n 
# 
_entity_src_gen.entity_id                          1 
_entity_src_gen.pdbx_src_id                        1 
_entity_src_gen.pdbx_alt_source_flag               sample 
_entity_src_gen.pdbx_seq_type                      ? 
_entity_src_gen.pdbx_beg_seq_num                   ? 
_entity_src_gen.pdbx_end_seq_num                   ? 
_entity_src_gen.gene_src_common_name               
;Baker's yeast
;
_entity_src_gen.gene_src_genus                     ? 
_entity_src_gen.pdbx_gene_src_gene                 'NAS2, YIL007C' 
_entity_src_gen.gene_src_species                   ? 
_entity_src_gen.gene_src_strain                    'ATCC 204508 / S288c' 
_entity_src_gen.gene_src_tissue                    ? 
_entity_src_gen.gene_src_tissue_fraction           ? 
_entity_src_gen.gene_src_details                   ? 
_entity_src_gen.pdbx_gene_src_fragment             ? 
_entity_src_gen.pdbx_gene_src_scientific_name      'Saccharomyces cerevisiae' 
_entity_src_gen.pdbx_gene_src_ncbi_taxonomy_id     559292 
_entity_src_gen.pdbx_gene_src_variant              ? 
_entity_src_gen.pdbx_gene_src_cell_line            ? 
_entity_src_gen.pdbx_gene_src_atcc                 ? 
_entity_src_gen.pdbx_gene_src_organ                ? 
_entity_src_gen.pdbx_gene_src_organelle            ? 
_entity_src_gen.pdbx_gene_src_cell                 ? 
_entity_src_gen.pdbx_gene_src_cellular_location    ? 
_entity_src_gen.host_org_common_name               ? 
_entity_src_gen.pdbx_host_org_scientific_name      'Escherichia coli' 
_entity_src_gen.pdbx_host_org_ncbi_taxonomy_id     562 
_entity_src_gen.host_org_genus                     ? 
_entity_src_gen.pdbx_host_org_gene                 ? 
_entity_src_gen.pdbx_host_org_organ                ? 
_entity_src_gen.host_org_species                   ? 
_entity_src_gen.pdbx_host_org_tissue               ? 
_entity_src_gen.pdbx_host_org_tissue_fraction      ? 
_entity_src_gen.pdbx_host_org_strain               'BL21 (DE3)' 
_entity_src_gen.pdbx_host_org_variant              ? 
_entity_src_gen.pdbx_host_org_cell_line            ? 
_entity_src_gen.pdbx_host_org_atcc                 ? 
_entity_src_gen.pdbx_host_org_culture_collection   ? 
_entity_src_gen.pdbx_host_org_cell                 ? 
_entity_src_gen.pdbx_host_org_organelle            ? 
_entity_src_gen.pdbx_host_org_cellular_location    ? 
_entity_src_gen.pdbx_host_org_vector_type          plasmid 
_entity_src_gen.pdbx_host_org_vector               ? 
_entity_src_gen.host_org_details                   ? 
_entity_src_gen.expression_system_id               ? 
_entity_src_gen.plasmid_name                       pGR608 
_entity_src_gen.plasmid_details                    ? 
_entity_src_gen.pdbx_description                   ? 
# 
_struct_ref.id                         1 
_struct_ref.db_name                    UNP 
_struct_ref.db_code                    PSMD9_YEAST 
_struct_ref.pdbx_db_accession          P40555 
_struct_ref.entity_id                  1 
_struct_ref.pdbx_seq_one_letter_code   
;QAIQYTIPFAFISEVVPGSPSDKADIKVDDKLISIGNVHAANHSKLQNIQMVVMKNEDRPLPVLLLREGQILKTSLTPSR
NWNGRGLLGCRIQEL
;
_struct_ref.pdbx_align_begin           126 
_struct_ref.pdbx_db_isoform            ? 
# 
_struct_ref_seq.align_id                      1 
_struct_ref_seq.ref_id                        1 
_struct_ref_seq.pdbx_PDB_id_code              4O06 
_struct_ref_seq.pdbx_strand_id                A 
_struct_ref_seq.seq_align_beg                 12 
_struct_ref_seq.pdbx_seq_align_beg_ins_code   ? 
_struct_ref_seq.seq_align_end                 106 
_struct_ref_seq.pdbx_seq_align_end_ins_code   ? 
_struct_ref_seq.pdbx_db_accession             P40555 
_struct_ref_seq.db_align_beg                  126 
_struct_ref_seq.pdbx_db_align_beg_ins_code    ? 
_struct_ref_seq.db_align_end                  220 
_struct_ref_seq.pdbx_db_align_end_ins_code    ? 
_struct_ref_seq.pdbx_auth_seq_align_beg       126 
_struct_ref_seq.pdbx_auth_seq_align_end       220 
# 
loop_
_struct_ref_seq_dif.align_id 
_struct_ref_seq_dif.pdbx_pdb_id_code 
_struct_ref_seq_dif.mon_id 
_struct_ref_seq_dif.pdbx_pdb_strand_id 
_struct_ref_seq_dif.seq_num 
_struct_ref_seq_dif.pdbx_pdb_ins_code 
_struct_ref_seq_dif.pdbx_seq_db_name 
_struct_ref_seq_dif.pdbx_seq_db_accession_code 
_struct_ref_seq_dif.db_mon_id 
_struct_ref_seq_dif.pdbx_seq_db_seq_num 
_struct_ref_seq_dif.details 
_struct_ref_seq_dif.pdbx_auth_seq_num 
_struct_ref_seq_dif.pdbx_ordinal 
1 4O06 GLY A 1  ? UNP P40555 ? ? 'expression tag' 115 1  
1 4O06 PRO A 2  ? UNP P40555 ? ? 'expression tag' 116 2  
1 4O06 LEU A 3  ? UNP P40555 ? ? 'expression tag' 117 3  
1 4O06 THR A 4  ? UNP P40555 ? ? 'expression tag' 118 4  
1 4O06 ARG A 5  ? UNP P40555 ? ? 'expression tag' 119 5  
1 4O06 ARG A 6  ? UNP P40555 ? ? 'expression tag' 120 6  
1 4O06 ALA A 7  ? UNP P40555 ? ? 'expression tag' 121 7  
1 4O06 SER A 8  ? UNP P40555 ? ? 'expression tag' 122 8  
1 4O06 VAL A 9  ? UNP P40555 ? ? 'expression tag' 123 9  
1 4O06 GLY A 10 ? UNP P40555 ? ? 'expression tag' 124 10 
1 4O06 SER A 11 ? UNP P40555 ? ? 'expression tag' 125 11 
# 
loop_
_chem_comp.id 
_chem_comp.type 
_chem_comp.mon_nstd_flag 
_chem_comp.name 
_chem_comp.pdbx_synonyms 
_chem_comp.formula 
_chem_comp.formula_weight 
ALA 'L-peptide linking' y ALANINE                ? 'C3 H7 N O2'     89.093  
ARG 'L-peptide linking' y ARGININE               ? 'C6 H15 N4 O2 1' 175.209 
ASN 'L-peptide linking' y ASPARAGINE             ? 'C4 H8 N2 O3'    132.118 
ASP 'L-peptide linking' y 'ASPARTIC ACID'        ? 'C4 H7 N O4'     133.103 
CYS 'L-peptide linking' y CYSTEINE               ? 'C3 H7 N O2 S'   121.158 
GLN 'L-peptide linking' y GLUTAMINE              ? 'C5 H10 N2 O3'   146.144 
GLU 'L-peptide linking' y 'GLUTAMIC ACID'        ? 'C5 H9 N O4'     147.129 
GLY 'peptide linking'   y GLYCINE                ? 'C2 H5 N O2'     75.067  
HIS 'L-peptide linking' y HISTIDINE              ? 'C6 H10 N3 O2 1' 156.162 
HOH non-polymer         . WATER                  ? 'H2 O'           18.015  
ILE 'L-peptide linking' y ISOLEUCINE             ? 'C6 H13 N O2'    131.173 
LEU 'L-peptide linking' y LEUCINE                ? 'C6 H13 N O2'    131.173 
LYS 'L-peptide linking' y LYSINE                 ? 'C6 H15 N2 O2 1' 147.195 
MET 'L-peptide linking' y METHIONINE             ? 'C5 H11 N O2 S'  149.211 
PG4 non-polymer         . 'TETRAETHYLENE GLYCOL' ? 'C8 H18 O5'      194.226 
PHE 'L-peptide linking' y PHENYLALANINE          ? 'C9 H11 N O2'    165.189 
PRO 'L-peptide linking' y PROLINE                ? 'C5 H9 N O2'     115.130 
SER 'L-peptide linking' y SERINE                 ? 'C3 H7 N O3'     105.093 
SO4 non-polymer         . 'SULFATE ION'          ? 'O4 S -2'        96.063  
THR 'L-peptide linking' y THREONINE              ? 'C4 H9 N O3'     119.119 
TRP 'L-peptide linking' y TRYPTOPHAN             ? 'C11 H12 N2 O2'  204.225 
TYR 'L-peptide linking' y TYROSINE               ? 'C9 H11 N O3'    181.189 
VAL 'L-peptide linking' y VALINE                 ? 'C5 H11 N O2'    117.146 
# 
_exptl.crystals_number   1 
_exptl.entry_id          4O06 
_exptl.method            'X-RAY DIFFRACTION' 
# 
_exptl_crystal.id                    1 
_exptl_crystal.density_Matthews      1.99 
_exptl_crystal.density_meas          ? 
_exptl_crystal.density_percent_sol   38.07 
_exptl_crystal.description           ? 
_exptl_crystal.F_000                 ? 
_exptl_crystal.preparation           ? 
# 
_exptl_crystal_grow.crystal_id      1 
_exptl_crystal_grow.method          'VAPOR DIFFUSION' 
_exptl_crystal_grow.pH              5.5 
_exptl_crystal_grow.temp            293 
_exptl_crystal_grow.pdbx_details    
'10% (w/v) PEG 2000MME, 100 mM sodium acetate, 200 mM ammonium sulfate, pH 5.5, vapor diffusion, temperature 293K' 
_exptl_crystal_grow.temp_details    ? 
_exptl_crystal_grow.pdbx_pH_range   ? 
# 
_diffrn.id                     1 
_diffrn.ambient_temp           100 
_diffrn.ambient_temp_details   ? 
_diffrn.crystal_id             1 
# 
_diffrn_detector.diffrn_id              1 
_diffrn_detector.detector               PIXEL 
_diffrn_detector.type                   'DECTRIS PILATUS 6M' 
_diffrn_detector.pdbx_collection_date   2013-10-12 
_diffrn_detector.details                ? 
# 
_diffrn_radiation.diffrn_id                        1 
_diffrn_radiation.pdbx_diffrn_protocol             'SINGLE WAVELENGTH' 
_diffrn_radiation.monochromator                    ? 
_diffrn_radiation.wavelength_id                    1 
_diffrn_radiation.pdbx_monochromatic_or_laue_m_l   ? 
_diffrn_radiation.pdbx_scattering_type             x-ray 
# 
_diffrn_radiation_wavelength.id           1 
_diffrn_radiation_wavelength.wavelength   1.0000 
_diffrn_radiation_wavelength.wt           1.0 
# 
_diffrn_source.diffrn_id                   1 
_diffrn_source.source                      SYNCHROTRON 
_diffrn_source.type                        'APS BEAMLINE 17-ID' 
_diffrn_source.pdbx_wavelength_list        1.0000 
_diffrn_source.pdbx_wavelength             ? 
_diffrn_source.pdbx_synchrotron_site       APS 
_diffrn_source.pdbx_synchrotron_beamline   17-ID 
# 
_reflns.entry_id                     4O06 
_reflns.d_resolution_high            1.150 
_reflns.d_resolution_low             39.970 
_reflns.number_obs                   33545 
_reflns.pdbx_Rmerge_I_obs            0.077 
_reflns.pdbx_netI_over_sigmaI        23.000 
_reflns.pdbx_redundancy              12.500 
_reflns.percent_possible_obs         98.200 
_reflns.B_iso_Wilson_estimate        12.200 
_reflns.observed_criterion_sigma_F   0 
_reflns.observed_criterion_sigma_I   -3 
_reflns.number_all                   33545 
_reflns.pdbx_Rsym_value              ? 
_reflns.R_free_details               ? 
_reflns.limit_h_max                  ? 
_reflns.limit_h_min                  ? 
_reflns.limit_k_max                  ? 
_reflns.limit_k_min                  ? 
_reflns.limit_l_max                  ? 
_reflns.limit_l_min                  ? 
_reflns.observed_criterion_F_max     ? 
_reflns.observed_criterion_F_min     ? 
_reflns.pdbx_chi_squared             ? 
_reflns.pdbx_scaling_rejects         ? 
_reflns.pdbx_ordinal                 1 
_reflns.pdbx_diffrn_id               1 
# 
_reflns_shell.d_res_high             1.150 
_reflns_shell.d_res_low              1.170 
_reflns_shell.number_measured_obs    ? 
_reflns_shell.number_measured_all    27697 
_reflns_shell.number_unique_obs      ? 
_reflns_shell.Rmerge_I_obs           0.1070 
_reflns_shell.meanI_over_sigI_obs    3.400 
_reflns_shell.pdbx_Rsym_value        ? 
_reflns_shell.pdbx_chi_squared       ? 
_reflns_shell.pdbx_redundancy        17.6 
_reflns_shell.percent_possible_obs   ? 
_reflns_shell.number_unique_all      1574 
_reflns_shell.percent_possible_all   95.1 
_reflns_shell.pdbx_ordinal           1 
_reflns_shell.pdbx_diffrn_id         1 
# 
_refine.entry_id                                 4O06 
_refine.ls_d_res_high                            1.1500 
_refine.ls_d_res_low                             32.8950 
_refine.pdbx_ls_sigma_F                          1.230 
_refine.pdbx_data_cutoff_high_absF               ? 
_refine.pdbx_data_cutoff_low_absF                ? 
_refine.ls_percent_reflns_obs                    97.3800 
_refine.ls_number_reflns_obs                     33494 
_refine.ls_number_reflns_all                     33494 
_refine.pdbx_ls_cross_valid_method               THROUGHOUT 
_refine.pdbx_R_Free_selection_details            RANDOM 
_refine.details                                  ? 
_refine.ls_R_factor_all                          ? 
_refine.ls_R_factor_obs                          0.1727 
_refine.ls_R_factor_R_work                       0.1716 
_refine.ls_wR_factor_R_work                      ? 
_refine.ls_R_factor_R_free                       0.1940 
_refine.ls_wR_factor_R_free                      ? 
_refine.ls_percent_reflns_R_free                 5.0700 
_refine.ls_number_reflns_R_free                  1698 
_refine.ls_R_factor_R_free_error                 ? 
_refine.B_iso_mean                               17.9684 
_refine.solvent_model_param_bsol                 ? 
_refine.solvent_model_param_ksol                 ? 
_refine.pdbx_isotropic_thermal_model             ? 
_refine.aniso_B[1][1]                            ? 
_refine.aniso_B[2][2]                            ? 
_refine.aniso_B[3][3]                            ? 
_refine.aniso_B[1][2]                            ? 
_refine.aniso_B[1][3]                            ? 
_refine.aniso_B[2][3]                            ? 
_refine.correlation_coeff_Fo_to_Fc               ? 
_refine.correlation_coeff_Fo_to_Fc_free          ? 
_refine.overall_SU_R_Cruickshank_DPI             ? 
_refine.overall_SU_R_free                        ? 
_refine.pdbx_overall_ESU_R                       ? 
_refine.pdbx_overall_ESU_R_Free                  ? 
_refine.overall_SU_ML                            0.1200 
_refine.overall_SU_B                             ? 
_refine.solvent_model_details                    'FLAT BULK SOLVENT MODEL' 
_refine.pdbx_solvent_vdw_probe_radii             1.1100 
_refine.pdbx_solvent_ion_probe_radii             ? 
_refine.pdbx_solvent_shrinkage_radii             0.9000 
_refine.ls_number_parameters                     ? 
_refine.ls_number_restraints                     ? 
_refine.pdbx_starting_model                      3RLE 
_refine.pdbx_method_to_determine_struct          'MOLECULAR REPLACEMENT' 
_refine.pdbx_stereochemistry_target_values       ML 
_refine.pdbx_stereochem_target_val_spec_case     ? 
_refine.overall_FOM_work_R_set                   ? 
_refine.B_iso_max                                45.270 
_refine.B_iso_min                                7.910 
_refine.pdbx_overall_phase_error                 18.4500 
_refine.occupancy_max                            1.000 
_refine.occupancy_min                            0.260 
_refine.pdbx_ls_sigma_I                          ? 
_refine.ls_redundancy_reflns_obs                 ? 
_refine.ls_R_factor_R_free_error_details         ? 
_refine.pdbx_data_cutoff_high_rms_absF           ? 
_refine.overall_FOM_free_R_set                   ? 
_refine.pdbx_diffrn_id                           1 
_refine.pdbx_refine_id                           'X-RAY DIFFRACTION' 
_refine.pdbx_TLS_residual_ADP_flag               ? 
_refine.pdbx_overall_SU_R_free_Cruickshank_DPI   ? 
_refine.pdbx_overall_SU_R_Blow_DPI               ? 
_refine.pdbx_overall_SU_R_free_Blow_DPI          ? 
# 
_refine_hist.pdbx_refine_id                   'X-RAY DIFFRACTION' 
_refine_hist.cycle_id                         LAST 
_refine_hist.pdbx_number_atoms_protein        779 
_refine_hist.pdbx_number_atoms_nucleic_acid   0 
_refine_hist.pdbx_number_atoms_ligand         13 
_refine_hist.number_atoms_solvent             98 
_refine_hist.number_atoms_total               890 
_refine_hist.d_res_high                       1.1500 
_refine_hist.d_res_low                        32.8950 
# 
loop_
_refine_ls_restr.type 
_refine_ls_restr.number 
_refine_ls_restr.dev_ideal 
_refine_ls_restr.dev_ideal_target 
_refine_ls_restr.weight 
_refine_ls_restr.pdbx_restraint_function 
_refine_ls_restr.pdbx_refine_id 
f_bond_d           834  0.012  ? ? ? 'X-RAY DIFFRACTION' 
f_angle_d          1137 1.356  ? ? ? 'X-RAY DIFFRACTION' 
f_chiral_restr     132  0.103  ? ? ? 'X-RAY DIFFRACTION' 
f_plane_restr      148  0.012  ? ? ? 'X-RAY DIFFRACTION' 
f_dihedral_angle_d 331  14.754 ? ? ? 'X-RAY DIFFRACTION' 
# 
loop_
_refine_ls_shell.d_res_high 
_refine_ls_shell.d_res_low 
_refine_ls_shell.pdbx_total_number_of_bins_used 
_refine_ls_shell.percent_reflns_obs 
_refine_ls_shell.number_reflns_R_work 
_refine_ls_shell.R_factor_all 
_refine_ls_shell.R_factor_R_work 
_refine_ls_shell.R_factor_R_free 
_refine_ls_shell.percent_reflns_R_free 
_refine_ls_shell.number_reflns_R_free 
_refine_ls_shell.R_factor_R_free_error 
_refine_ls_shell.number_reflns_all 
_refine_ls_shell.number_reflns_obs 
_refine_ls_shell.redundancy_reflns_obs 
_refine_ls_shell.pdbx_refine_id 
1.1500 1.1838  12 95.0000  2530 . 0.2183 0.2498 . 117 . 2647 . . 'X-RAY DIFFRACTION' 
1.1838 1.2221  12 95.0000  2534 . 0.1723 0.2250 . 142 . 2676 . . 'X-RAY DIFFRACTION' 
1.2221 1.2657  12 96.0000  2548 . 0.1591 0.1793 . 131 . 2679 . . 'X-RAY DIFFRACTION' 
1.2657 1.3164  12 96.0000  2574 . 0.1510 0.2078 . 151 . 2725 . . 'X-RAY DIFFRACTION' 
1.3164 1.3763  12 97.0000  2590 . 0.1420 0.1950 . 143 . 2733 . . 'X-RAY DIFFRACTION' 
1.3763 1.4489  12 97.0000  2587 . 0.1394 0.1846 . 147 . 2734 . . 'X-RAY DIFFRACTION' 
1.4489 1.5397  12 98.0000  2660 . 0.1385 0.2014 . 122 . 2782 . . 'X-RAY DIFFRACTION' 
1.5397 1.6585  12 98.0000  2644 . 0.1414 0.1708 . 140 . 2784 . . 'X-RAY DIFFRACTION' 
1.6585 1.8254  12 99.0000  2682 . 0.1492 0.1876 . 152 . 2834 . . 'X-RAY DIFFRACTION' 
1.8254 2.0895  12 99.0000  2703 . 0.1555 0.1581 . 154 . 2857 . . 'X-RAY DIFFRACTION' 
2.0895 2.6324  12 100.0000 2777 . 0.1737 0.1878 . 143 . 2920 . . 'X-RAY DIFFRACTION' 
2.6324 32.9083 12 100.0000 2967 . 0.1964 0.2110 . 156 . 3123 . . 'X-RAY DIFFRACTION' 
# 
_struct.entry_id                  4O06 
_struct.title                     '1.15A Resolution Structure of the Proteasome Assembly Chaperone Nas2 PDZ Domain' 
_struct.pdbx_model_details        ? 
_struct.pdbx_CASP_flag            ? 
_struct.pdbx_model_type_details   ? 
# 
_struct_keywords.entry_id        4O06 
_struct_keywords.text            'Nas2, Chaperone, Proteasome, PDZ domain' 
_struct_keywords.pdbx_keywords   CHAPERONE 
# 
loop_
_struct_asym.id 
_struct_asym.pdbx_blank_PDB_chainid_flag 
_struct_asym.pdbx_modified 
_struct_asym.entity_id 
_struct_asym.details 
A N N 1 ? 
B N N 2 ? 
C N N 3 ? 
D N N 4 ? 
# 
_struct_biol.id        1 
_struct_biol.details   ? 
# 
loop_
_struct_conf.conf_type_id 
_struct_conf.id 
_struct_conf.pdbx_PDB_helix_id 
_struct_conf.beg_label_comp_id 
_struct_conf.beg_label_asym_id 
_struct_conf.beg_label_seq_id 
_struct_conf.pdbx_beg_PDB_ins_code 
_struct_conf.end_label_comp_id 
_struct_conf.end_label_asym_id 
_struct_conf.end_label_seq_id 
_struct_conf.pdbx_end_PDB_ins_code 
_struct_conf.beg_auth_comp_id 
_struct_conf.beg_auth_asym_id 
_struct_conf.beg_auth_seq_id 
_struct_conf.end_auth_comp_id 
_struct_conf.end_auth_asym_id 
_struct_conf.end_auth_seq_id 
_struct_conf.pdbx_PDB_helix_class 
_struct_conf.details 
_struct_conf.pdbx_PDB_helix_length 
HELX_P HELX_P1 1 SER A 30 ? ALA A 35 ? SER A 144 ALA A 149 1 ? 6  
HELX_P HELX_P2 2 LEU A 57 ? ASN A 67 ? LEU A 171 ASN A 181 1 ? 11 
# 
_struct_conf_type.id          HELX_P 
_struct_conf_type.criteria    ? 
_struct_conf_type.reference   ? 
# 
_struct_sheet.id               A 
_struct_sheet.type             ? 
_struct_sheet.number_strands   5 
_struct_sheet.details          ? 
# 
loop_
_struct_sheet_order.sheet_id 
_struct_sheet_order.range_id_1 
_struct_sheet_order.range_id_2 
_struct_sheet_order.offset 
_struct_sheet_order.sense 
A 1 2 ? anti-parallel 
A 2 3 ? anti-parallel 
A 3 4 ? anti-parallel 
A 4 5 ? anti-parallel 
# 
loop_
_struct_sheet_range.sheet_id 
_struct_sheet_range.id 
_struct_sheet_range.beg_label_comp_id 
_struct_sheet_range.beg_label_asym_id 
_struct_sheet_range.beg_label_seq_id 
_struct_sheet_range.pdbx_beg_PDB_ins_code 
_struct_sheet_range.end_label_comp_id 
_struct_sheet_range.end_label_asym_id 
_struct_sheet_range.end_label_seq_id 
_struct_sheet_range.pdbx_end_PDB_ins_code 
_struct_sheet_range.beg_auth_comp_id 
_struct_sheet_range.beg_auth_asym_id 
_struct_sheet_range.beg_auth_seq_id 
_struct_sheet_range.end_auth_comp_id 
_struct_sheet_range.end_auth_asym_id 
_struct_sheet_range.end_auth_seq_id 
A 1 GLN A 81  ? LEU A 87  ? GLN A 195 LEU A 201 
A 2 LEU A 72  ? ARG A 78  ? LEU A 186 ARG A 192 
A 3 LYS A 42  ? ILE A 46  ? LYS A 156 ILE A 160 
A 4 ALA A 21  ? VAL A 26  ? ALA A 135 VAL A 140 
A 5 CYS A 101 ? GLU A 105 ? CYS A 215 GLU A 219 
# 
loop_
_pdbx_struct_sheet_hbond.sheet_id 
_pdbx_struct_sheet_hbond.range_id_1 
_pdbx_struct_sheet_hbond.range_id_2 
_pdbx_struct_sheet_hbond.range_1_label_atom_id 
_pdbx_struct_sheet_hbond.range_1_label_comp_id 
_pdbx_struct_sheet_hbond.range_1_label_asym_id 
_pdbx_struct_sheet_hbond.range_1_label_seq_id 
_pdbx_struct_sheet_hbond.range_1_PDB_ins_code 
_pdbx_struct_sheet_hbond.range_1_auth_atom_id 
_pdbx_struct_sheet_hbond.range_1_auth_comp_id 
_pdbx_struct_sheet_hbond.range_1_auth_asym_id 
_pdbx_struct_sheet_hbond.range_1_auth_seq_id 
_pdbx_struct_sheet_hbond.range_2_label_atom_id 
_pdbx_struct_sheet_hbond.range_2_label_comp_id 
_pdbx_struct_sheet_hbond.range_2_label_asym_id 
_pdbx_struct_sheet_hbond.range_2_label_seq_id 
_pdbx_struct_sheet_hbond.range_2_PDB_ins_code 
_pdbx_struct_sheet_hbond.range_2_auth_atom_id 
_pdbx_struct_sheet_hbond.range_2_auth_comp_id 
_pdbx_struct_sheet_hbond.range_2_auth_asym_id 
_pdbx_struct_sheet_hbond.range_2_auth_seq_id 
A 1 2 O THR A 85 ? O THR A 199 N VAL A 74  ? N VAL A 188 
A 2 3 O LEU A 75 ? O LEU A 189 N ILE A 44  ? N ILE A 158 
A 3 4 O LEU A 43 ? O LEU A 157 N ALA A 21  ? N ALA A 135 
A 4 5 N PHE A 22 ? N PHE A 136 O GLN A 104 ? O GLN A 218 
# 
loop_
_struct_site.id 
_struct_site.pdbx_evidence_code 
_struct_site.pdbx_auth_asym_id 
_struct_site.pdbx_auth_comp_id 
_struct_site.pdbx_auth_seq_id 
_struct_site.pdbx_auth_ins_code 
_struct_site.pdbx_num_residues 
_struct_site.details 
AC1 Software A PG4 301 ? 9 'BINDING SITE FOR RESIDUE PG4 A 301' 
AC2 Software A SO4 302 ? 4 'BINDING SITE FOR RESIDUE SO4 A 302' 
# 
loop_
_struct_site_gen.id 
_struct_site_gen.site_id 
_struct_site_gen.pdbx_num_res 
_struct_site_gen.label_comp_id 
_struct_site_gen.label_asym_id 
_struct_site_gen.label_seq_id 
_struct_site_gen.pdbx_auth_ins_code 
_struct_site_gen.auth_comp_id 
_struct_site_gen.auth_asym_id 
_struct_site_gen.auth_seq_id 
_struct_site_gen.label_atom_id 
_struct_site_gen.label_alt_id 
_struct_site_gen.symmetry 
_struct_site_gen.details 
1  AC1 9 PRO A 71  ? PRO A 185 . ? 1_555 ? 
2  AC1 9 LEU A 72  ? LEU A 186 . ? 1_555 ? 
3  AC1 9 PRO A 73  ? PRO A 187 . ? 1_555 ? 
4  AC1 9 LYS A 84  ? LYS A 198 . ? 7_645 ? 
5  AC1 9 SER A 86  ? SER A 200 . ? 1_555 ? 
6  AC1 9 HOH D .   ? HOH A 413 . ? 7_645 ? 
7  AC1 9 HOH D .   ? HOH A 426 . ? 7_645 ? 
8  AC1 9 HOH D .   ? HOH A 426 . ? 1_555 ? 
9  AC1 9 HOH D .   ? HOH A 498 . ? 1_555 ? 
10 AC2 4 ARG A 5   ? ARG A 119 . ? 1_555 ? 
11 AC2 4 ARG A 6   ? ARG A 120 . ? 1_555 ? 
12 AC2 4 GLN A 104 ? GLN A 218 . ? 1_545 ? 
13 AC2 4 HOH D .   ? HOH A 466 . ? 1_545 ? 
# 
_atom_sites.entry_id                    4O06 
_atom_sites.fract_transf_matrix[1][1]   0.01554278 
_atom_sites.fract_transf_matrix[1][2]   0.01531273 
_atom_sites.fract_transf_matrix[1][3]   -0.01224510 
_atom_sites.fract_transf_matrix[2][1]   0.01898599 
_atom_sites.fract_transf_matrix[2][2]   -0.01565517 
_atom_sites.fract_transf_matrix[2][3]   0.00452194 
_atom_sites.fract_transf_matrix[3][1]   -0.00168895 
_atom_sites.fract_transf_matrix[3][2]   -0.00417589 
_atom_sites.fract_transf_matrix[3][3]   -0.00736582 
_atom_sites.fract_transf_vector[1]      0.163307 
_atom_sites.fract_transf_vector[2]      -0.561362 
_atom_sites.fract_transf_vector[3]      -0.055221 
# 
loop_
_atom_type.symbol 
C 
N 
O 
S 
# 
loop_
_atom_site.group_PDB 
_atom_site.id 
_atom_site.type_symbol 
_atom_site.label_atom_id 
_atom_site.label_alt_id 
_atom_site.label_comp_id 
_atom_site.label_asym_id 
_atom_site.label_entity_id 
_atom_site.label_seq_id 
_atom_site.pdbx_PDB_ins_code 
_atom_site.Cartn_x 
_atom_site.Cartn_y 
_atom_site.Cartn_z 
_atom_site.occupancy 
_atom_site.B_iso_or_equiv 
_atom_site.pdbx_formal_charge 
_atom_site.auth_seq_id 
_atom_site.auth_comp_id 
_atom_site.auth_asym_id 
_atom_site.auth_atom_id 
_atom_site.pdbx_PDB_model_num 
ATOM   1   N N   . GLY A 1 1   ? -6.735  12.019  9.213   1.00 24.58 ? 115 GLY A N   1 
ATOM   2   C CA  . GLY A 1 1   ? -7.746  11.894  8.180   1.00 23.31 ? 115 GLY A CA  1 
ATOM   3   C C   . GLY A 1 1   ? -8.539  13.180  8.062   1.00 22.24 ? 115 GLY A C   1 
ATOM   4   O O   . GLY A 1 1   ? -8.348  14.108  8.842   1.00 23.32 ? 115 GLY A O   1 
ATOM   5   N N   . PRO A 1 2   ? -9.457  13.241  7.104   1.00 21.95 ? 116 PRO A N   1 
ATOM   6   C CA  . PRO A 1 2   ? -10.208 14.485  6.898   1.00 22.69 ? 116 PRO A CA  1 
ATOM   7   C C   . PRO A 1 2   ? -11.084 14.811  8.093   1.00 22.22 ? 116 PRO A C   1 
ATOM   8   O O   . PRO A 1 2   ? -11.599 13.924  8.772   1.00 21.34 ? 116 PRO A O   1 
ATOM   9   C CB  . PRO A 1 2   ? -11.070 14.194  5.668   1.00 24.95 ? 116 PRO A CB  1 
ATOM   10  C CG  . PRO A 1 2   ? -10.466 12.995  5.017   1.00 25.92 ? 116 PRO A CG  1 
ATOM   11  C CD  . PRO A 1 2   ? -9.794  12.210  6.107   1.00 23.81 ? 116 PRO A CD  1 
ATOM   12  N N   . LEU A 1 3   ? -11.242 16.107  8.349   1.00 23.07 ? 117 LEU A N   1 
ATOM   13  C CA  . LEU A 1 3   ? -12.165 16.556  9.371   1.00 23.43 ? 117 LEU A CA  1 
ATOM   14  C C   . LEU A 1 3   ? -13.600 16.307  8.904   1.00 21.27 ? 117 LEU A C   1 
ATOM   15  O O   . LEU A 1 3   ? -13.904 16.202  7.703   1.00 22.00 ? 117 LEU A O   1 
ATOM   16  C CB  . LEU A 1 3   ? -11.942 18.030  9.709   1.00 25.02 ? 117 LEU A CB  1 
ATOM   17  N N   . THR A 1 4   ? -14.484 16.180  9.871   1.00 19.36 ? 118 THR A N   1 
ATOM   18  C CA  . THR A 1 4   ? -15.881 15.954  9.563   1.00 19.17 ? 118 THR A CA  1 
ATOM   19  C C   . THR A 1 4   ? -16.465 17.226  9.012   1.00 20.07 ? 118 THR A C   1 
ATOM   20  O O   . THR A 1 4   ? -16.264 18.313  9.570   1.00 21.65 ? 118 THR A O   1 
ATOM   21  C CB  . THR A 1 4   ? -16.598 15.614  10.850  1.00 18.32 ? 118 THR A CB  1 
ATOM   22  O OG1 . THR A 1 4   ? -15.954 14.477  11.408  1.00 18.86 ? 118 THR A OG1 1 
ATOM   23  C CG2 . THR A 1 4   ? -18.068 15.334  10.614  1.00 18.44 ? 118 THR A CG2 1 
ATOM   24  N N   . ARG A 1 5   ? -17.163 17.084  7.900   1.00 20.54 ? 119 ARG A N   1 
ATOM   25  C CA  . ARG A 1 5   ? -17.885 18.172  7.273   1.00 20.98 ? 119 ARG A CA  1 
ATOM   26  C C   . ARG A 1 5   ? -19.362 17.820  7.238   1.00 21.37 ? 119 ARG A C   1 
ATOM   27  O O   . ARG A 1 5   ? -19.747 16.651  7.300   1.00 21.57 ? 119 ARG A O   1 
ATOM   28  C CB  . ARG A 1 5   ? -17.356 18.418  5.857   1.00 22.70 ? 119 ARG A CB  1 
ATOM   29  C CG  . ARG A 1 5   ? -15.863 18.797  5.843   1.00 24.66 ? 119 ARG A CG  1 
ATOM   30  C CD  . ARG A 1 5   ? -15.436 19.449  4.551   1.00 26.28 ? 119 ARG A CD  1 
ATOM   31  N NE  . ARG A 1 5   ? -16.239 20.634  4.254   1.00 28.18 ? 119 ARG A NE  1 
ATOM   32  C CZ  . ARG A 1 5   ? -16.158 21.348  3.134   1.00 29.90 ? 119 ARG A CZ  1 
ATOM   33  N NH1 . ARG A 1 5   ? -15.314 21.009  2.168   1.00 30.93 ? 119 ARG A NH1 1 
ATOM   34  N NH2 . ARG A 1 5   ? -16.938 22.405  2.978   1.00 30.46 ? 119 ARG A NH2 1 
ATOM   35  N N   . ARG A 1 6   ? -20.203 18.844  7.131   1.00 21.51 ? 120 ARG A N   1 
ATOM   36  C CA  . ARG A 1 6   ? -21.619 18.588  6.947   1.00 22.22 ? 120 ARG A CA  1 
ATOM   37  C C   . ARG A 1 6   ? -21.802 17.785  5.665   1.00 20.57 ? 120 ARG A C   1 
ATOM   38  O O   . ARG A 1 6   ? -21.061 17.981  4.696   1.00 19.96 ? 120 ARG A O   1 
ATOM   39  C CB  . ARG A 1 6   ? -22.365 19.923  6.880   1.00 24.40 ? 120 ARG A CB  1 
ATOM   40  C CG  . ARG A 1 6   ? -22.526 20.589  8.252   1.00 27.10 ? 120 ARG A CG  1 
ATOM   41  C CD  . ARG A 1 6   ? -23.016 22.023  8.133   1.00 29.55 ? 120 ARG A CD  1 
ATOM   42  N NE  . ARG A 1 6   ? -21.944 22.938  7.750   1.00 32.25 ? 120 ARG A NE  1 
ATOM   43  C CZ  . ARG A 1 6   ? -22.080 24.259  7.690   1.00 33.79 ? 120 ARG A CZ  1 
ATOM   44  N NH1 . ARG A 1 6   ? -23.256 24.800  7.969   1.00 34.91 ? 120 ARG A NH1 1 
ATOM   45  N NH2 . ARG A 1 6   ? -21.053 25.041  7.358   1.00 33.89 ? 120 ARG A NH2 1 
ATOM   46  N N   . ALA A 1 7   ? -22.770 16.862  5.662   1.00 20.95 ? 121 ALA A N   1 
ATOM   47  C CA  . ALA A 1 7   ? -22.980 16.003  4.504   1.00 21.12 ? 121 ALA A CA  1 
ATOM   48  C C   . ALA A 1 7   ? -23.298 16.850  3.285   1.00 19.42 ? 121 ALA A C   1 
ATOM   49  O O   . ALA A 1 7   ? -23.906 17.925  3.379   1.00 19.02 ? 121 ALA A O   1 
ATOM   50  C CB  . ALA A 1 7   ? -24.143 15.042  4.740   1.00 21.99 ? 121 ALA A CB  1 
ATOM   51  N N   . SER A 1 8   ? -22.896 16.353  2.123   1.00 20.18 ? 122 SER A N   1 
ATOM   52  C CA  . SER A 1 8   ? -23.075 17.104  0.895   1.00 20.34 ? 122 SER A CA  1 
ATOM   53  C C   . SER A 1 8   ? -23.610 16.206  -0.208  1.00 20.01 ? 122 SER A C   1 
ATOM   54  O O   . SER A 1 8   ? -23.551 14.977  -0.131  1.00 21.45 ? 122 SER A O   1 
ATOM   55  C CB  . SER A 1 8   ? -21.773 17.763  0.430   1.00 23.43 ? 122 SER A CB  1 
ATOM   56  O OG  . SER A 1 8   ? -20.731 16.815  0.357   1.00 26.16 ? 122 SER A OG  1 
ATOM   57  N N   . VAL A 1 9   ? -24.148 16.853  -1.238  1.00 18.83 ? 123 VAL A N   1 
ATOM   58  C CA  . VAL A 1 9   ? -24.645 16.117  -2.397  1.00 21.47 ? 123 VAL A CA  1 
ATOM   59  C C   . VAL A 1 9   ? -23.473 15.440  -3.088  1.00 25.90 ? 123 VAL A C   1 
ATOM   60  O O   . VAL A 1 9   ? -22.431 16.059  -3.338  1.00 26.82 ? 123 VAL A O   1 
ATOM   61  C CB  . VAL A 1 9   ? -25.412 17.040  -3.358  1.00 21.70 ? 123 VAL A CB  1 
ATOM   62  C CG1 . VAL A 1 9   ? -25.762 16.329  -4.679  1.00 22.13 ? 123 VAL A CG1 1 
ATOM   63  C CG2 . VAL A 1 9   ? -26.664 17.554  -2.698  1.00 21.41 ? 123 VAL A CG2 1 
ATOM   64  N N   . GLY A 1 10  ? -23.635 14.165  -3.388  1.00 28.82 ? 124 GLY A N   1 
ATOM   65  C CA  . GLY A 1 10  ? -22.643 13.420  -4.141  1.00 30.27 ? 124 GLY A CA  1 
ATOM   66  C C   . GLY A 1 10  ? -22.948 11.945  -4.048  1.00 31.87 ? 124 GLY A C   1 
ATOM   67  O O   . GLY A 1 10  ? -24.117 11.553  -4.019  1.00 32.69 ? 124 GLY A O   1 
ATOM   68  N N   . GLN A 1 15  ? -14.740 3.180   1.528   1.00 26.38 ? 129 GLN A N   1 
ATOM   69  C CA  . GLN A 1 15  ? -13.451 3.861   1.582   1.00 26.07 ? 129 GLN A CA  1 
ATOM   70  C C   . GLN A 1 15  ? -12.747 3.548   2.890   1.00 23.82 ? 129 GLN A C   1 
ATOM   71  O O   . GLN A 1 15  ? -13.220 3.926   3.978   1.00 25.93 ? 129 GLN A O   1 
ATOM   72  C CB  . GLN A 1 15  ? -13.624 5.372   1.476   1.00 29.06 ? 129 GLN A CB  1 
ATOM   73  C CG  . GLN A 1 15  ? -14.385 5.824   0.251   1.00 31.94 ? 129 GLN A CG  1 
ATOM   74  C CD  . GLN A 1 15  ? -13.710 5.403   -1.038  1.00 34.26 ? 129 GLN A CD  1 
ATOM   75  O OE1 . GLN A 1 15  ? -12.557 5.763   -1.296  1.00 36.11 ? 129 GLN A OE1 1 
ATOM   76  N NE2 . GLN A 1 15  ? -14.416 4.629   -1.850  1.00 35.00 ? 129 GLN A NE2 1 
ATOM   77  N N   . TYR A 1 16  ? -11.578 2.918   2.806   1.00 20.97 ? 130 TYR A N   1 
ATOM   78  C CA  . TYR A 1 16  ? -10.838 2.568   4.011   1.00 17.13 ? 130 TYR A CA  1 
ATOM   79  C C   . TYR A 1 16  ? -10.054 3.750   4.560   1.00 14.55 ? 130 TYR A C   1 
ATOM   80  O O   . TYR A 1 16  ? -9.542  4.586   3.816   1.00 15.27 ? 130 TYR A O   1 
ATOM   81  C CB  . TYR A 1 16  ? -9.869  1.429   3.722   1.00 19.58 ? 130 TYR A CB  1 
ATOM   82  C CG  . TYR A 1 16  ? -10.567 0.170   3.271   1.00 24.44 ? 130 TYR A CG  1 
ATOM   83  C CD1 . TYR A 1 16  ? -11.457 -0.495  4.099   1.00 26.01 ? 130 TYR A CD1 1 
ATOM   84  C CD2 . TYR A 1 16  ? -10.327 -0.365  2.001   1.00 28.26 ? 130 TYR A CD2 1 
ATOM   85  C CE1 . TYR A 1 16  ? -12.098 -1.656  3.679   1.00 28.84 ? 130 TYR A CE1 1 
ATOM   86  C CE2 . TYR A 1 16  ? -10.946 -1.515  1.577   1.00 30.55 ? 130 TYR A CE2 1 
ATOM   87  C CZ  . TYR A 1 16  ? -11.831 -2.159  2.411   1.00 30.68 ? 130 TYR A CZ  1 
ATOM   88  O OH  . TYR A 1 16  ? -12.421 -3.309  1.921   1.00 33.64 ? 130 TYR A OH  1 
ATOM   89  N N   . THR A 1 17  ? -9.928  3.780   5.900   1.00 13.22 ? 131 THR A N   1 
ATOM   90  C CA  . THR A 1 17  ? -9.301  4.901   6.585   1.00 12.47 ? 131 THR A CA  1 
ATOM   91  C C   . THR A 1 17  ? -8.357  4.511   7.710   1.00 10.88 ? 131 THR A C   1 
ATOM   92  O O   . THR A 1 17  ? -7.602  5.363   8.166   1.00 13.17 ? 131 THR A O   1 
ATOM   93  C CB  . THR A 1 17  ? -10.365 5.856   7.153   1.00 14.16 ? 131 THR A CB  1 
ATOM   94  O OG1 . THR A 1 17  ? -11.104 5.184   8.184   1.00 14.46 ? 131 THR A OG1 1 
ATOM   95  C CG2 . THR A 1 17  ? -11.294 6.380   6.075   1.00 15.85 ? 131 THR A CG2 1 
ATOM   96  N N   . ILE A 1 18  ? -8.365  3.279   8.182   1.00 9.94  ? 132 ILE A N   1 
ATOM   97  C CA  . ILE A 1 18  ? -7.679  2.911   9.416   1.00 9.45  ? 132 ILE A CA  1 
ATOM   98  C C   . ILE A 1 18  ? -6.266  2.447   9.062   1.00 8.90  ? 132 ILE A C   1 
ATOM   99  O O   . ILE A 1 18  ? -6.114  1.415   8.381   1.00 9.03  ? 132 ILE A O   1 
ATOM   100 C CB  . ILE A 1 18  ? -8.435  1.800   10.146  1.00 9.86  ? 132 ILE A CB  1 
ATOM   101 C CG1 . ILE A 1 18  ? -9.871  2.242   10.478  1.00 11.18 ? 132 ILE A CG1 1 
ATOM   102 C CG2 . ILE A 1 18  ? -7.636  1.416   11.388  1.00 10.25 ? 132 ILE A CG2 1 
ATOM   103 C CD1 . ILE A 1 18  ? -10.715 1.145   11.045  1.00 12.21 ? 132 ILE A CD1 1 
ATOM   104 N N   . PRO A 1 19  ? -5.219  3.132   9.486   1.00 8.58  ? 133 PRO A N   1 
ATOM   105 C CA  . PRO A 1 19  ? -3.875  2.609   9.231   1.00 9.01  ? 133 PRO A CA  1 
ATOM   106 C C   . PRO A 1 19  ? -3.641  1.303   9.956   1.00 9.00  ? 133 PRO A C   1 
ATOM   107 O O   . PRO A 1 19  ? -4.094  1.130   11.084  1.00 10.17 ? 133 PRO A O   1 
ATOM   108 C CB  . PRO A 1 19  ? -2.951  3.701   9.771   1.00 10.18 ? 133 PRO A CB  1 
ATOM   109 C CG  . PRO A 1 19  ? -3.798  4.863   9.920   1.00 12.01 ? 133 PRO A CG  1 
ATOM   110 C CD  . PRO A 1 19  ? -5.177  4.418   10.192  1.00 8.94  ? 133 PRO A CD  1 
ATOM   111 N N   . PHE A 1 20  ? -2.873  0.391   9.337   1.00 9.35  ? 134 PHE A N   1 
ATOM   112 C CA  . PHE A 1 20  ? -2.544  -0.853  9.993   1.00 10.46 ? 134 PHE A CA  1 
ATOM   113 C C   . PHE A 1 20  ? -1.091  -1.256  9.889   1.00 10.36 ? 134 PHE A C   1 
ATOM   114 O O   . PHE A 1 20  ? -0.690  -2.194  10.577  1.00 12.72 ? 134 PHE A O   1 
ATOM   115 C CB  . PHE A 1 20  ? -3.476  -1.999  9.549   1.00 11.24 ? 134 PHE A CB  1 
ATOM   116 C CG  . PHE A 1 20  ? -3.232  -2.497  8.176   1.00 11.11 ? 134 PHE A CG  1 
ATOM   117 C CD1 . PHE A 1 20  ? -3.876  -1.932  7.080   1.00 11.23 ? 134 PHE A CD1 1 
ATOM   118 C CD2 . PHE A 1 20  ? -2.330  -3.543  7.957   1.00 12.39 ? 134 PHE A CD2 1 
ATOM   119 C CE1 . PHE A 1 20  ? -3.625  -2.427  5.794   1.00 11.91 ? 134 PHE A CE1 1 
ATOM   120 C CE2 . PHE A 1 20  ? -2.075  -4.008  6.701   1.00 13.39 ? 134 PHE A CE2 1 
ATOM   121 C CZ  . PHE A 1 20  ? -2.736  -3.470  5.629   1.00 12.63 ? 134 PHE A CZ  1 
ATOM   122 N N   . ALA A 1 21  ? -0.298  -0.627  9.043   1.00 9.51  ? 135 ALA A N   1 
ATOM   123 C CA  . ALA A 1 21  ? 1.091   -1.000  8.861   1.00 9.95  ? 135 ALA A CA  1 
ATOM   124 C C   . ALA A 1 21  ? 1.855   0.246   8.465   1.00 9.93  ? 135 ALA A C   1 
ATOM   125 O O   . ALA A 1 21  ? 1.282   1.283   8.157   1.00 9.85  ? 135 ALA A O   1 
ATOM   126 C CB  . ALA A 1 21  ? 1.232   -2.100  7.809   1.00 11.36 ? 135 ALA A CB  1 
ATOM   127 N N   . PHE A 1 22  ? 3.166   0.141   8.472   1.00 10.79 ? 136 PHE A N   1 
ATOM   128 C CA  . PHE A 1 22  ? 3.948   1.261   8.000   1.00 12.74 ? 136 PHE A CA  1 
ATOM   129 C C   . PHE A 1 22  ? 5.104   0.766   7.163   1.00 11.01 ? 136 PHE A C   1 
ATOM   130 O O   . PHE A 1 22  ? 5.541   -0.382  7.264   1.00 11.49 ? 136 PHE A O   1 
ATOM   131 C CB  . PHE A 1 22  ? 4.422   2.163   9.110   1.00 16.09 ? 136 PHE A CB  1 
ATOM   132 C CG  . PHE A 1 22  ? 5.471   1.550   9.924   1.00 18.84 ? 136 PHE A CG  1 
ATOM   133 C CD1 . PHE A 1 22  ? 5.173   0.563   10.845  1.00 21.15 ? 136 PHE A CD1 1 
ATOM   134 C CD2 . PHE A 1 22  ? 6.789   1.935   9.764   1.00 21.34 ? 136 PHE A CD2 1 
ATOM   135 C CE1 . PHE A 1 22  ? 6.176   -0.031  11.611  1.00 22.87 ? 136 PHE A CE1 1 
ATOM   136 C CE2 . PHE A 1 22  ? 7.795   1.336   10.484  1.00 23.06 ? 136 PHE A CE2 1 
ATOM   137 C CZ  . PHE A 1 22  ? 7.491   0.361   11.427  1.00 22.96 ? 136 PHE A CZ  1 
ATOM   138 N N   . ILE A 1 23  ? 5.572   1.674   6.330   1.00 10.38 ? 137 ILE A N   1 
ATOM   139 C CA  . ILE A 1 23  ? 6.597   1.399   5.339   1.00 10.96 ? 137 ILE A CA  1 
ATOM   140 C C   . ILE A 1 23  ? 7.908   1.913   5.930   1.00 12.09 ? 137 ILE A C   1 
ATOM   141 O O   . ILE A 1 23  ? 8.080   3.112   6.118   1.00 12.45 ? 137 ILE A O   1 
ATOM   142 C CB  . ILE A 1 23  ? 6.308   2.158   4.039   1.00 12.78 ? 137 ILE A CB  1 
ATOM   143 C CG1 . ILE A 1 23  ? 4.914   1.854   3.519   1.00 15.25 ? 137 ILE A CG1 1 
ATOM   144 C CG2 . ILE A 1 23  ? 7.381   1.895   2.963   1.00 14.36 ? 137 ILE A CG2 1 
ATOM   145 C CD1 . ILE A 1 23  ? 4.652   0.402   3.294   1.00 16.66 ? 137 ILE A CD1 1 
ATOM   146 N N   . SER A 1 24  ? 8.861   1.041   6.283   1.00 14.73 ? 138 SER A N   1 
ATOM   147 C CA  . SER A 1 24  ? 10.109  1.492   6.929   1.00 16.69 ? 138 SER A CA  1 
ATOM   148 C C   . SER A 1 24  ? 11.277  1.595   5.960   1.00 16.45 ? 138 SER A C   1 
ATOM   149 O O   . SER A 1 24  ? 12.270  2.239   6.298   1.00 18.43 ? 138 SER A O   1 
ATOM   150 C CB  . SER A 1 24  ? 10.505  0.539   8.031   1.00 19.09 ? 138 SER A CB  1 
ATOM   151 O OG  . SER A 1 24  ? 10.669  -0.705  7.410   1.00 19.20 ? 138 SER A OG  1 
ATOM   152 N N   . GLU A 1 25  ? 11.173  0.997   4.762   1.00 14.22 ? 139 GLU A N   1 
ATOM   153 C CA  . GLU A 1 25  ? 12.292  1.073   3.835   1.00 13.50 ? 139 GLU A CA  1 
ATOM   154 C C   . GLU A 1 25  ? 11.664  0.950   2.439   1.00 13.80 ? 139 GLU A C   1 
ATOM   155 O O   . GLU A 1 25  ? 10.635  0.278   2.259   1.00 15.61 ? 139 GLU A O   1 
ATOM   156 C CB  . GLU A 1 25  ? 13.303  -0.093  3.962   1.00 19.02 ? 139 GLU A CB  1 
ATOM   157 C CG  . GLU A 1 25  ? 13.956  -0.239  5.373   1.00 23.35 ? 139 GLU A CG  1 
ATOM   158 C CD  . GLU A 1 25  ? 14.391  -1.670  5.757   1.00 27.82 ? 139 GLU A CD  1 
ATOM   159 O OE1 . GLU A 1 25  ? 14.547  -2.541  4.885   1.00 30.56 ? 139 GLU A OE1 1 
ATOM   160 O OE2 . GLU A 1 25  ? 14.594  -1.911  6.975   1.00 28.79 ? 139 GLU A OE2 1 
ATOM   161 N N   . VAL A 1 26  ? 12.286  1.590   1.440   1.00 10.91 ? 140 VAL A N   1 
ATOM   162 C CA  . VAL A 1 26  ? 11.861  1.514   0.029   1.00 10.82 ? 140 VAL A CA  1 
ATOM   163 C C   . VAL A 1 26  ? 13.115  1.438   -0.831  1.00 11.69 ? 140 VAL A C   1 
ATOM   164 O O   . VAL A 1 26  ? 13.960  2.333   -0.764  1.00 13.25 ? 140 VAL A O   1 
ATOM   165 C CB  . VAL A 1 26  ? 11.023  2.731   -0.399  1.00 10.28 ? 140 VAL A CB  1 
ATOM   166 C CG1 . VAL A 1 26  ? 10.677  2.647   -1.848  1.00 11.39 ? 140 VAL A CG1 1 
ATOM   167 C CG2 . VAL A 1 26  ? 9.757   2.821   0.449   1.00 10.94 ? 140 VAL A CG2 1 
ATOM   168 N N   . VAL A 1 27  ? 13.233  0.390   -1.639  1.00 12.11 ? 141 VAL A N   1 
ATOM   169 C CA  . VAL A 1 27  ? 14.397  0.228   -2.510  1.00 13.22 ? 141 VAL A CA  1 
ATOM   170 C C   . VAL A 1 27  ? 14.197  1.076   -3.762  1.00 13.12 ? 141 VAL A C   1 
ATOM   171 O O   . VAL A 1 27  ? 13.156  0.953   -4.424  1.00 12.63 ? 141 VAL A O   1 
ATOM   172 C CB  . VAL A 1 27  ? 14.573  -1.241  -2.879  1.00 15.24 ? 141 VAL A CB  1 
ATOM   173 C CG1 . VAL A 1 27  ? 15.753  -1.419  -3.830  1.00 16.91 ? 141 VAL A CG1 1 
ATOM   174 C CG2 . VAL A 1 27  ? 14.768  -2.071  -1.627  1.00 16.23 ? 141 VAL A CG2 1 
ATOM   175 N N   . PRO A 1 28  ? 15.165  1.909   -4.145  1.00 14.31 ? 142 PRO A N   1 
ATOM   176 C CA  . PRO A 1 28  ? 14.999  2.683   -5.374  1.00 15.33 ? 142 PRO A CA  1 
ATOM   177 C C   . PRO A 1 28  ? 14.786  1.759   -6.562  1.00 15.73 ? 142 PRO A C   1 
ATOM   178 O O   . PRO A 1 28  ? 15.468  0.739   -6.708  1.00 16.86 ? 142 PRO A O   1 
ATOM   179 C CB  . PRO A 1 28  ? 16.310  3.466   -5.477  1.00 17.16 ? 142 PRO A CB  1 
ATOM   180 C CG  . PRO A 1 28  ? 16.782  3.586   -4.090  1.00 17.60 ? 142 PRO A CG  1 
ATOM   181 C CD  . PRO A 1 28  ? 16.374  2.308   -3.412  1.00 15.97 ? 142 PRO A CD  1 
ATOM   182 N N   . GLY A 1 29  ? 13.844  2.125   -7.431  1.00 15.13 ? 143 GLY A N   1 
ATOM   183 C CA  . GLY A 1 29  ? 13.570  1.380   -8.640  1.00 15.64 ? 143 GLY A CA  1 
ATOM   184 C C   . GLY A 1 29  ? 12.632  0.214   -8.456  1.00 13.61 ? 143 GLY A C   1 
ATOM   185 O O   . GLY A 1 29  ? 12.316  -0.471  -9.436  1.00 15.74 ? 143 GLY A O   1 
ATOM   186 N N   . SER A 1 30  ? 12.190  -0.042  -7.241  1.00 11.59 ? 144 SER A N   1 
ATOM   187 C CA  . SER A 1 30  ? 11.287  -1.139  -6.982  1.00 10.91 ? 144 SER A CA  1 
ATOM   188 C C   . SER A 1 30  ? 9.872   -0.786  -7.369  1.00 9.74  ? 144 SER A C   1 
ATOM   189 O O   . SER A 1 30  ? 9.535   0.379   -7.569  1.00 10.03 ? 144 SER A O   1 
ATOM   190 C CB  . SER A 1 30  ? 11.345  -1.480  -5.501  1.00 10.97 ? 144 SER A CB  1 
ATOM   191 O OG  . SER A 1 30  ? 10.829  -0.411  -4.718  1.00 10.38 ? 144 SER A OG  1 
ATOM   192 N N   . PRO A 1 31  ? 8.997   -1.790  -7.400  1.00 10.10 ? 145 PRO A N   1 
ATOM   193 C CA  . PRO A 1 31  ? 7.582   -1.509  -7.639  1.00 9.57  ? 145 PRO A CA  1 
ATOM   194 C C   . PRO A 1 31  ? 6.998   -0.519  -6.636  1.00 9.56  ? 145 PRO A C   1 
ATOM   195 O O   . PRO A 1 31  ? 6.186   0.343   -6.990  1.00 9.53  ? 145 PRO A O   1 
ATOM   196 C CB  . PRO A 1 31  ? 6.956   -2.902  -7.573  1.00 10.67 ? 145 PRO A CB  1 
ATOM   197 C CG  . PRO A 1 31  ? 8.042   -3.822  -8.082  1.00 11.52 ? 145 PRO A CG  1 
ATOM   198 C CD  . PRO A 1 31  ? 9.283   -3.243  -7.460  1.00 11.13 ? 145 PRO A CD  1 
ATOM   199 N N   . SER A 1 32  ? 7.414   -0.612  -5.381  1.00 8.47  ? 146 SER A N   1 
ATOM   200 C CA  A SER A 1 32  ? 6.911   0.316   -4.379  0.57 8.63  ? 146 SER A CA  1 
ATOM   201 C CA  B SER A 1 32  ? 6.921   0.317   -4.373  0.43 8.68  ? 146 SER A CA  1 
ATOM   202 C C   . SER A 1 32  ? 7.405   1.730   -4.640  1.00 8.42  ? 146 SER A C   1 
ATOM   203 O O   . SER A 1 32  ? 6.642   2.689   -4.522  1.00 8.54  ? 146 SER A O   1 
ATOM   204 C CB  A SER A 1 32  ? 7.268   -0.166  -2.975  0.57 8.93  ? 146 SER A CB  1 
ATOM   205 C CB  B SER A 1 32  ? 7.365   -0.148  -2.998  0.43 8.96  ? 146 SER A CB  1 
ATOM   206 O OG  A SER A 1 32  ? 8.652   -0.104  -2.696  0.57 10.62 ? 146 SER A OG  1 
ATOM   207 O OG  B SER A 1 32  ? 6.708   -1.353  -2.677  0.43 10.78 ? 146 SER A OG  1 
ATOM   208 N N   . ASP A 1 33  ? 8.660   1.883   -5.018  1.00 8.51  ? 147 ASP A N   1 
ATOM   209 C CA  . ASP A 1 33  ? 9.149   3.188   -5.385  1.00 9.39  ? 147 ASP A CA  1 
ATOM   210 C C   . ASP A 1 33  ? 8.372   3.741   -6.571  1.00 9.23  ? 147 ASP A C   1 
ATOM   211 O O   . ASP A 1 33  ? 7.978   4.921   -6.592  1.00 9.98  ? 147 ASP A O   1 
ATOM   212 C CB  . ASP A 1 33  ? 10.640  3.083   -5.702  1.00 11.00 ? 147 ASP A CB  1 
ATOM   213 C CG  . ASP A 1 33  ? 11.274  4.416   -5.977  1.00 13.94 ? 147 ASP A CG  1 
ATOM   214 O OD1 . ASP A 1 33  ? 10.773  5.431   -5.446  1.00 15.57 ? 147 ASP A OD1 1 
ATOM   215 O OD2 . ASP A 1 33  ? 12.310  4.437   -6.698  1.00 15.15 ? 147 ASP A OD2 1 
ATOM   216 N N   . LYS A 1 34  ? 8.132   2.900   -7.581  1.00 9.70  ? 148 LYS A N   1 
ATOM   217 C CA  . LYS A 1 34  ? 7.427   3.332   -8.782  1.00 10.28 ? 148 LYS A CA  1 
ATOM   218 C C   . LYS A 1 34  ? 6.003   3.754   -8.488  1.00 9.69  ? 148 LYS A C   1 
ATOM   219 O O   . LYS A 1 34  ? 5.474   4.633   -9.177  1.00 11.30 ? 148 LYS A O   1 
ATOM   220 C CB  . LYS A 1 34  ? 7.444   2.219   -9.816  1.00 12.77 ? 148 LYS A CB  1 
ATOM   221 C CG  . LYS A 1 34  ? 8.826   1.923   -10.351 1.00 15.23 ? 148 LYS A CG  1 
ATOM   222 C CD  . LYS A 1 34  ? 8.798   0.804   -11.395 1.00 19.12 ? 148 LYS A CD  1 
ATOM   223 C CE  . LYS A 1 34  ? 10.151  0.295   -11.737 1.00 21.63 ? 148 LYS A CE  1 
ATOM   224 N NZ  . LYS A 1 34  ? 9.972   -0.905  -12.566 1.00 22.59 ? 148 LYS A NZ  1 
ATOM   225 N N   . ALA A 1 35  ? 5.379   3.173   -7.473  1.00 9.25  ? 149 ALA A N   1 
ATOM   226 C CA  . ALA A 1 35  ? 4.048   3.521   -7.005  1.00 9.55  ? 149 ALA A CA  1 
ATOM   227 C C   . ALA A 1 35  ? 4.032   4.811   -6.193  1.00 9.95  ? 149 ALA A C   1 
ATOM   228 O O   . ALA A 1 35  ? 2.972   5.247   -5.725  1.00 11.25 ? 149 ALA A O   1 
ATOM   229 C CB  . ALA A 1 35  ? 3.517   2.390   -6.122  1.00 10.67 ? 149 ALA A CB  1 
ATOM   230 N N   . ASP A 1 36  ? 5.182   5.431   -6.018  1.00 9.68  ? 150 ASP A N   1 
ATOM   231 C CA  . ASP A 1 36  ? 5.332   6.668   -5.251  1.00 10.90 ? 150 ASP A CA  1 
ATOM   232 C C   . ASP A 1 36  ? 5.196   6.466   -3.754  1.00 11.03 ? 150 ASP A C   1 
ATOM   233 O O   . ASP A 1 36  ? 4.935   7.435   -3.058  1.00 13.20 ? 150 ASP A O   1 
ATOM   234 C CB  . ASP A 1 36  ? 4.409   7.810   -5.741  1.00 16.30 ? 150 ASP A CB  1 
ATOM   235 C CG  . ASP A 1 36  ? 4.931   9.198   -5.325  1.00 20.91 ? 150 ASP A CG  1 
ATOM   236 O OD1 . ASP A 1 36  ? 6.135   9.458   -5.528  1.00 23.60 ? 150 ASP A OD1 1 
ATOM   237 O OD2 . ASP A 1 36  ? 4.178   10.029  -4.754  1.00 22.96 ? 150 ASP A OD2 1 
ATOM   238 N N   . ILE A 1 37  ? 5.399   5.268   -3.261  1.00 9.37  ? 151 ILE A N   1 
ATOM   239 C CA  . ILE A 1 37  ? 5.379   5.006   -1.830  1.00 9.34  ? 151 ILE A CA  1 
ATOM   240 C C   . ILE A 1 37  ? 6.665   5.509   -1.189  1.00 9.44  ? 151 ILE A C   1 
ATOM   241 O O   . ILE A 1 37  ? 7.743   5.386   -1.759  1.00 10.49 ? 151 ILE A O   1 
ATOM   242 C CB  . ILE A 1 37  ? 5.145   3.508   -1.606  1.00 10.85 ? 151 ILE A CB  1 
ATOM   243 C CG1 . ILE A 1 37  ? 3.744   3.131   -2.137  1.00 12.60 ? 151 ILE A CG1 1 
ATOM   244 C CG2 . ILE A 1 37  ? 5.311   3.137   -0.137  1.00 12.02 ? 151 ILE A CG2 1 
ATOM   245 C CD1 . ILE A 1 37  ? 3.460   1.635   -2.195  1.00 14.75 ? 151 ILE A CD1 1 
ATOM   246 N N   . LYS A 1 38  ? 6.546   6.079   0.004   1.00 9.91  ? 152 LYS A N   1 
ATOM   247 C CA  . LYS A 1 38  ? 7.650   6.726   0.697   1.00 10.41 ? 152 LYS A CA  1 
ATOM   248 C C   . LYS A 1 38  ? 7.836   6.113   2.071   1.00 9.39  ? 152 LYS A C   1 
ATOM   249 O O   . LYS A 1 38  ? 6.882   5.679   2.727   1.00 9.70  ? 152 LYS A O   1 
ATOM   250 C CB  . LYS A 1 38  ? 7.376   8.229   0.876   1.00 11.82 ? 152 LYS A CB  1 
ATOM   251 C CG  . LYS A 1 38  ? 7.042   9.000   -0.365  1.00 14.39 ? 152 LYS A CG  1 
ATOM   252 C CD  . LYS A 1 38  ? 8.124   9.023   -1.359  1.00 16.68 ? 152 LYS A CD  1 
ATOM   253 C CE  . LYS A 1 38  ? 7.632   9.740   -2.621  1.00 17.79 ? 152 LYS A CE  1 
ATOM   254 N NZ  . LYS A 1 38  ? 8.490   9.422   -3.783  1.00 19.13 ? 152 LYS A NZ  1 
ATOM   255 N N   . VAL A 1 39  ? 9.072   6.137   2.543   1.00 10.00 ? 153 VAL A N   1 
ATOM   256 C CA  . VAL A 1 39  ? 9.347   5.747   3.913   1.00 10.81 ? 153 VAL A CA  1 
ATOM   257 C C   . VAL A 1 39  ? 8.501   6.572   4.859   1.00 10.54 ? 153 VAL A C   1 
ATOM   258 O O   . VAL A 1 39  ? 8.291   7.765   4.651   1.00 11.14 ? 153 VAL A O   1 
ATOM   259 C CB  . VAL A 1 39  ? 10.842  5.917   4.210   1.00 12.87 ? 153 VAL A CB  1 
ATOM   260 C CG1 . VAL A 1 39  ? 11.138  5.778   5.688   1.00 14.27 ? 153 VAL A CG1 1 
ATOM   261 C CG2 . VAL A 1 39  ? 11.638  4.898   3.421   1.00 14.53 ? 153 VAL A CG2 1 
ATOM   262 N N   . ASP A 1 40  ? 7.965   5.906   5.874   1.00 10.68 ? 154 ASP A N   1 
ATOM   263 C CA  . ASP A 1 40  ? 7.096   6.456   6.917   1.00 12.26 ? 154 ASP A CA  1 
ATOM   264 C C   . ASP A 1 40  ? 5.650   6.580   6.481   1.00 10.93 ? 154 ASP A C   1 
ATOM   265 O O   . ASP A 1 40  ? 4.819   6.945   7.323   1.00 12.84 ? 154 ASP A O   1 
ATOM   266 C CB  . ASP A 1 40  ? 7.557   7.805   7.511   1.00 16.60 ? 154 ASP A CB  1 
ATOM   267 C CG  . ASP A 1 40  ? 8.963   7.758   8.083   1.00 23.10 ? 154 ASP A CG  1 
ATOM   268 O OD1 . ASP A 1 40  ? 9.366   6.669   8.539   1.00 24.92 ? 154 ASP A OD1 1 
ATOM   269 O OD2 . ASP A 1 40  ? 9.652   8.814   8.092   1.00 26.97 ? 154 ASP A OD2 1 
ATOM   270 N N   . ASP A 1 41  ? 5.306   6.281   5.232   1.00 9.40  ? 155 ASP A N   1 
ATOM   271 C CA  . ASP A 1 41  ? 3.900   6.164   4.914   1.00 8.85  ? 155 ASP A CA  1 
ATOM   272 C C   . ASP A 1 41  ? 3.287   5.090   5.799   1.00 8.82  ? 155 ASP A C   1 
ATOM   273 O O   . ASP A 1 41  ? 3.901   4.070   6.097   1.00 10.23 ? 155 ASP A O   1 
ATOM   274 C CB  . ASP A 1 41  ? 3.701   5.743   3.451   1.00 8.89  ? 155 ASP A CB  1 
ATOM   275 C CG  . ASP A 1 41  ? 3.974   6.847   2.426   1.00 9.10  ? 155 ASP A CG  1 
ATOM   276 O OD1 . ASP A 1 41  ? 4.132   8.026   2.793   1.00 10.13 ? 155 ASP A OD1 1 
ATOM   277 O OD2 . ASP A 1 41  ? 3.995   6.468   1.218   1.00 9.45  ? 155 ASP A OD2 1 
ATOM   278 N N   . LYS A 1 42  ? 2.042   5.297   6.165   1.00 8.66  ? 156 LYS A N   1 
ATOM   279 C CA  . LYS A 1 42  ? 1.246   4.267   6.832   1.00 8.78  ? 156 LYS A CA  1 
ATOM   280 C C   . LYS A 1 42  ? 0.300   3.647   5.814   1.00 9.00  ? 156 LYS A C   1 
ATOM   281 O O   . LYS A 1 42  ? -0.344  4.351   5.039   1.00 13.44 ? 156 LYS A O   1 
ATOM   282 C CB  . LYS A 1 42  ? 0.466   4.821   8.018   1.00 9.58  ? 156 LYS A CB  1 
ATOM   283 C CG  . LYS A 1 42  ? 1.383   5.305   9.138   1.00 11.07 ? 156 LYS A CG  1 
ATOM   284 C CD  . LYS A 1 42  ? 0.594   5.779   10.384  1.00 13.11 ? 156 LYS A CD  1 
ATOM   285 C CE  . LYS A 1 42  ? 1.453   6.018   11.590  1.00 14.89 ? 156 LYS A CE  1 
ATOM   286 N NZ  . LYS A 1 42  ? 2.123   7.335   11.502  1.00 16.06 ? 156 LYS A NZ  1 
ATOM   287 N N   . LEU A 1 43  ? 0.233   2.340   5.792   1.00 8.36  ? 157 LEU A N   1 
ATOM   288 C CA  . LEU A 1 43  ? -0.608  1.620   4.865   1.00 8.41  ? 157 LEU A CA  1 
ATOM   289 C C   . LEU A 1 43  ? -2.015  1.497   5.434   1.00 8.41  ? 157 LEU A C   1 
ATOM   290 O O   . LEU A 1 43  ? -2.200  1.051   6.575   1.00 9.33  ? 157 LEU A O   1 
ATOM   291 C CB  . LEU A 1 43  ? -0.006  0.240   4.682   1.00 10.06 ? 157 LEU A CB  1 
ATOM   292 C CG  . LEU A 1 43  ? -0.624  -0.634  3.637   1.00 10.09 ? 157 LEU A CG  1 
ATOM   293 C CD1 . LEU A 1 43  ? -0.522  0.009   2.279   1.00 10.63 ? 157 LEU A CD1 1 
ATOM   294 C CD2 . LEU A 1 43  ? 0.055   -1.984  3.615   1.00 11.32 ? 157 LEU A CD2 1 
ATOM   295 N N   . ILE A 1 44  ? -3.001  1.870   4.625   1.00 8.14  ? 158 ILE A N   1 
ATOM   296 C CA  . ILE A 1 44  ? -4.426  1.728   4.942   1.00 8.92  ? 158 ILE A CA  1 
ATOM   297 C C   . ILE A 1 44  ? -5.046  0.568   4.161   1.00 9.61  ? 158 ILE A C   1 
ATOM   298 O O   . ILE A 1 44  ? -5.868  -0.179  4.683   1.00 10.92 ? 158 ILE A O   1 
ATOM   299 C CB  . ILE A 1 44  ? -5.149  3.057   4.637   1.00 8.97  ? 158 ILE A CB  1 
ATOM   300 C CG1 . ILE A 1 44  ? -4.745  4.112   5.679   1.00 9.45  ? 158 ILE A CG1 1 
ATOM   301 C CG2 . ILE A 1 44  ? -6.641  2.868   4.623   1.00 10.45 ? 158 ILE A CG2 1 
ATOM   302 C CD1 . ILE A 1 44  ? -5.172  5.476   5.308   1.00 10.61 ? 158 ILE A CD1 1 
ATOM   303 N N   . SER A 1 45  ? -4.634  0.345   2.907   1.00 9.56  ? 159 SER A N   1 
ATOM   304 C CA  . SER A 1 45  ? -5.138  -0.822  2.180   1.00 9.98  ? 159 SER A CA  1 
ATOM   305 C C   . SER A 1 45  ? -4.210  -1.142  1.029   1.00 8.95  ? 159 SER A C   1 
ATOM   306 O O   . SER A 1 45  ? -3.558  -0.260  0.468   1.00 8.76  ? 159 SER A O   1 
ATOM   307 C CB  . SER A 1 45  ? -6.564  -0.597  1.690   1.00 12.63 ? 159 SER A CB  1 
ATOM   308 O OG  . SER A 1 45  ? -6.656  0.376   0.711   1.00 14.41 ? 159 SER A OG  1 
ATOM   309 N N   . ILE A 1 46  ? -4.158  -2.423  0.681   1.00 10.28 ? 160 ILE A N   1 
ATOM   310 C CA  . ILE A 1 46  ? -3.452  -2.882  -0.515  1.00 10.62 ? 160 ILE A CA  1 
ATOM   311 C C   . ILE A 1 46  ? -4.310  -3.986  -1.113  1.00 11.73 ? 160 ILE A C   1 
ATOM   312 O O   . ILE A 1 46  ? -4.627  -4.967  -0.434  1.00 12.37 ? 160 ILE A O   1 
ATOM   313 C CB  . ILE A 1 46  ? -2.007  -3.338  -0.201  1.00 11.63 ? 160 ILE A CB  1 
ATOM   314 C CG1 . ILE A 1 46  ? -1.354  -3.824  -1.488  1.00 12.71 ? 160 ILE A CG1 1 
ATOM   315 C CG2 . ILE A 1 46  ? -1.917  -4.374  0.879   1.00 13.01 ? 160 ILE A CG2 1 
ATOM   316 C CD1 . ILE A 1 46  ? 0.168   -3.973  -1.453  1.00 15.99 ? 160 ILE A CD1 1 
ATOM   317 N N   . GLY A 1 47  ? -4.789  -3.756  -2.325  1.00 13.07 ? 161 GLY A N   1 
ATOM   318 C CA  . GLY A 1 47  ? -5.809  -4.653  -2.837  1.00 15.27 ? 161 GLY A CA  1 
ATOM   319 C C   . GLY A 1 47  ? -6.978  -4.687  -1.889  1.00 16.41 ? 161 GLY A C   1 
ATOM   320 O O   . GLY A 1 47  ? -7.431  -3.662  -1.377  1.00 16.03 ? 161 GLY A O   1 
ATOM   321 N N   . ASN A 1 48  ? -7.493  -5.890  -1.650  1.00 18.71 ? 162 ASN A N   1 
ATOM   322 C CA  . ASN A 1 48  ? -8.621  -6.066  -0.748  1.00 20.19 ? 162 ASN A CA  1 
ATOM   323 C C   . ASN A 1 48  ? -8.229  -6.147  0.709   1.00 19.06 ? 162 ASN A C   1 
ATOM   324 O O   . ASN A 1 48  ? -9.116  -6.390  1.550   1.00 21.03 ? 162 ASN A O   1 
ATOM   325 C CB  . ASN A 1 48  ? -9.421  -7.312  -1.135  1.00 22.38 ? 162 ASN A CB  1 
ATOM   326 C CG  . ASN A 1 48  ? -10.152 -7.125  -2.419  1.00 25.49 ? 162 ASN A CG  1 
ATOM   327 O OD1 . ASN A 1 48  ? -10.692 -6.035  -2.673  1.00 27.16 ? 162 ASN A OD1 1 
ATOM   328 N ND2 . ASN A 1 48  ? -10.130 -8.139  -3.269  1.00 26.78 ? 162 ASN A ND2 1 
ATOM   329 N N   . VAL A 1 49  ? -6.935  -5.954  1.037   1.00 16.85 ? 163 VAL A N   1 
ATOM   330 C CA  . VAL A 1 49  ? -6.426  -6.100  2.401   1.00 14.93 ? 163 VAL A CA  1 
ATOM   331 C C   . VAL A 1 49  ? -6.449  -4.738  3.101   1.00 13.36 ? 163 VAL A C   1 
ATOM   332 O O   . VAL A 1 49  ? -5.882  -3.759  2.599   1.00 12.84 ? 163 VAL A O   1 
ATOM   333 C CB  . VAL A 1 49  ? -5.001  -6.689  2.406   1.00 16.55 ? 163 VAL A CB  1 
ATOM   334 C CG1 . VAL A 1 49  ? -4.496  -6.807  3.785   1.00 17.55 ? 163 VAL A CG1 1 
ATOM   335 C CG2 . VAL A 1 49  ? -4.936  -8.038  1.797   1.00 20.20 ? 163 VAL A CG2 1 
ATOM   336 N N   . HIS A 1 50  ? -7.086  -4.693  4.264   1.00 13.22 ? 164 HIS A N   1 
ATOM   337 C CA  . HIS A 1 50  ? -7.214  -3.487  5.057   1.00 13.41 ? 164 HIS A CA  1 
ATOM   338 C C   . HIS A 1 50  ? -7.165  -3.879  6.525   1.00 12.53 ? 164 HIS A C   1 
ATOM   339 O O   . HIS A 1 50  ? -6.816  -4.998  6.871   1.00 13.53 ? 164 HIS A O   1 
ATOM   340 C CB  . HIS A 1 50  ? -8.460  -2.734  4.587   1.00 16.71 ? 164 HIS A CB  1 
ATOM   341 C CG  . HIS A 1 50  ? -9.744  -3.448  4.871   1.00 22.78 ? 164 HIS A CG  1 
ATOM   342 N ND1 . HIS A 1 50  ? -10.281 -4.459  4.100   1.00 26.26 ? 164 HIS A ND1 1 
ATOM   343 C CD2 . HIS A 1 50  ? -10.599 -3.252  5.908   1.00 25.20 ? 164 HIS A CD2 1 
ATOM   344 C CE1 . HIS A 1 50  ? -11.424 -4.841  4.661   1.00 26.09 ? 164 HIS A CE1 1 
ATOM   345 N NE2 . HIS A 1 50  ? -11.633 -4.131  5.759   1.00 28.45 ? 164 HIS A NE2 1 
ATOM   346 N N   . ALA A 1 51  ? -7.431  -2.915  7.416   1.00 12.44 ? 165 ALA A N   1 
ATOM   347 C CA  . ALA A 1 51  ? -7.113  -3.140  8.824   1.00 13.02 ? 165 ALA A CA  1 
ATOM   348 C C   . ALA A 1 51  ? -7.837  -4.348  9.365   1.00 15.40 ? 165 ALA A C   1 
ATOM   349 O O   . ALA A 1 51  ? -7.290  -5.053  10.203  1.00 16.76 ? 165 ALA A O   1 
ATOM   350 C CB  . ALA A 1 51  ? -7.470  -1.917  9.688   1.00 13.04 ? 165 ALA A CB  1 
ATOM   351 N N   . ALA A 1 52  ? -9.091  -4.565  8.947   1.00 16.32 ? 166 ALA A N   1 
ATOM   352 C CA  . ALA A 1 52  ? -9.898  -5.651  9.478   1.00 18.13 ? 166 ALA A CA  1 
ATOM   353 C C   . ALA A 1 52  ? -9.511  -7.039  8.960   1.00 17.60 ? 166 ALA A C   1 
ATOM   354 O O   . ALA A 1 52  ? -9.937  -8.021  9.570   1.00 19.07 ? 166 ALA A O   1 
ATOM   355 C CB  . ALA A 1 52  ? -11.364 -5.412  9.128   1.00 19.21 ? 166 ALA A CB  1 
ATOM   356 N N   . ASN A 1 53  ? -8.747  -7.171  7.851   1.00 16.65 ? 167 ASN A N   1 
ATOM   357 C CA  . ASN A 1 53  ? -8.586  -8.495  7.252   1.00 17.09 ? 167 ASN A CA  1 
ATOM   358 C C   . ASN A 1 53  ? -7.179  -8.788  6.754   1.00 18.03 ? 167 ASN A C   1 
ATOM   359 O O   . ASN A 1 53  ? -7.011  -9.592  5.828   1.00 21.71 ? 167 ASN A O   1 
ATOM   360 C CB  . ASN A 1 53  ? -9.561  -8.725  6.083   1.00 15.94 ? 167 ASN A CB  1 
ATOM   361 C CG  . ASN A 1 53  ? -9.220  -7.864  4.914   1.00 16.57 ? 167 ASN A CG  1 
ATOM   362 O OD1 . ASN A 1 53  ? -8.426  -6.942  5.074   1.00 19.68 ? 167 ASN A OD1 1 
ATOM   363 N ND2 . ASN A 1 53  ? -9.773  -8.136  3.736   1.00 17.23 ? 167 ASN A ND2 1 
ATOM   364 N N   . HIS A 1 54  ? -6.146  -8.168  7.312   1.00 17.41 ? 168 HIS A N   1 
ATOM   365 C CA  . HIS A 1 54  ? -4.792  -8.446  6.818   1.00 16.70 ? 168 HIS A CA  1 
ATOM   366 C C   . HIS A 1 54  ? -4.167  -9.680  7.457   1.00 18.72 ? 168 HIS A C   1 
ATOM   367 O O   . HIS A 1 54  ? -3.153  -10.171 6.932   1.00 19.47 ? 168 HIS A O   1 
ATOM   368 C CB  . HIS A 1 54  ? -3.872  -7.228  6.973   1.00 15.93 ? 168 HIS A CB  1 
ATOM   369 C CG  . HIS A 1 54  ? -3.659  -6.811  8.384   1.00 16.37 ? 168 HIS A CG  1 
ATOM   370 N ND1 . HIS A 1 54  ? -2.602  -7.268  9.150   1.00 17.36 ? 168 HIS A ND1 1 
ATOM   371 C CD2 . HIS A 1 54  ? -4.337  -5.942  9.146   1.00 16.24 ? 168 HIS A CD2 1 
ATOM   372 C CE1 . HIS A 1 54  ? -2.662  -6.697  10.335  1.00 18.16 ? 168 HIS A CE1 1 
ATOM   373 N NE2 . HIS A 1 54  ? -3.693  -5.880  10.347  1.00 17.39 ? 168 HIS A NE2 1 
ATOM   374 N N   . SER A 1 55  ? -4.775  -10.211 8.523   1.00 20.07 ? 169 SER A N   1 
ATOM   375 C CA  . SER A 1 55  ? -4.344  -11.443 9.171   1.00 22.47 ? 169 SER A CA  1 
ATOM   376 C C   . SER A 1 55  ? -2.870  -11.367 9.568   1.00 21.91 ? 169 SER A C   1 
ATOM   377 O O   . SER A 1 55  ? -2.037  -12.159 9.114   1.00 23.18 ? 169 SER A O   1 
ATOM   378 C CB  . SER A 1 55  ? -4.628  -12.645 8.278   1.00 23.72 ? 169 SER A CB  1 
ATOM   379 O OG  . SER A 1 55  ? -4.483  -13.854 9.011   1.00 25.21 ? 169 SER A OG  1 
ATOM   380 N N   . LYS A 1 56  ? -2.563  -10.385 10.426  1.00 21.94 ? 170 LYS A N   1 
ATOM   381 C CA  . LYS A 1 56  ? -1.189  -10.159 10.891  1.00 21.90 ? 170 LYS A CA  1 
ATOM   382 C C   . LYS A 1 56  ? -0.216  -10.095 9.716   1.00 21.06 ? 170 LYS A C   1 
ATOM   383 O O   . LYS A 1 56  ? 0.864   -10.690 9.749   1.00 22.35 ? 170 LYS A O   1 
ATOM   384 C CB  . LYS A 1 56  ? -0.765  -11.231 11.894  1.00 24.47 ? 170 LYS A CB  1 
ATOM   385 C CG  . LYS A 1 56  ? -1.697  -11.352 13.080  1.00 27.02 ? 170 LYS A CG  1 
ATOM   386 C CD  . LYS A 1 56  ? -1.643  -10.129 13.976  1.00 29.85 ? 170 LYS A CD  1 
ATOM   387 C CE  . LYS A 1 56  ? -0.292  -9.986  14.671  1.00 31.52 ? 170 LYS A CE  1 
ATOM   388 N NZ  . LYS A 1 56  ? -0.264  -8.810  15.571  1.00 32.78 ? 170 LYS A NZ  1 
ATOM   389 N N   . LEU A 1 57  ? -0.640  -9.416  8.650   1.00 18.33 ? 171 LEU A N   1 
ATOM   390 C CA  . LEU A 1 57  ? 0.089   -9.150  7.412   1.00 18.35 ? 171 LEU A CA  1 
ATOM   391 C C   . LEU A 1 57  ? 0.134   -10.304 6.424   1.00 20.25 ? 171 LEU A C   1 
ATOM   392 O O   . LEU A 1 57  ? 0.559   -10.080 5.282   1.00 20.76 ? 171 LEU A O   1 
ATOM   393 C CB  . LEU A 1 57  ? 1.523   -8.628  7.616   1.00 18.45 ? 171 LEU A CB  1 
ATOM   394 C CG  . LEU A 1 57  ? 1.721   -7.477  8.577   1.00 19.19 ? 171 LEU A CG  1 
ATOM   395 C CD1 . LEU A 1 57  ? 3.205   -7.234  8.669   1.00 20.13 ? 171 LEU A CD1 1 
ATOM   396 C CD2 . LEU A 1 57  ? 0.971   -6.222  8.130   1.00 18.10 ? 171 LEU A CD2 1 
ATOM   397 N N   . GLN A 1 58  ? -0.275  -11.518 6.796   1.00 21.80 ? 172 GLN A N   1 
ATOM   398 C CA  . GLN A 1 58  ? -0.075  -12.653 5.893   1.00 23.62 ? 172 GLN A CA  1 
ATOM   399 C C   . GLN A 1 58  ? -0.859  -12.494 4.597   1.00 22.68 ? 172 GLN A C   1 
ATOM   400 O O   . GLN A 1 58  ? -0.430  -12.966 3.531   1.00 24.65 ? 172 GLN A O   1 
ATOM   401 C CB  . GLN A 1 58  ? -0.451  -13.944 6.610   1.00 26.27 ? 172 GLN A CB  1 
ATOM   402 C CG  . GLN A 1 58  ? 0.319   -14.163 7.900   1.00 26.92 ? 172 GLN A CG  1 
ATOM   403 N N   . ASN A 1 59  ? -1.990  -11.810 4.652   1.00 22.68 ? 173 ASN A N   1 
ATOM   404 C CA  . ASN A 1 59  ? -2.763  -11.670 3.439   1.00 22.97 ? 173 ASN A CA  1 
ATOM   405 C C   . ASN A 1 59  ? -2.098  -10.752 2.436   1.00 22.43 ? 173 ASN A C   1 
ATOM   406 O O   . ASN A 1 59  ? -2.476  -10.766 1.260   1.00 24.28 ? 173 ASN A O   1 
ATOM   407 C CB  . ASN A 1 59  ? -4.210  -11.277 3.750   1.00 21.93 ? 173 ASN A CB  1 
ATOM   408 C CG  . ASN A 1 59  ? -4.977  -12.413 4.365   1.00 23.28 ? 173 ASN A CG  1 
ATOM   409 O OD1 . ASN A 1 59  ? -4.593  -13.569 4.202   1.00 23.98 ? 173 ASN A OD1 1 
ATOM   410 N ND2 . ASN A 1 59  ? -6.047  -12.105 5.078   1.00 23.35 ? 173 ASN A ND2 1 
ATOM   411 N N   . ILE A 1 60  ? -1.077  -10.005 2.824   1.00 19.94 ? 174 ILE A N   1 
ATOM   412 C CA  . ILE A 1 60  ? -0.425  -9.121  1.867   1.00 17.06 ? 174 ILE A CA  1 
ATOM   413 C C   . ILE A 1 60  ? 0.456   -9.911  0.920   1.00 17.57 ? 174 ILE A C   1 
ATOM   414 O O   . ILE A 1 60  ? 0.413   -9.700  -0.292  1.00 16.13 ? 174 ILE A O   1 
ATOM   415 C CB  . ILE A 1 60  ? 0.381   -8.024  2.572   1.00 15.20 ? 174 ILE A CB  1 
ATOM   416 C CG1 . ILE A 1 60  ? -0.538  -7.101  3.368   1.00 16.39 ? 174 ILE A CG1 1 
ATOM   417 C CG2 . ILE A 1 60  ? 1.139   -7.236  1.525   1.00 14.38 ? 174 ILE A CG2 1 
ATOM   418 C CD1 . ILE A 1 60  ? 0.196   -6.068  4.205   1.00 17.25 ? 174 ILE A CD1 1 
ATOM   419 N N   . GLN A 1 61  ? 1.279   -10.815 1.439   1.00 19.12 ? 175 GLN A N   1 
ATOM   420 C CA  . GLN A 1 61  ? 2.168   -11.562 0.561   1.00 22.65 ? 175 GLN A CA  1 
ATOM   421 C C   . GLN A 1 61  ? 1.360   -12.347 -0.457  1.00 22.95 ? 175 GLN A C   1 
ATOM   422 O O   . GLN A 1 61  ? 1.712   -12.398 -1.647  1.00 22.20 ? 175 GLN A O   1 
ATOM   423 C CB  . GLN A 1 61  ? 3.079   -12.466 1.394   1.00 24.74 ? 175 GLN A CB  1 
ATOM   424 C CG  . GLN A 1 61  ? 4.052   -13.278 0.562   1.00 28.07 ? 175 GLN A CG  1 
ATOM   425 C CD  . GLN A 1 61  ? 5.022   -12.414 -0.222  1.00 30.52 ? 175 GLN A CD  1 
ATOM   426 O OE1 . GLN A 1 61  ? 5.416   -11.327 0.221   1.00 31.44 ? 175 GLN A OE1 1 
ATOM   427 N NE2 . GLN A 1 61  ? 5.413   -12.894 -1.400  1.00 31.94 ? 175 GLN A NE2 1 
ATOM   428 N N   . MET A 1 62  ? 0.235   -12.908 -0.015  1.00 24.65 ? 176 MET A N   1 
ATOM   429 C CA  . MET A 1 62  ? -0.633  -13.670 -0.905  1.00 25.73 ? 176 MET A CA  1 
ATOM   430 C C   . MET A 1 62  ? -1.186  -12.788 -2.010  1.00 24.01 ? 176 MET A C   1 
ATOM   431 O O   . MET A 1 62  ? -1.189  -13.165 -3.197  1.00 24.88 ? 176 MET A O   1 
ATOM   432 C CB  . MET A 1 62  ? -1.777  -14.284 -0.099  1.00 29.09 ? 176 MET A CB  1 
ATOM   433 C CG  . MET A 1 62  ? -1.323  -15.347 0.886   1.00 33.48 ? 176 MET A CG  1 
ATOM   434 S SD  . MET A 1 62  ? -2.624  -15.912 2.011   1.00 38.26 ? 176 MET A SD  1 
ATOM   435 C CE  . MET A 1 62  ? -3.832  -16.485 0.837   1.00 38.77 ? 176 MET A CE  1 
ATOM   436 N N   . VAL A 1 63  ? -1.695  -11.618 -1.642  1.00 21.54 ? 177 VAL A N   1 
ATOM   437 C CA  . VAL A 1 63  ? -2.348  -10.743 -2.600  1.00 19.87 ? 177 VAL A CA  1 
ATOM   438 C C   . VAL A 1 63  ? -1.350  -10.220 -3.613  1.00 16.07 ? 177 VAL A C   1 
ATOM   439 O O   . VAL A 1 63  ? -1.644  -10.139 -4.811  1.00 15.77 ? 177 VAL A O   1 
ATOM   440 C CB  . VAL A 1 63  ? -3.119  -9.630  -1.879  1.00 23.32 ? 177 VAL A CB  1 
ATOM   441 C CG1 . VAL A 1 63  ? -3.583  -8.588  -2.861  1.00 25.95 ? 177 VAL A CG1 1 
ATOM   442 C CG2 . VAL A 1 63  ? -4.301  -10.244 -1.129  1.00 23.98 ? 177 VAL A CG2 1 
ATOM   443 N N   . VAL A 1 64  ? -0.143  -9.891  -3.173  1.00 13.54 ? 178 VAL A N   1 
ATOM   444 C CA  A VAL A 1 64  ? 0.882   -9.378  -4.069  0.46 12.58 ? 178 VAL A CA  1 
ATOM   445 C CA  B VAL A 1 64  ? 0.815   -9.367  -4.140  0.54 13.02 ? 178 VAL A CA  1 
ATOM   446 C C   . VAL A 1 64  ? 1.320   -10.456 -5.065  1.00 13.22 ? 178 VAL A C   1 
ATOM   447 O O   . VAL A 1 64  ? 1.517   -10.196 -6.255  1.00 13.02 ? 178 VAL A O   1 
ATOM   448 C CB  A VAL A 1 64  ? 2.021   -8.863  -3.164  0.46 12.05 ? 178 VAL A CB  1 
ATOM   449 C CB  B VAL A 1 64  ? 1.958   -8.539  -3.518  0.54 13.63 ? 178 VAL A CB  1 
ATOM   450 C CG1 A VAL A 1 64  ? 3.230   -8.497  -3.939  0.46 12.25 ? 178 VAL A CG1 1 
ATOM   451 C CG1 B VAL A 1 64  ? 1.377   -7.417  -2.666  0.54 13.83 ? 178 VAL A CG1 1 
ATOM   452 C CG2 A VAL A 1 64  ? 1.527   -7.666  -2.340  0.46 11.77 ? 178 VAL A CG2 1 
ATOM   453 C CG2 B VAL A 1 64  ? 2.945   -9.397  -2.742  0.54 13.92 ? 178 VAL A CG2 1 
ATOM   454 N N   . MET A 1 65  ? 1.495   -11.683 -4.577  1.00 14.36 ? 179 MET A N   1 
ATOM   455 C CA  . MET A 1 65  ? 1.889   -12.764 -5.476  1.00 16.17 ? 179 MET A CA  1 
ATOM   456 C C   . MET A 1 65  ? 0.811   -13.004 -6.520  1.00 15.24 ? 179 MET A C   1 
ATOM   457 O O   . MET A 1 65  ? 1.108   -13.157 -7.713  1.00 15.18 ? 179 MET A O   1 
ATOM   458 C CB  . MET A 1 65  ? 2.153   -14.043 -4.686  1.00 19.88 ? 179 MET A CB  1 
ATOM   459 C CG  . MET A 1 65  ? 3.405   -14.010 -3.826  1.00 24.92 ? 179 MET A CG  1 
ATOM   460 S SD  . MET A 1 65  ? 3.618   -15.425 -2.714  1.00 29.99 ? 179 MET A SD  1 
ATOM   461 C CE  . MET A 1 65  ? 1.938   -15.867 -2.307  1.00 31.07 ? 179 MET A CE  1 
ATOM   462 N N   . LYS A 1 66  ? -0.454  -13.030 -6.103  1.00 14.86 ? 180 LYS A N   1 
ATOM   463 C CA  . LYS A 1 66  ? -1.538  -13.309 -7.038  1.00 15.15 ? 180 LYS A CA  1 
ATOM   464 C C   . LYS A 1 66  ? -1.695  -12.199 -8.056  1.00 13.11 ? 180 LYS A C   1 
ATOM   465 O O   . LYS A 1 66  ? -2.147  -12.454 -9.186  1.00 13.93 ? 180 LYS A O   1 
ATOM   466 C CB  . LYS A 1 66  ? -2.834  -13.531 -6.256  1.00 19.13 ? 180 LYS A CB  1 
ATOM   467 C CG  . LYS A 1 66  ? -2.883  -14.869 -5.527  1.00 23.68 ? 180 LYS A CG  1 
ATOM   468 C CD  . LYS A 1 66  ? -2.574  -16.035 -6.470  1.00 27.05 ? 180 LYS A CD  1 
ATOM   469 C CE  . LYS A 1 66  ? -2.788  -17.365 -5.838  1.00 29.91 ? 180 LYS A CE  1 
ATOM   470 N NZ  . LYS A 1 66  ? -2.307  -18.400 -6.746  1.00 31.05 ? 180 LYS A NZ  1 
ATOM   471 N N   . ASN A 1 67  ? -1.316  -10.975 -7.692  1.00 12.75 ? 181 ASN A N   1 
ATOM   472 C CA  A ASN A 1 67  ? -1.431  -9.824  -8.576  0.59 12.13 ? 181 ASN A CA  1 
ATOM   473 C CA  B ASN A 1 67  ? -1.411  -9.794  -8.531  0.41 11.92 ? 181 ASN A CA  1 
ATOM   474 C C   . ASN A 1 67  ? -0.119  -9.477  -9.264  1.00 11.28 ? 181 ASN A C   1 
ATOM   475 O O   . ASN A 1 67  ? 0.022   -8.378  -9.790  1.00 11.60 ? 181 ASN A O   1 
ATOM   476 C CB  A ASN A 1 67  ? -2.048  -8.629  -7.844  0.59 13.87 ? 181 ASN A CB  1 
ATOM   477 C CB  B ASN A 1 67  ? -1.834  -8.592  -7.692  0.41 12.74 ? 181 ASN A CB  1 
ATOM   478 C CG  A ASN A 1 67  ? -3.547  -8.791  -7.659  0.59 16.04 ? 181 ASN A CG  1 
ATOM   479 C CG  B ASN A 1 67  ? -3.124  -8.016  -8.159  0.41 14.33 ? 181 ASN A CG  1 
ATOM   480 O OD1 A ASN A 1 67  ? -4.328  -8.469  -8.565  0.59 16.51 ? 181 ASN A OD1 1 
ATOM   481 O OD1 B ASN A 1 67  ? -4.194  -8.510  -7.808  0.41 14.88 ? 181 ASN A OD1 1 
ATOM   482 N ND2 A ASN A 1 67  ? -3.955  -9.340  -6.506  0.59 17.47 ? 181 ASN A ND2 1 
ATOM   483 N ND2 B ASN A 1 67  ? -3.044  -6.981  -8.981  0.41 15.54 ? 181 ASN A ND2 1 
ATOM   484 N N   . GLU A 1 68  ? 0.784   -10.444 -9.403  1.00 11.41 ? 182 GLU A N   1 
ATOM   485 C CA  . GLU A 1 68  ? 2.011   -10.187 -10.116 1.00 11.16 ? 182 GLU A CA  1 
ATOM   486 C C   . GLU A 1 68  ? 1.688   -9.648  -11.502 1.00 10.41 ? 182 GLU A C   1 
ATOM   487 O O   . GLU A 1 68  ? 0.851   -10.207 -12.245 1.00 11.22 ? 182 GLU A O   1 
ATOM   488 C CB  . GLU A 1 68  ? 2.817   -11.478 -10.217 1.00 12.69 ? 182 GLU A CB  1 
ATOM   489 C CG  . GLU A 1 68  ? 4.173   -11.274 -10.812 1.00 13.41 ? 182 GLU A CG  1 
ATOM   490 C CD  . GLU A 1 68  ? 4.976   -12.545 -10.916 1.00 16.49 ? 182 GLU A CD  1 
ATOM   491 O OE1 . GLU A 1 68  ? 4.424   -13.637 -10.629 1.00 19.48 ? 182 GLU A OE1 1 
ATOM   492 O OE2 . GLU A 1 68  ? 6.153   -12.450 -11.316 1.00 16.50 ? 182 GLU A OE2 1 
ATOM   493 N N   . ASP A 1 69  ? 2.341   -8.554  -11.852 1.00 9.85  ? 183 ASP A N   1 
ATOM   494 C CA  . ASP A 1 69  ? 2.247   -7.914  -13.170 1.00 10.15 ? 183 ASP A CA  1 
ATOM   495 C C   . ASP A 1 69  ? 0.917   -7.201  -13.405 1.00 10.98 ? 183 ASP A C   1 
ATOM   496 O O   . ASP A 1 69  ? 0.681   -6.727  -14.526 1.00 12.73 ? 183 ASP A O   1 
ATOM   497 C CB  . ASP A 1 69  ? 2.572   -8.882  -14.328 1.00 11.17 ? 183 ASP A CB  1 
ATOM   498 C CG  . ASP A 1 69  ? 4.042   -9.087  -14.511 1.00 13.02 ? 183 ASP A CG  1 
ATOM   499 O OD1 . ASP A 1 69  ? 4.835   -8.739  -13.614 1.00 14.63 ? 183 ASP A OD1 1 
ATOM   500 O OD2 . ASP A 1 69  ? 4.398   -9.620  -15.591 1.00 13.84 ? 183 ASP A OD2 1 
ATOM   501 N N   . ARG A 1 70  ? 0.063   -7.065  -12.383 1.00 10.13 ? 184 ARG A N   1 
ATOM   502 C CA  . ARG A 1 70  ? -1.220  -6.390  -12.511 1.00 10.00 ? 184 ARG A CA  1 
ATOM   503 C C   . ARG A 1 70  ? -1.310  -5.288  -11.452 1.00 10.05 ? 184 ARG A C   1 
ATOM   504 O O   . ARG A 1 70  ? -0.854  -5.465  -10.318 1.00 12.09 ? 184 ARG A O   1 
ATOM   505 C CB  . ARG A 1 70  ? -2.360  -7.375  -12.310 1.00 11.14 ? 184 ARG A CB  1 
ATOM   506 C CG  . ARG A 1 70  ? -2.400  -8.390  -13.445 1.00 13.22 ? 184 ARG A CG  1 
ATOM   507 C CD  . ARG A 1 70  ? -3.656  -9.233  -13.396 1.00 14.41 ? 184 ARG A CD  1 
ATOM   508 N NE  . ARG A 1 70  ? -3.686  -10.077 -12.219 1.00 15.25 ? 184 ARG A NE  1 
ATOM   509 C CZ  . ARG A 1 70  ? -4.703  -10.226 -11.378 1.00 18.53 ? 184 ARG A CZ  1 
ATOM   510 N NH1 . ARG A 1 70  ? -5.838  -9.553  -11.518 1.00 21.53 ? 184 ARG A NH1 1 
ATOM   511 N NH2 . ARG A 1 70  ? -4.559  -11.063 -10.357 1.00 19.15 ? 184 ARG A NH2 1 
ATOM   512 N N   . PRO A 1 71  ? -1.824  -4.122  -11.805 1.00 11.24 ? 185 PRO A N   1 
ATOM   513 C CA  A PRO A 1 71  ? -1.917  -3.038  -10.823 0.42 10.58 ? 185 PRO A CA  1 
ATOM   514 C CA  B PRO A 1 71  ? -1.915  -3.036  -10.820 0.58 10.18 ? 185 PRO A CA  1 
ATOM   515 C C   . PRO A 1 71  ? -2.904  -3.352  -9.706  1.00 10.63 ? 185 PRO A C   1 
ATOM   516 O O   . PRO A 1 71  ? -3.979  -3.888  -9.927  1.00 13.94 ? 185 PRO A O   1 
ATOM   517 C CB  A PRO A 1 71  ? -2.363  -1.848  -11.677 0.42 11.70 ? 185 PRO A CB  1 
ATOM   518 C CB  B PRO A 1 71  ? -2.380  -1.846  -11.666 0.58 11.41 ? 185 PRO A CB  1 
ATOM   519 C CG  A PRO A 1 71  ? -1.717  -2.103  -13.037 0.42 12.43 ? 185 PRO A CG  1 
ATOM   520 C CG  B PRO A 1 71  ? -3.179  -2.448  -12.770 0.58 12.12 ? 185 PRO A CG  1 
ATOM   521 C CD  A PRO A 1 71  ? -1.605  -3.597  -13.175 0.42 11.93 ? 185 PRO A CD  1 
ATOM   522 C CD  B PRO A 1 71  ? -2.491  -3.760  -13.073 0.58 12.82 ? 185 PRO A CD  1 
ATOM   523 N N   . LEU A 1 72  ? -2.536  -2.965  -8.492  1.00 10.60 ? 186 LEU A N   1 
ATOM   524 C CA  . LEU A 1 72  ? -3.327  -3.109  -7.269  1.00 13.13 ? 186 LEU A CA  1 
ATOM   525 C C   . LEU A 1 72  ? -3.557  -1.742  -6.657  1.00 10.61 ? 186 LEU A C   1 
ATOM   526 O O   . LEU A 1 72  ? -2.592  -0.987  -6.527  1.00 11.36 ? 186 LEU A O   1 
ATOM   527 C CB  . LEU A 1 72  ? -2.559  -3.892  -6.154  1.00 18.51 ? 186 LEU A CB  1 
ATOM   528 C CG  . LEU A 1 72  ? -2.522  -5.404  -6.191  1.00 20.48 ? 186 LEU A CG  1 
ATOM   529 C CD1 . LEU A 1 72  ? -1.606  -5.943  -5.112  1.00 21.81 ? 186 LEU A CD1 1 
ATOM   530 C CD2 . LEU A 1 72  ? -3.929  -5.925  -5.966  1.00 20.03 ? 186 LEU A CD2 1 
ATOM   531 N N   . PRO A 1 73  ? -4.750  -1.433  -6.157  1.00 11.22 ? 187 PRO A N   1 
ATOM   532 C CA  . PRO A 1 73  ? -4.935  -0.158  -5.459  1.00 11.59 ? 187 PRO A CA  1 
ATOM   533 C C   . PRO A 1 73  ? -4.270  -0.160  -4.104  1.00 10.83 ? 187 PRO A C   1 
ATOM   534 O O   . PRO A 1 73  ? -4.304  -1.150  -3.383  1.00 12.57 ? 187 PRO A O   1 
ATOM   535 C CB  . PRO A 1 73  ? -6.460  -0.060  -5.308  1.00 14.66 ? 187 PRO A CB  1 
ATOM   536 C CG  . PRO A 1 73  ? -6.921  -1.436  -5.289  1.00 15.93 ? 187 PRO A CG  1 
ATOM   537 C CD  . PRO A 1 73  ? -6.030  -2.183  -6.226  1.00 13.68 ? 187 PRO A CD  1 
ATOM   538 N N   . VAL A 1 74  ? -3.673  0.972   -3.763  1.00 9.48  ? 188 VAL A N   1 
ATOM   539 C CA  . VAL A 1 74  ? -3.051  1.178   -2.452  1.00 9.18  ? 188 VAL A CA  1 
ATOM   540 C C   . VAL A 1 74  ? -3.576  2.481   -1.879  1.00 9.26  ? 188 VAL A C   1 
ATOM   541 O O   . VAL A 1 74  ? -3.578  3.502   -2.557  1.00 12.79 ? 188 VAL A O   1 
ATOM   542 C CB  . VAL A 1 74  ? -1.521  1.225   -2.577  1.00 9.98  ? 188 VAL A CB  1 
ATOM   543 C CG1 . VAL A 1 74  ? -0.865  1.616   -1.273  1.00 12.13 ? 188 VAL A CG1 1 
ATOM   544 C CG2 . VAL A 1 74  ? -1.005  -0.110  -3.064  1.00 10.84 ? 188 VAL A CG2 1 
ATOM   545 N N   . LEU A 1 75  ? -4.005  2.439   -0.629  1.00 8.76  ? 189 LEU A N   1 
ATOM   546 C CA  . LEU A 1 75  ? -4.335  3.637   0.135   1.00 8.78  ? 189 LEU A CA  1 
ATOM   547 C C   . LEU A 1 75  ? -3.309  3.771   1.237   1.00 8.35  ? 189 LEU A C   1 
ATOM   548 O O   . LEU A 1 75  ? -2.998  2.801   1.937   1.00 8.87  ? 189 LEU A O   1 
ATOM   549 C CB  . LEU A 1 75  ? -5.702  3.506   0.784   1.00 10.57 ? 189 LEU A CB  1 
ATOM   550 C CG  . LEU A 1 75  ? -6.885  3.852   -0.087  1.00 14.50 ? 189 LEU A CG  1 
ATOM   551 C CD1 . LEU A 1 75  ? -8.162  3.472   0.637   1.00 16.47 ? 189 LEU A CD1 1 
ATOM   552 C CD2 . LEU A 1 75  ? -6.924  5.325   -0.349  1.00 18.68 ? 189 LEU A CD2 1 
ATOM   553 N N   . LEU A 1 76  ? -2.811  4.986   1.414   1.00 8.08  ? 190 LEU A N   1 
ATOM   554 C CA  . LEU A 1 76  ? -1.822  5.234   2.435   1.00 9.22  ? 190 LEU A CA  1 
ATOM   555 C C   . LEU A 1 76  ? -2.085  6.576   3.088   1.00 8.26  ? 190 LEU A C   1 
ATOM   556 O O   . LEU A 1 76  ? -2.788  7.426   2.564   1.00 9.08  ? 190 LEU A O   1 
ATOM   557 C CB  . LEU A 1 76  ? -0.453  5.017   1.918   1.00 12.32 ? 190 LEU A CB  1 
ATOM   558 C CG  . LEU A 1 76  ? -0.102  5.997   0.846   1.00 11.73 ? 190 LEU A CG  1 
ATOM   559 C CD1 . LEU A 1 76  ? 0.452   7.299   1.320   1.00 11.58 ? 190 LEU A CD1 1 
ATOM   560 C CD2 . LEU A 1 76  ? 0.904   5.314   -0.127  1.00 14.91 ? 190 LEU A CD2 1 
ATOM   561 N N   . LEU A 1 77  ? -1.499  6.741   4.259   1.00 8.08  ? 191 LEU A N   1 
ATOM   562 C CA  . LEU A 1 77  ? -1.534  7.988   5.014   1.00 8.22  ? 191 LEU A CA  1 
ATOM   563 C C   . LEU A 1 77  ? -0.136  8.576   5.003   1.00 7.91  ? 191 LEU A C   1 
ATOM   564 O O   . LEU A 1 77  ? 0.817   7.939   5.470   1.00 9.33  ? 191 LEU A O   1 
ATOM   565 C CB  . LEU A 1 77  ? -1.993  7.706   6.447   1.00 9.86  ? 191 LEU A CB  1 
ATOM   566 C CG  . LEU A 1 77  ? -2.250  8.964   7.271   1.00 11.64 ? 191 LEU A CG  1 
ATOM   567 C CD1 . LEU A 1 77  ? -3.510  9.615   6.831   1.00 13.12 ? 191 LEU A CD1 1 
ATOM   568 C CD2 . LEU A 1 77  ? -2.362  8.645   8.748   1.00 13.86 ? 191 LEU A CD2 1 
ATOM   569 N N   . ARG A 1 78  ? 0.003   9.752   4.410   1.00 8.31  ? 192 ARG A N   1 
ATOM   570 C CA  . ARG A 1 78  ? 1.295   10.429  4.301   1.00 9.12  ? 192 ARG A CA  1 
ATOM   571 C C   . ARG A 1 78  ? 1.116   11.827  4.852   1.00 9.80  ? 192 ARG A C   1 
ATOM   572 O O   . ARG A 1 78  ? 0.294   12.585  4.346   1.00 10.09 ? 192 ARG A O   1 
ATOM   573 C CB  . ARG A 1 78  ? 1.735   10.547  2.838   1.00 9.80  ? 192 ARG A CB  1 
ATOM   574 C CG  . ARG A 1 78  ? 3.043   11.305  2.684   1.00 10.73 ? 192 ARG A CG  1 
ATOM   575 C CD  . ARG A 1 78  ? 3.571   11.367  1.269   1.00 11.29 ? 192 ARG A CD  1 
ATOM   576 N NE  . ARG A 1 78  ? 3.675   10.018  0.767   1.00 10.98 ? 192 ARG A NE  1 
ATOM   577 C CZ  . ARG A 1 78  ? 3.667   9.667   -0.508  1.00 10.65 ? 192 ARG A CZ  1 
ATOM   578 N NH1 . ARG A 1 78  ? 3.680   10.587  -1.459  1.00 12.00 ? 192 ARG A NH1 1 
ATOM   579 N NH2 . ARG A 1 78  ? 3.635   8.369   -0.807  1.00 11.33 ? 192 ARG A NH2 1 
ATOM   580 N N   . GLU A 1 79  ? 1.885   12.177  5.889   1.00 10.96 ? 193 GLU A N   1 
ATOM   581 C CA  . GLU A 1 79  ? 1.818   13.524  6.441   1.00 13.29 ? 193 GLU A CA  1 
ATOM   582 C C   . GLU A 1 79  ? 0.387   13.877  6.822   1.00 12.51 ? 193 GLU A C   1 
ATOM   583 O O   . GLU A 1 79  ? -0.023  15.030  6.719   1.00 14.57 ? 193 GLU A O   1 
ATOM   584 C CB  . GLU A 1 79  ? 2.411   14.533  5.446   1.00 13.36 ? 193 GLU A CB  1 
ATOM   585 C CG  . GLU A 1 79  ? 3.868   14.253  5.135   1.00 15.07 ? 193 GLU A CG  1 
ATOM   586 C CD  . GLU A 1 79  ? 4.339   14.833  3.814   1.00 15.33 ? 193 GLU A CD  1 
ATOM   587 O OE1 . GLU A 1 79  ? 3.829   15.901  3.403   1.00 15.12 ? 193 GLU A OE1 1 
ATOM   588 O OE2 . GLU A 1 79  ? 5.240   14.239  3.195   1.00 16.77 ? 193 GLU A OE2 1 
ATOM   589 N N   . GLY A 1 80  ? -0.390  12.883  7.259   1.00 12.29 ? 194 GLY A N   1 
ATOM   590 C CA  . GLY A 1 80  ? -1.772  13.116  7.633   1.00 12.42 ? 194 GLY A CA  1 
ATOM   591 C C   . GLY A 1 80  ? -2.813  13.106  6.525   1.00 12.07 ? 194 GLY A C   1 
ATOM   592 O O   . GLY A 1 80  ? -4.012  13.266  6.814   1.00 14.11 ? 194 GLY A O   1 
ATOM   593 N N   . GLN A 1 81  ? -2.394  12.947  5.283   1.00 11.00 ? 195 GLN A N   1 
ATOM   594 C CA  A GLN A 1 81  ? -3.252  12.979  4.112   0.48 12.41 ? 195 GLN A CA  1 
ATOM   595 C CA  B GLN A 1 81  ? -3.278  12.970  4.128   0.52 12.28 ? 195 GLN A CA  1 
ATOM   596 C C   . GLN A 1 81  ? -3.431  11.557  3.596   1.00 11.63 ? 195 GLN A C   1 
ATOM   597 O O   . GLN A 1 81  ? -2.443  10.841  3.421   1.00 11.04 ? 195 GLN A O   1 
ATOM   598 C CB  A GLN A 1 81  ? -2.525  13.824  3.069   0.48 14.61 ? 195 GLN A CB  1 
ATOM   599 C CB  B GLN A 1 81  ? -2.684  13.846  3.032   0.52 14.27 ? 195 GLN A CB  1 
ATOM   600 C CG  A GLN A 1 81  ? -3.199  13.961  1.751   0.48 16.95 ? 195 GLN A CG  1 
ATOM   601 C CG  B GLN A 1 81  ? -3.613  14.108  1.867   0.52 16.27 ? 195 GLN A CG  1 
ATOM   602 C CD  A GLN A 1 81  ? -4.503  14.679  1.870   0.48 18.74 ? 195 GLN A CD  1 
ATOM   603 C CD  B GLN A 1 81  ? -4.491  15.309  2.104   0.52 18.15 ? 195 GLN A CD  1 
ATOM   604 O OE1 A GLN A 1 81  ? -4.575  15.798  2.384   0.48 19.57 ? 195 GLN A OE1 1 
ATOM   605 O OE1 B GLN A 1 81  ? -4.902  15.589  3.222   0.52 18.27 ? 195 GLN A OE1 1 
ATOM   606 N NE2 A GLN A 1 81  ? -5.558  14.031  1.413   0.48 19.18 ? 195 GLN A NE2 1 
ATOM   607 N NE2 B GLN A 1 81  ? -4.772  16.033  1.053   0.52 19.09 ? 195 GLN A NE2 1 
ATOM   608 N N   . ILE A 1 82  ? -4.665  11.152  3.345   1.00 12.32 ? 196 ILE A N   1 
ATOM   609 C CA  . ILE A 1 82  ? -4.896  9.879   2.662   1.00 12.75 ? 196 ILE A CA  1 
ATOM   610 C C   . ILE A 1 82  ? -4.639  10.053  1.163   1.00 12.45 ? 196 ILE A C   1 
ATOM   611 O O   . ILE A 1 82  ? -5.191  10.954  0.524   1.00 16.34 ? 196 ILE A O   1 
ATOM   612 C CB  . ILE A 1 82  ? -6.307  9.325   2.955   1.00 14.73 ? 196 ILE A CB  1 
ATOM   613 C CG1 . ILE A 1 82  ? -6.507  9.015   4.465   1.00 16.03 ? 196 ILE A CG1 1 
ATOM   614 C CG2 . ILE A 1 82  ? -6.536  8.068   2.122   1.00 15.87 ? 196 ILE A CG2 1 
ATOM   615 C CD1 . ILE A 1 82  ? -7.915  8.553   4.871   1.00 17.67 ? 196 ILE A CD1 1 
ATOM   616 N N   . LEU A 1 83  ? -3.768  9.217   0.618   1.00 9.83  ? 197 LEU A N   1 
ATOM   617 C CA  . LEU A 1 83  ? -3.417  9.220   -0.797  1.00 10.33 ? 197 LEU A CA  1 
ATOM   618 C C   . LEU A 1 83  ? -3.803  7.877   -1.380  1.00 9.59  ? 197 LEU A C   1 
ATOM   619 O O   . LEU A 1 83  ? -3.636  6.835   -0.762  1.00 10.31 ? 197 LEU A O   1 
ATOM   620 C CB  . LEU A 1 83  ? -1.893  9.459   -0.991  1.00 12.90 ? 197 LEU A CB  1 
ATOM   621 C CG  . LEU A 1 83  ? -1.344  10.835  -0.544  1.00 14.64 ? 197 LEU A CG  1 
ATOM   622 C CD1 . LEU A 1 83  ? 0.139   10.847  -0.793  1.00 15.59 ? 197 LEU A CD1 1 
ATOM   623 C CD2 . LEU A 1 83  ? -2.040  11.997  -1.252  1.00 16.72 ? 197 LEU A CD2 1 
ATOM   624 N N   . LYS A 1 84  ? -4.285  7.905   -2.604  1.00 9.81  ? 198 LYS A N   1 
ATOM   625 C CA  . LYS A 1 84  ? -4.581  6.693   -3.367  1.00 10.10 ? 198 LYS A CA  1 
ATOM   626 C C   . LYS A 1 84  ? -3.564  6.551   -4.487  1.00 9.58  ? 198 LYS A C   1 
ATOM   627 O O   . LYS A 1 84  ? -3.411  7.450   -5.301  1.00 11.86 ? 198 LYS A O   1 
ATOM   628 C CB  . LYS A 1 84  ? -5.949  6.817   -4.001  1.00 13.14 ? 198 LYS A CB  1 
ATOM   629 C CG  . LYS A 1 84  ? -7.075  7.223   -3.121  1.00 19.84 ? 198 LYS A CG  1 
ATOM   630 C CD  . LYS A 1 84  ? -8.416  7.203   -3.831  1.00 25.06 ? 198 LYS A CD  1 
ATOM   631 C CE  . LYS A 1 84  ? -9.528  7.415   -2.810  1.00 28.22 ? 198 LYS A CE  1 
ATOM   632 N NZ  . LYS A 1 84  ? -10.877 7.360   -3.458  1.00 30.12 ? 198 LYS A NZ  1 
ATOM   633 N N   . THR A 1 85  ? -2.907  5.408   -4.548  1.00 9.72  ? 199 THR A N   1 
ATOM   634 C CA  . THR A 1 85  ? -1.982  5.112   -5.628  1.00 9.24  ? 199 THR A CA  1 
ATOM   635 C C   . THR A 1 85  ? -2.259  3.680   -6.087  1.00 8.68  ? 199 THR A C   1 
ATOM   636 O O   . THR A 1 85  ? -3.281  3.072   -5.746  1.00 9.11  ? 199 THR A O   1 
ATOM   637 C CB  . THR A 1 85  ? -0.524  5.432   -5.235  1.00 9.74  ? 199 THR A CB  1 
ATOM   638 O OG1 . THR A 1 85  ? 0.304   5.357   -6.411  1.00 10.22 ? 199 THR A OG1 1 
ATOM   639 C CG2 . THR A 1 85  ? 0.029   4.529   -4.168  1.00 11.12 ? 199 THR A CG2 1 
ATOM   640 N N   . SER A 1 86  ? -1.384  3.195   -6.937  1.00 8.38  ? 200 SER A N   1 
ATOM   641 C CA  A SER A 1 86  ? -1.448  1.840   -7.443  0.74 8.62  ? 200 SER A CA  1 
ATOM   642 C CA  B SER A 1 86  ? -1.453  1.851   -7.468  0.26 9.04  ? 200 SER A CA  1 
ATOM   643 C C   . SER A 1 86  ? -0.044  1.287   -7.523  1.00 8.82  ? 200 SER A C   1 
ATOM   644 O O   . SER A 1 86  ? 0.897   2.012   -7.836  1.00 10.52 ? 200 SER A O   1 
ATOM   645 C CB  A SER A 1 86  ? -2.077  1.760   -8.845  0.74 9.13  ? 200 SER A CB  1 
ATOM   646 C CB  B SER A 1 86  ? -2.064  1.885   -8.871  0.26 10.05 ? 200 SER A CB  1 
ATOM   647 O OG  A SER A 1 86  ? -3.352  2.367   -8.930  0.74 10.81 ? 200 SER A OG  1 
ATOM   648 O OG  B SER A 1 86  ? -2.042  0.613   -9.477  0.26 11.68 ? 200 SER A OG  1 
ATOM   649 N N   . LEU A 1 87  ? 0.071   0.014   -7.248  1.00 8.73  ? 201 LEU A N   1 
ATOM   650 C CA  . LEU A 1 87  ? 1.325   -0.700  -7.260  1.00 9.05  ? 201 LEU A CA  1 
ATOM   651 C C   . LEU A 1 87  ? 1.167   -1.902  -8.174  1.00 9.18  ? 201 LEU A C   1 
ATOM   652 O O   . LEU A 1 87  ? 0.181   -2.622  -8.071  1.00 11.25 ? 201 LEU A O   1 
ATOM   653 C CB  . LEU A 1 87  ? 1.588   -1.151  -5.798  1.00 12.86 ? 201 LEU A CB  1 
ATOM   654 C CG  . LEU A 1 87  ? 2.968   -1.765  -5.540  1.00 15.68 ? 201 LEU A CG  1 
ATOM   655 C CD1 . LEU A 1 87  ? 3.404   -1.466  -4.148  1.00 17.29 ? 201 LEU A CD1 1 
ATOM   656 C CD2 . LEU A 1 87  ? 2.929   -3.205  -5.734  1.00 16.63 ? 201 LEU A CD2 1 
ATOM   657 N N   . THR A 1 88  ? 2.163   -2.160  -9.004  1.00 8.91  ? 202 THR A N   1 
ATOM   658 C CA  . THR A 1 88  ? 2.176   -3.353  -9.846  1.00 9.37  ? 202 THR A CA  1 
ATOM   659 C C   . THR A 1 88  ? 3.292   -4.249  -9.338  1.00 8.93  ? 202 THR A C   1 
ATOM   660 O O   . THR A 1 88  ? 4.477   -3.982  -9.593  1.00 9.90  ? 202 THR A O   1 
ATOM   661 C CB  . THR A 1 88  ? 2.401   -2.973  -11.309 1.00 10.41 ? 202 THR A CB  1 
ATOM   662 O OG1 . THR A 1 88  ? 1.270   -2.259  -11.782 1.00 12.05 ? 202 THR A OG1 1 
ATOM   663 C CG2 . THR A 1 88  ? 2.529   -4.196  -12.173 1.00 11.54 ? 202 THR A CG2 1 
ATOM   664 N N   . PRO A 1 89  ? 2.977   -5.293  -8.580  1.00 9.19  ? 203 PRO A N   1 
ATOM   665 C CA  . PRO A 1 89  ? 4.041   -6.173  -8.089  1.00 9.66  ? 203 PRO A CA  1 
ATOM   666 C C   . PRO A 1 89  ? 4.760   -6.806  -9.266  1.00 10.26 ? 203 PRO A C   1 
ATOM   667 O O   . PRO A 1 89  ? 4.126   -7.167  -10.262 1.00 10.77 ? 203 PRO A O   1 
ATOM   668 C CB  . PRO A 1 89  ? 3.281   -7.220  -7.283  1.00 11.11 ? 203 PRO A CB  1 
ATOM   669 C CG  . PRO A 1 89  ? 1.903   -6.590  -6.980  1.00 10.62 ? 203 PRO A CG  1 
ATOM   670 C CD  . PRO A 1 89  ? 1.634   -5.734  -8.162  1.00 9.79  ? 203 PRO A CD  1 
ATOM   671 N N   . SER A 1 90  ? 6.075   -6.961  -9.177  1.00 11.00 ? 204 SER A N   1 
ATOM   672 C CA  . SER A 1 90  ? 6.838   -7.427  -10.323 1.00 12.91 ? 204 SER A CA  1 
ATOM   673 C C   . SER A 1 90  ? 8.183   -7.927  -9.870  1.00 13.92 ? 204 SER A C   1 
ATOM   674 O O   . SER A 1 90  ? 8.718   -7.460  -8.876  1.00 17.01 ? 204 SER A O   1 
ATOM   675 C CB  . SER A 1 90  ? 7.044   -6.272  -11.306 1.00 16.74 ? 204 SER A CB  1 
ATOM   676 O OG  . SER A 1 90  ? 7.922   -6.563  -12.341 1.00 20.25 ? 204 SER A OG  1 
ATOM   677 N N   . ARG A 1 91  ? 8.742   -8.844  -10.629 0.84 12.13 ? 205 ARG A N   1 
ATOM   678 C CA  . ARG A 1 91  ? 10.099  -9.299  -10.337 0.84 13.53 ? 205 ARG A CA  1 
ATOM   679 C C   . ARG A 1 91  ? 11.169  -8.526  -11.110 0.84 15.24 ? 205 ARG A C   1 
ATOM   680 O O   . ARG A 1 91  ? 12.338  -8.494  -10.683 0.84 17.69 ? 205 ARG A O   1 
ATOM   681 C CB  . ARG A 1 91  ? 10.177  -10.821 -10.528 0.84 14.79 ? 205 ARG A CB  1 
ATOM   682 C CG  . ARG A 1 91  ? 9.219   -11.566 -9.632  0.84 14.79 ? 205 ARG A CG  1 
ATOM   683 C CD  . ARG A 1 91  ? 9.466   -13.082 -9.501  0.84 18.64 ? 205 ARG A CD  1 
ATOM   684 N NE  . ARG A 1 91  ? 8.525   -13.673 -8.529  0.84 22.31 ? 205 ARG A NE  1 
ATOM   685 C CZ  . ARG A 1 91  ? 8.665   -13.698 -7.203  0.84 23.26 ? 205 ARG A CZ  1 
ATOM   686 N NH1 . ARG A 1 91  ? 9.729   -13.179 -6.599  0.84 23.84 ? 205 ARG A NH1 1 
ATOM   687 N NH2 . ARG A 1 91  ? 7.717   -14.267 -6.463  0.84 25.07 ? 205 ARG A NH2 1 
ATOM   688 N N   . ASN A 1 92  ? 10.771  -7.804  -12.145 0.79 12.90 ? 206 ASN A N   1 
ATOM   689 C CA  . ASN A 1 92  ? 11.634  -7.395  -13.235 0.79 14.29 ? 206 ASN A CA  1 
ATOM   690 C C   . ASN A 1 92  ? 12.623  -6.291  -12.940 0.79 17.32 ? 206 ASN A C   1 
ATOM   691 O O   . ASN A 1 92  ? 13.201  -5.757  -13.889 0.79 19.36 ? 206 ASN A O   1 
ATOM   692 C CB  . ASN A 1 92  ? 10.782  -6.958  -14.410 0.79 15.48 ? 206 ASN A CB  1 
ATOM   693 C CG  . ASN A 1 92  ? 9.897   -5.764  -14.066 0.79 17.55 ? 206 ASN A CG  1 
ATOM   694 O OD1 . ASN A 1 92  ? 9.983   -5.221  -12.961 0.79 20.04 ? 206 ASN A OD1 1 
ATOM   695 N ND2 . ASN A 1 92  ? 9.025   -5.376  -14.983 0.79 18.99 ? 206 ASN A ND2 1 
ATOM   696 N N   . TRP A 1 93  ? 12.896  -6.019  -11.667 1.00 17.13 ? 207 TRP A N   1 
ATOM   697 C CA  . TRP A 1 93  ? 13.693  -4.904  -11.167 1.00 19.27 ? 207 TRP A CA  1 
ATOM   698 C C   . TRP A 1 93  ? 14.880  -5.441  -10.364 1.00 20.97 ? 207 TRP A C   1 
ATOM   699 O O   . TRP A 1 93  ? 14.931  -6.616  -9.990  1.00 20.54 ? 207 TRP A O   1 
ATOM   700 C CB  . TRP A 1 93  ? 12.797  -3.970  -10.312 1.00 18.11 ? 207 TRP A CB  1 
ATOM   701 C CG  . TRP A 1 93  ? 12.240  -4.677  -9.103  1.00 17.07 ? 207 TRP A CG  1 
ATOM   702 C CD1 . TRP A 1 93  ? 11.210  -5.578  -9.072  1.00 15.95 ? 207 TRP A CD1 1 
ATOM   703 C CD2 . TRP A 1 93  ? 12.730  -4.589  -7.772  1.00 17.16 ? 207 TRP A CD2 1 
ATOM   704 N NE1 . TRP A 1 93  ? 11.024  -6.044  -7.787  1.00 15.81 ? 207 TRP A NE1 1 
ATOM   705 C CE2 . TRP A 1 93  ? 11.961  -5.461  -6.978  1.00 15.64 ? 207 TRP A CE2 1 
ATOM   706 C CE3 . TRP A 1 93  ? 13.734  -3.841  -7.162  1.00 18.76 ? 207 TRP A CE3 1 
ATOM   707 C CZ2 . TRP A 1 93  ? 12.158  -5.590  -5.620  1.00 17.13 ? 207 TRP A CZ2 1 
ATOM   708 C CZ3 . TRP A 1 93  ? 13.916  -3.966  -5.826  1.00 19.48 ? 207 TRP A CZ3 1 
ATOM   709 C CH2 . TRP A 1 93  ? 13.152  -4.850  -5.069  1.00 17.98 ? 207 TRP A CH2 1 
ATOM   710 N N   . ASN A 1 94  ? 15.833  -4.555  -10.057 1.00 23.69 ? 208 ASN A N   1 
ATOM   711 C CA  . ASN A 1 94  ? 17.092  -4.979  -9.434  1.00 25.75 ? 208 ASN A CA  1 
ATOM   712 C C   . ASN A 1 94  ? 16.958  -5.055  -7.912  1.00 24.24 ? 208 ASN A C   1 
ATOM   713 O O   . ASN A 1 94  ? 17.330  -4.138  -7.171  1.00 26.12 ? 208 ASN A O   1 
ATOM   714 C CB  . ASN A 1 94  ? 18.242  -4.067  -9.848  1.00 29.29 ? 208 ASN A CB  1 
ATOM   715 C CG  . ASN A 1 94  ? 19.615  -4.681  -9.558  1.00 32.49 ? 208 ASN A CG  1 
ATOM   716 O OD1 . ASN A 1 94  ? 19.742  -5.602  -8.742  1.00 33.08 ? 208 ASN A OD1 1 
ATOM   717 N ND2 . ASN A 1 94  ? 20.645  -4.180  -10.236 1.00 34.97 ? 208 ASN A ND2 1 
ATOM   718 N N   . GLY A 1 95  ? 16.444  -6.187  -7.440  1.00 22.71 ? 209 GLY A N   1 
ATOM   719 C CA  . GLY A 1 95  ? 16.285  -6.422  -6.019  1.00 21.07 ? 209 GLY A CA  1 
ATOM   720 C C   . GLY A 1 95  ? 15.475  -7.676  -5.765  1.00 19.92 ? 209 GLY A C   1 
ATOM   721 O O   . GLY A 1 95  ? 15.130  -8.404  -6.693  1.00 19.65 ? 209 GLY A O   1 
ATOM   722 N N   . ARG A 1 96  ? 15.181  -7.922  -4.497  1.00 19.56 ? 210 ARG A N   1 
ATOM   723 C CA  . ARG A 1 96  ? 14.547  -9.162  -4.063  1.00 19.10 ? 210 ARG A CA  1 
ATOM   724 C C   . ARG A 1 96  ? 13.043  -8.980  -3.914  1.00 17.39 ? 210 ARG A C   1 
ATOM   725 O O   . ARG A 1 96  ? 12.589  -8.028  -3.287  1.00 17.57 ? 210 ARG A O   1 
ATOM   726 C CB  . ARG A 1 96  ? 15.131  -9.615  -2.725  1.00 21.31 ? 210 ARG A CB  1 
ATOM   727 C CG  . ARG A 1 96  ? 14.581  -10.948 -2.254  1.00 23.41 ? 210 ARG A CG  1 
ATOM   728 C CD  . ARG A 1 96  ? 15.084  -11.287 -0.857  1.00 25.65 ? 210 ARG A CD  1 
ATOM   729 N N   . GLY A 1 97  ? 12.273  -9.888  -4.484  1.00 15.99 ? 211 GLY A N   1 
ATOM   730 C CA  . GLY A 1 97  ? 10.852  -9.929  -4.245  1.00 16.04 ? 211 GLY A CA  1 
ATOM   731 C C   . GLY A 1 97  ? 10.044  -9.062  -5.192  1.00 14.38 ? 211 GLY A C   1 
ATOM   732 O O   . GLY A 1 97  ? 10.520  -8.502  -6.181  1.00 14.90 ? 211 GLY A O   1 
ATOM   733 N N   . LEU A 1 98  ? 8.768   -8.948  -4.846  1.00 13.31 ? 212 LEU A N   1 
ATOM   734 C CA  . LEU A 1 98  ? 7.779   -8.336  -5.715  1.00 13.39 ? 212 LEU A CA  1 
ATOM   735 C C   . LEU A 1 98  ? 7.506   -6.887  -5.383  1.00 12.59 ? 212 LEU A C   1 
ATOM   736 O O   . LEU A 1 98  ? 6.817   -6.214  -6.150  1.00 13.04 ? 212 LEU A O   1 
ATOM   737 C CB  . LEU A 1 98  ? 6.469   -9.101  -5.577  1.00 14.42 ? 212 LEU A CB  1 
ATOM   738 C CG  . LEU A 1 98  ? 6.436   -10.496 -6.185  1.00 16.50 ? 212 LEU A CG  1 
ATOM   739 C CD1 . LEU A 1 98  ? 5.293   -11.353 -5.641  1.00 18.52 ? 212 LEU A CD1 1 
ATOM   740 C CD2 . LEU A 1 98  ? 6.276   -10.372 -7.671  1.00 18.18 ? 212 LEU A CD2 1 
ATOM   741 N N   . LEU A 1 99  ? 7.994   -6.395  -4.235  1.00 12.41 ? 213 LEU A N   1 
ATOM   742 C CA  . LEU A 1 99  ? 7.602   -5.089  -3.716  1.00 11.94 ? 213 LEU A CA  1 
ATOM   743 C C   . LEU A 1 99  ? 8.757   -4.128  -3.552  1.00 11.21 ? 213 LEU A C   1 
ATOM   744 O O   . LEU A 1 99  ? 8.629   -2.964  -3.929  1.00 12.03 ? 213 LEU A O   1 
ATOM   745 C CB  . LEU A 1 99  ? 6.885   -5.185  -2.365  1.00 14.40 ? 213 LEU A CB  1 
ATOM   746 C CG  . LEU A 1 99  ? 5.564   -5.917  -2.382  1.00 15.65 ? 213 LEU A CG  1 
ATOM   747 C CD1 . LEU A 1 99  ? 4.934   -5.943  -1.024  1.00 17.44 ? 213 LEU A CD1 1 
ATOM   748 C CD2 . LEU A 1 99  ? 4.625   -5.312  -3.417  1.00 17.36 ? 213 LEU A CD2 1 
ATOM   749 N N   . GLY A 1 100 ? 9.837   -4.545  -2.905  1.00 11.40 ? 214 GLY A N   1 
ATOM   750 C CA  . GLY A 1 100 ? 10.930  -3.642  -2.658  1.00 11.81 ? 214 GLY A CA  1 
ATOM   751 C C   . GLY A 1 100 ? 10.675  -2.653  -1.547  1.00 11.80 ? 214 GLY A C   1 
ATOM   752 O O   . GLY A 1 100 ? 11.325  -1.608  -1.500  1.00 14.04 ? 214 GLY A O   1 
ATOM   753 N N   . CYS A 1 101 ? 9.760   -2.953  -0.638  1.00 12.06 ? 215 CYS A N   1 
ATOM   754 C CA  . CYS A 1 101 ? 9.655   -2.169  0.579   1.00 12.94 ? 215 CYS A CA  1 
ATOM   755 C C   . CYS A 1 101 ? 9.446   -3.129  1.726   1.00 12.80 ? 215 CYS A C   1 
ATOM   756 O O   . CYS A 1 101 ? 9.083   -4.292  1.538   1.00 16.33 ? 215 CYS A O   1 
ATOM   757 C CB  . CYS A 1 101 ? 8.536   -1.149  0.499   1.00 14.68 ? 215 CYS A CB  1 
ATOM   758 S SG  . CYS A 1 101 ? 6.901   -1.803  0.299   1.00 17.26 ? 215 CYS A SG  1 
ATOM   759 N N   . ARG A 1 102 ? 9.700   -2.626  2.919   1.00 11.72 ? 216 ARG A N   1 
ATOM   760 C CA  . ARG A 1 102 ? 9.432   -3.364  4.137   1.00 12.23 ? 216 ARG A CA  1 
ATOM   761 C C   . ARG A 1 102 ? 8.137   -2.835  4.737   1.00 11.81 ? 216 ARG A C   1 
ATOM   762 O O   . ARG A 1 102 ? 7.962   -1.619  4.899   1.00 13.29 ? 216 ARG A O   1 
ATOM   763 C CB  . ARG A 1 102 ? 10.585  -3.227  5.116   1.00 14.95 ? 216 ARG A CB  1 
ATOM   764 C CG  . ARG A 1 102 ? 10.378  -4.077  6.346   1.00 17.94 ? 216 ARG A CG  1 
ATOM   765 C CD  . ARG A 1 102 ? 11.471  -3.875  7.350   1.00 23.17 ? 216 ARG A CD  1 
ATOM   766 N NE  . ARG A 1 102 ? 12.686  -4.578  6.968   1.00 27.41 ? 216 ARG A NE  1 
ATOM   767 C CZ  . ARG A 1 102 ? 13.011  -5.810  7.366   1.00 30.69 ? 216 ARG A CZ  1 
ATOM   768 N NH1 . ARG A 1 102 ? 12.198  -6.502  8.163   1.00 32.14 ? 216 ARG A NH1 1 
ATOM   769 N NH2 . ARG A 1 102 ? 14.162  -6.350  6.970   1.00 31.95 ? 216 ARG A NH2 1 
ATOM   770 N N   . ILE A 1 103 ? 7.224   -3.749  5.033   1.00 11.95 ? 217 ILE A N   1 
ATOM   771 C CA  . ILE A 1 103 ? 5.918   -3.437  5.597   1.00 10.89 ? 217 ILE A CA  1 
ATOM   772 C C   . ILE A 1 103 ? 5.827   -4.127  6.935   1.00 11.99 ? 217 ILE A C   1 
ATOM   773 O O   . ILE A 1 103 ? 5.949   -5.352  7.002   1.00 13.52 ? 217 ILE A O   1 
ATOM   774 C CB  . ILE A 1 103 ? 4.796   -3.942  4.687   1.00 10.95 ? 217 ILE A CB  1 
ATOM   775 C CG1 . ILE A 1 103 ? 4.922   -3.349  3.282   1.00 12.88 ? 217 ILE A CG1 1 
ATOM   776 C CG2 . ILE A 1 103 ? 3.443   -3.651  5.314   1.00 12.36 ? 217 ILE A CG2 1 
ATOM   777 C CD1 . ILE A 1 103 ? 3.940   -3.926  2.282   1.00 14.42 ? 217 ILE A CD1 1 
ATOM   778 N N   . GLN A 1 104 ? 5.604   -3.352  7.993   1.00 13.24 ? 218 GLN A N   1 
ATOM   779 C CA  . GLN A 1 104 ? 5.499   -3.902  9.341   1.00 14.58 ? 218 GLN A CA  1 
ATOM   780 C C   . GLN A 1 104 ? 4.236   -3.402  10.011  1.00 14.38 ? 218 GLN A C   1 
ATOM   781 O O   . GLN A 1 104 ? 3.757   -2.321  9.714   1.00 13.60 ? 218 GLN A O   1 
ATOM   782 C CB  . GLN A 1 104 ? 6.670   -3.502  10.198  1.00 16.24 ? 218 GLN A CB  1 
ATOM   783 C CG  . GLN A 1 104 ? 7.968   -4.136  9.770   1.00 18.80 ? 218 GLN A CG  1 
ATOM   784 C CD  . GLN A 1 104 ? 9.161   -3.454  10.398  1.00 20.27 ? 218 GLN A CD  1 
ATOM   785 O OE1 . GLN A 1 104 ? 9.372   -2.252  10.204  1.00 21.74 ? 218 GLN A OE1 1 
ATOM   786 N NE2 . GLN A 1 104 ? 9.946   -4.207  11.183  1.00 20.62 ? 218 GLN A NE2 1 
ATOM   787 N N   . GLU A 1 105 ? 3.683   -4.196  10.927  1.00 17.02 ? 219 GLU A N   1 
ATOM   788 C CA  . GLU A 1 105 ? 2.451   -3.788  11.593  1.00 19.08 ? 219 GLU A CA  1 
ATOM   789 C C   . GLU A 1 105 ? 2.702   -2.616  12.534  1.00 20.75 ? 219 GLU A C   1 
ATOM   790 O O   . GLU A 1 105 ? 3.769   -2.484  13.131  1.00 22.86 ? 219 GLU A O   1 
ATOM   791 C CB  . GLU A 1 105 ? 1.849   -4.937  12.402  1.00 22.86 ? 219 GLU A CB  1 
ATOM   792 C CG  . GLU A 1 105 ? 0.777   -5.695  11.674  1.00 25.69 ? 219 GLU A CG  1 
ATOM   793 C CD  . GLU A 1 105 ? -0.049  -6.554  12.609  1.00 28.27 ? 219 GLU A CD  1 
ATOM   794 O OE1 . GLU A 1 105 ? 0.310   -7.726  12.767  1.00 29.36 ? 219 GLU A OE1 1 
ATOM   795 O OE2 . GLU A 1 105 ? -1.033  -6.053  13.199  1.00 29.46 ? 219 GLU A OE2 1 
ATOM   796 N N   . LEU A 1 106 ? 1.703   -1.755  12.650  1.00 20.19 ? 220 LEU A N   1 
ATOM   797 C CA  . LEU A 1 106 ? 1.703   -0.728  13.682  1.00 23.52 ? 220 LEU A CA  1 
ATOM   798 C C   . LEU A 1 106 ? 1.320   -1.406  14.979  1.00 29.48 ? 220 LEU A C   1 
ATOM   799 O O   . LEU A 1 106 ? 1.784   -1.019  16.039  1.00 32.71 ? 220 LEU A O   1 
ATOM   800 C CB  . LEU A 1 106 ? 0.694   0.347   13.344  1.00 22.62 ? 220 LEU A CB  1 
ATOM   801 C CG  . LEU A 1 106 ? 1.012   1.129   12.079  1.00 20.86 ? 220 LEU A CG  1 
ATOM   802 C CD1 . LEU A 1 106 ? -0.200  1.878   11.583  1.00 22.35 ? 220 LEU A CD1 1 
ATOM   803 C CD2 . LEU A 1 106 ? 2.160   2.080   12.299  1.00 21.39 ? 220 LEU A CD2 1 
ATOM   804 O OXT . LEU A 1 106 ? 0.546   -2.374  14.959  1.00 31.84 ? 220 LEU A OXT 1 
HETATM 805 C C4  . PG4 B 2 .   ? -8.312  -2.668  -9.785  1.00 29.92 ? 301 PG4 A C4  1 
HETATM 806 O O3  . PG4 B 2 .   ? -6.943  -3.054  -9.926  1.00 29.64 ? 301 PG4 A O3  1 
HETATM 807 C C5  . PG4 B 2 .   ? -6.115  -2.026  -10.436 1.00 29.46 ? 301 PG4 A C5  1 
HETATM 808 C C6  . PG4 B 2 .   ? -5.784  -1.195  -9.252  1.00 28.80 ? 301 PG4 A C6  1 
HETATM 809 O O4  . PG4 B 2 .   ? -4.949  -0.064  -9.375  1.00 27.87 ? 301 PG4 A O4  1 
HETATM 810 C C7  . PG4 B 2 .   ? -5.374  0.737   -8.312  1.00 28.90 ? 301 PG4 A C7  1 
HETATM 811 C C8  . PG4 B 2 .   ? -6.186  1.912   -8.759  1.00 30.25 ? 301 PG4 A C8  1 
HETATM 812 O O5  . PG4 B 2 .   ? -7.447  1.979   -8.097  1.00 31.20 ? 301 PG4 A O5  1 
HETATM 813 S S   . SO4 C 3 .   ? -18.385 22.400  6.741   1.00 29.67 ? 302 SO4 A S   1 
HETATM 814 O O1  . SO4 C 3 .   ? -18.831 23.805  6.777   1.00 31.35 ? 302 SO4 A O1  1 
HETATM 815 O O2  . SO4 C 3 .   ? -19.405 21.525  7.320   1.00 30.46 ? 302 SO4 A O2  1 
HETATM 816 O O3  . SO4 C 3 .   ? -18.229 22.050  5.325   1.00 31.17 ? 302 SO4 A O3  1 
HETATM 817 O O4  . SO4 C 3 .   ? -17.113 22.269  7.450   1.00 30.48 ? 302 SO4 A O4  1 
HETATM 818 O O   . HOH D 4 .   ? -6.674  -0.984  -1.617  1.00 15.92 ? 401 HOH A O   1 
HETATM 819 O O   . HOH D 4 .   ? 5.918   9.357   4.274   1.00 13.15 ? 402 HOH A O   1 
HETATM 820 O O   . HOH D 4 .   ? 4.331   -0.219  -9.055  1.00 10.76 ? 403 HOH A O   1 
HETATM 821 O O   . HOH D 4 .   ? -7.525  -0.108  6.772   1.00 12.02 ? 404 HOH A O   1 
HETATM 822 O O   . HOH D 4 .   ? 6.155   -2.659  -11.327 1.00 27.79 ? 405 HOH A O   1 
HETATM 823 O O   . HOH D 4 .   ? 10.071  -7.228  -2.256  1.00 14.80 ? 406 HOH A O   1 
HETATM 824 O O   . HOH D 4 .   ? -1.334  -11.750 -11.752 1.00 13.28 ? 407 HOH A O   1 
HETATM 825 O O   . HOH D 4 .   ? 3.192   -9.225  -17.924 1.00 17.36 ? 408 HOH A O   1 
HETATM 826 O O   . HOH D 4 .   ? 8.566   6.665   -4.139  1.00 15.68 ? 409 HOH A O   1 
HETATM 827 O O   . HOH D 4 .   ? 6.970   -10.156 -12.465 1.00 14.62 ? 410 HOH A O   1 
HETATM 828 O O   . HOH D 4 .   ? 3.114   5.521   -10.132 1.00 18.58 ? 411 HOH A O   1 
HETATM 829 O O   . HOH D 4 .   ? 5.921   -15.347 -12.309 1.00 23.79 ? 412 HOH A O   1 
HETATM 830 O O   . HOH D 4 .   ? -5.047  10.536  -3.710  1.00 15.82 ? 413 HOH A O   1 
HETATM 831 O O   . HOH D 4 .   ? -4.864  -0.944  12.837  1.00 22.88 ? 414 HOH A O   1 
HETATM 832 O O   . HOH D 4 .   ? 0.652   0.288   -10.896 1.00 14.01 ? 415 HOH A O   1 
HETATM 833 O O   . HOH D 4 .   ? 1.695   17.470  3.763   1.00 17.81 ? 416 HOH A O   1 
HETATM 834 O O   . HOH D 4 .   ? 12.721  -9.149  -7.828  1.00 24.30 ? 417 HOH A O   1 
HETATM 835 O O   . HOH D 4 .   ? -6.478  -8.367  10.381  1.00 29.71 ? 418 HOH A O   1 
HETATM 836 O O   . HOH D 4 .   ? -10.654 5.828   10.898  1.00 21.70 ? 419 HOH A O   1 
HETATM 837 O O   . HOH D 4 .   ? 11.034  7.459   0.855   1.00 18.50 ? 420 HOH A O   1 
HETATM 838 O O   . HOH D 4 .   ? -7.032  12.786  3.769   1.00 27.75 ? 421 HOH A O   1 
HETATM 839 O O   . HOH D 4 .   ? 5.213   12.553  -5.104  1.00 22.61 ? 422 HOH A O   1 
HETATM 840 O O   . HOH D 4 .   ? 14.319  3.316   5.569   1.00 27.03 ? 423 HOH A O   1 
HETATM 841 O O   . HOH D 4 .   ? -22.415 18.610  -3.153  1.00 26.72 ? 424 HOH A O   1 
HETATM 842 O O   . HOH D 4 .   ? 13.584  -5.883  -1.901  1.00 25.10 ? 425 HOH A O   1 
HETATM 843 O O   . HOH D 4 .   ? -5.954  3.414   -6.105  1.00 25.17 ? 426 HOH A O   1 
HETATM 844 O O   . HOH D 4 .   ? -13.988 1.478   0.166   1.00 29.85 ? 427 HOH A O   1 
HETATM 845 O O   . HOH D 4 .   ? 14.679  3.044   2.703   1.00 22.49 ? 428 HOH A O   1 
HETATM 846 O O   . HOH D 4 .   ? 4.295   10.355  6.342   1.00 20.17 ? 429 HOH A O   1 
HETATM 847 O O   . HOH D 4 .   ? 8.763   7.166   -8.136  1.00 37.45 ? 430 HOH A O   1 
HETATM 848 O O   . HOH D 4 .   ? 7.988   -10.892 -2.782  1.00 26.28 ? 431 HOH A O   1 
HETATM 849 O O   . HOH D 4 .   ? -4.814  14.031  9.153   1.00 21.38 ? 432 HOH A O   1 
HETATM 850 O O   . HOH D 4 .   ? 2.308   -11.097 4.271   1.00 35.10 ? 433 HOH A O   1 
HETATM 851 O O   . HOH D 4 .   ? 8.320   11.285  8.029   1.00 39.31 ? 434 HOH A O   1 
HETATM 852 O O   . HOH D 4 .   ? -6.564  -8.044  -3.214  1.00 28.27 ? 435 HOH A O   1 
HETATM 853 O O   . HOH D 4 .   ? 9.943   9.717   3.735   1.00 31.30 ? 436 HOH A O   1 
HETATM 854 O O   . HOH D 4 .   ? -17.634 12.346  11.627  1.00 21.50 ? 437 HOH A O   1 
HETATM 855 O O   . HOH D 4 .   ? 6.719   11.696  2.940   1.00 31.16 ? 438 HOH A O   1 
HETATM 856 O O   . HOH D 4 .   ? 8.865   -3.151  -11.666 1.00 19.64 ? 439 HOH A O   1 
HETATM 857 O O   . HOH D 4 .   ? 16.247  -5.970  -2.701  1.00 29.89 ? 440 HOH A O   1 
HETATM 858 O O   . HOH D 4 .   ? -5.080  -4.743  -12.326 1.00 27.56 ? 441 HOH A O   1 
HETATM 859 O O   . HOH D 4 .   ? 1.480   3.682   -9.924  0.50 25.85 ? 442 HOH A O   1 
HETATM 860 O O   . HOH D 4 .   ? 13.399  -0.596  -11.853 1.00 35.80 ? 443 HOH A O   1 
HETATM 861 O O   . HOH D 4 .   ? -10.363 6.576   2.166   1.00 30.76 ? 444 HOH A O   1 
HETATM 862 O O   . HOH D 4 .   ? -3.427  -7.244  13.895  1.00 30.85 ? 445 HOH A O   1 
HETATM 863 O O   . HOH D 4 .   ? 12.569  3.608   8.800   1.00 35.17 ? 446 HOH A O   1 
HETATM 864 O O   . HOH D 4 .   ? -10.617 11.481  9.986   1.00 36.53 ? 447 HOH A O   1 
HETATM 865 O O   . HOH D 4 .   ? 14.782  4.540   0.565   1.00 21.66 ? 448 HOH A O   1 
HETATM 866 O O   . HOH D 4 .   ? -25.724 18.508  5.013   1.00 20.41 ? 449 HOH A O   1 
HETATM 867 O O   . HOH D 4 .   ? 8.270   -1.260  7.853   1.00 21.64 ? 450 HOH A O   1 
HETATM 868 O O   . HOH D 4 .   ? -3.569  15.723  -1.385  1.00 45.27 ? 451 HOH A O   1 
HETATM 869 O O   . HOH D 4 .   ? -5.116  -3.847  12.156  1.00 32.67 ? 452 HOH A O   1 
HETATM 870 O O   . HOH D 4 .   ? 15.027  5.883   6.043   1.00 36.80 ? 453 HOH A O   1 
HETATM 871 O O   . HOH D 4 .   ? 10.767  -8.213  10.051  1.00 39.63 ? 454 HOH A O   1 
HETATM 872 O O   . HOH D 4 .   ? -4.645  -8.796  11.838  1.00 28.11 ? 455 HOH A O   1 
HETATM 873 O O   . HOH D 4 .   ? -9.830  8.443   10.230  1.00 31.10 ? 456 HOH A O   1 
HETATM 874 O O   . HOH D 4 .   ? 6.254   -3.682  -14.026 1.00 26.58 ? 457 HOH A O   1 
HETATM 875 O O   . HOH D 4 .   ? 4.348   6.991   9.966   1.00 30.69 ? 458 HOH A O   1 
HETATM 876 O O   . HOH D 4 .   ? 2.304   8.485   7.586   1.00 26.66 ? 459 HOH A O   1 
HETATM 877 O O   . HOH D 4 .   ? -7.023  12.557  11.746  1.00 41.02 ? 460 HOH A O   1 
HETATM 878 O O   . HOH D 4 .   ? 18.521  -3.529  -4.949  1.00 40.34 ? 461 HOH A O   1 
HETATM 879 O O   . HOH D 4 .   ? -11.732 -4.381  -0.554  1.00 27.71 ? 462 HOH A O   1 
HETATM 880 O O   . HOH D 4 .   ? -7.527  -14.264 6.590   1.00 29.57 ? 463 HOH A O   1 
HETATM 881 O O   . HOH D 4 .   ? -1.820  -3.409  12.803  1.00 37.19 ? 464 HOH A O   1 
HETATM 882 O O   . HOH D 4 .   ? -1.417  -6.508  -16.326 1.00 31.90 ? 465 HOH A O   1 
HETATM 883 O O   . HOH D 4 .   ? 11.055  -0.585  11.224  1.00 36.81 ? 466 HOH A O   1 
HETATM 884 O O   . HOH D 4 .   ? -24.347 16.217  7.992   1.00 26.64 ? 467 HOH A O   1 
HETATM 885 O O   . HOH D 4 .   ? -6.470  -6.968  -12.484 1.00 38.68 ? 468 HOH A O   1 
HETATM 886 O O   . HOH D 4 .   ? -10.769 4.031   -1.977  1.00 40.41 ? 469 HOH A O   1 
HETATM 887 O O   . HOH D 4 .   ? 15.605  -2.032  -11.440 1.00 40.32 ? 470 HOH A O   1 
HETATM 888 O O   . HOH D 4 .   ? 14.443  0.106   8.748   1.00 42.94 ? 471 HOH A O   1 
HETATM 889 O O   . HOH D 4 .   ? 11.274  9.560   -3.126  1.00 23.07 ? 472 HOH A O   1 
HETATM 890 O O   . HOH D 4 .   ? 14.329  6.215   -7.059  1.00 31.09 ? 473 HOH A O   1 
HETATM 891 O O   . HOH D 4 .   ? 7.193   -6.060  1.712   1.00 30.20 ? 474 HOH A O   1 
HETATM 892 O O   . HOH D 4 .   ? -20.568 11.780  5.466   1.00 40.22 ? 475 HOH A O   1 
HETATM 893 O O   . HOH D 4 .   ? 12.246  6.410   9.239   1.00 41.57 ? 476 HOH A O   1 
HETATM 894 O O   . HOH D 4 .   ? -10.351 -8.664  12.140  1.00 39.99 ? 477 HOH A O   1 
HETATM 895 O O   . HOH D 4 .   ? -0.617  16.762  4.596   1.00 33.14 ? 478 HOH A O   1 
HETATM 896 O O   . HOH D 4 .   ? -2.775  -15.084 10.103  1.00 36.24 ? 479 HOH A O   1 
HETATM 897 O O   . HOH D 4 .   ? 18.161  0.183   -6.087  1.00 44.28 ? 480 HOH A O   1 
HETATM 898 O O   . HOH D 4 .   ? -11.211 2.085   -0.091  1.00 28.43 ? 481 HOH A O   1 
HETATM 899 O O   . HOH D 4 .   ? 6.282   7.512   -9.301  1.00 41.08 ? 482 HOH A O   1 
HETATM 900 O O   . HOH D 4 .   ? -13.404 -0.480  -1.601  1.00 37.82 ? 483 HOH A O   1 
HETATM 901 O O   . HOH D 4 .   ? 15.577  -5.404  -14.254 1.00 23.92 ? 484 HOH A O   1 
HETATM 902 O O   . HOH D 4 .   ? -19.343 12.902  7.661   1.00 25.64 ? 485 HOH A O   1 
HETATM 903 O O   . HOH D 4 .   ? -18.396 27.011  3.780   1.00 39.78 ? 486 HOH A O   1 
HETATM 904 O O   . HOH D 4 .   ? -7.205  -10.264 9.829   1.00 26.61 ? 487 HOH A O   1 
HETATM 905 O O   . HOH D 4 .   ? -17.306 14.561  6.567   1.00 25.10 ? 488 HOH A O   1 
HETATM 906 O O   . HOH D 4 .   ? 7.136   -15.319 -9.537  1.00 38.39 ? 489 HOH A O   1 
HETATM 907 O O   . HOH D 4 .   ? 9.014   11.954  2.441   1.00 30.48 ? 490 HOH A O   1 
HETATM 908 O O   . HOH D 4 .   ? -4.132  -6.489  -14.910 1.00 34.88 ? 491 HOH A O   1 
HETATM 909 O O   . HOH D 4 .   ? -5.168  -6.201  -10.212 1.00 30.39 ? 492 HOH A O   1 
HETATM 910 O O   . HOH D 4 .   ? 16.255  1.840   6.902   1.00 27.42 ? 493 HOH A O   1 
HETATM 911 O O   . HOH D 4 .   ? -6.655  13.822  5.958   1.00 27.40 ? 494 HOH A O   1 
HETATM 912 O O   . HOH D 4 .   ? 2.542   -8.428  12.418  1.00 36.41 ? 495 HOH A O   1 
HETATM 913 O O   . HOH D 4 .   ? -6.186  11.886  -1.700  1.00 37.17 ? 496 HOH A O   1 
HETATM 914 O O   . HOH D 4 .   ? 17.358  0.721   4.997   1.00 32.94 ? 497 HOH A O   1 
HETATM 915 O O   . HOH D 4 .   ? -9.355  0.950   -7.531  1.00 35.51 ? 498 HOH A O   1 
# 
loop_
_atom_site_anisotrop.id 
_atom_site_anisotrop.type_symbol 
_atom_site_anisotrop.pdbx_label_atom_id 
_atom_site_anisotrop.pdbx_label_alt_id 
_atom_site_anisotrop.pdbx_label_comp_id 
_atom_site_anisotrop.pdbx_label_asym_id 
_atom_site_anisotrop.pdbx_label_seq_id 
_atom_site_anisotrop.pdbx_PDB_ins_code 
_atom_site_anisotrop.U[1][1] 
_atom_site_anisotrop.U[2][2] 
_atom_site_anisotrop.U[3][3] 
_atom_site_anisotrop.U[1][2] 
_atom_site_anisotrop.U[1][3] 
_atom_site_anisotrop.U[2][3] 
_atom_site_anisotrop.pdbx_auth_seq_id 
_atom_site_anisotrop.pdbx_auth_comp_id 
_atom_site_anisotrop.pdbx_auth_asym_id 
_atom_site_anisotrop.pdbx_auth_atom_id 
1   N N   . GLY A 1   ? 0.3616 0.3076 0.2647 -0.0996 -0.0933 -0.0091 115 GLY A N   
2   C CA  . GLY A 1   ? 0.3362 0.3036 0.2458 -0.0980 -0.0611 -0.0009 115 GLY A CA  
3   C C   . GLY A 1   ? 0.3170 0.2880 0.2399 -0.1006 -0.0368 0.0016  115 GLY A C   
4   O O   . GLY A 1   ? 0.3427 0.2872 0.2560 -0.0939 -0.0559 -0.0093 115 GLY A O   
5   N N   . PRO A 2   ? 0.2971 0.3058 0.2310 -0.1097 -0.0129 0.0039  116 PRO A N   
6   C CA  . PRO A 2   ? 0.3047 0.3208 0.2366 -0.1015 -0.0010 0.0021  116 PRO A CA  
7   C C   . PRO A 2   ? 0.2813 0.3136 0.2492 -0.1062 0.0280  0.0008  116 PRO A C   
8   O O   . PRO A 2   ? 0.2777 0.2925 0.2406 -0.1028 0.0162  0.0175  116 PRO A O   
9   C CB  . PRO A 2   ? 0.3583 0.3510 0.2387 -0.0924 -0.0259 -0.0048 116 PRO A CB  
10  C CG  . PRO A 2   ? 0.3708 0.3610 0.2533 -0.0897 -0.0449 -0.0158 116 PRO A CG  
11  C CD  . PRO A 2   ? 0.3422 0.3212 0.2413 -0.1042 -0.0354 0.0004  116 PRO A CD  
12  N N   . LEU A 3   ? 0.3064 0.3187 0.2515 -0.1109 0.0550  0.0063  117 LEU A N   
13  C CA  . LEU A 3   ? 0.2870 0.3426 0.2604 -0.0980 0.0452  0.0010  117 LEU A CA  
14  C C   . LEU A 3   ? 0.2619 0.3262 0.2199 -0.0727 0.0068  0.0438  117 LEU A C   
15  O O   . LEU A 3   ? 0.3161 0.3262 0.1936 -0.0341 0.0087  0.0620  117 LEU A O   
16  C CB  . LEU A 3   ? 0.2878 0.3726 0.2901 -0.1046 0.0469  -0.0255 117 LEU A CB  
17  N N   . THR A 4   ? 0.2096 0.3099 0.2163 -0.0650 -0.0320 0.0586  118 THR A N   
18  C CA  . THR A 4   ? 0.2304 0.2702 0.2277 -0.0635 -0.0498 0.0701  118 THR A CA  
19  C C   . THR A 4   ? 0.2513 0.2792 0.2321 -0.0795 -0.0633 0.0823  118 THR A C   
20  O O   . THR A 4   ? 0.2573 0.3027 0.2626 -0.0724 -0.0843 0.0552  118 THR A O   
21  C CB  . THR A 4   ? 0.2376 0.2350 0.2234 -0.0353 -0.0473 0.0709  118 THR A CB  
22  O OG1 . THR A 4   ? 0.2635 0.2180 0.2349 -0.0417 -0.0444 0.0519  118 THR A OG1 
23  C CG2 . THR A 4   ? 0.2268 0.2339 0.2400 -0.0334 -0.0340 0.0612  118 THR A CG2 
24  N N   . ARG A 5   ? 0.2739 0.3020 0.2045 -0.0796 -0.0719 0.1089  119 ARG A N   
25  C CA  . ARG A 5   ? 0.2808 0.3165 0.2000 -0.0673 -0.0732 0.1153  119 ARG A CA  
26  C C   . ARG A 5   ? 0.2776 0.3406 0.1938 -0.0750 -0.0685 0.0927  119 ARG A C   
27  O O   . ARG A 5   ? 0.2829 0.3451 0.1914 -0.0758 -0.0489 0.0924  119 ARG A O   
28  C CB  . ARG A 5   ? 0.3009 0.3234 0.2382 -0.0734 -0.0595 0.1063  119 ARG A CB  
29  C CG  . ARG A 5   ? 0.3193 0.3263 0.2916 -0.0824 -0.0486 0.0830  119 ARG A CG  
30  C CD  . ARG A 5   ? 0.3649 0.3143 0.3195 -0.0749 -0.0519 0.0783  119 ARG A CD  
31  N NE  . ARG A 5   ? 0.4052 0.3408 0.3250 -0.0688 -0.0561 0.0759  119 ARG A NE  
32  C CZ  . ARG A 5   ? 0.4143 0.3827 0.3392 -0.0569 -0.0584 0.0549  119 ARG A CZ  
33  N NH1 . ARG A 5   ? 0.4045 0.4188 0.3517 -0.0630 -0.0552 0.0352  119 ARG A NH1 
34  N NH2 . ARG A 5   ? 0.4183 0.3920 0.3471 -0.0412 -0.0635 0.0468  119 ARG A NH2 
35  N N   . ARG A 6   ? 0.3002 0.3399 0.1771 -0.0679 -0.0724 0.0902  120 ARG A N   
36  C CA  . ARG A 6   ? 0.2912 0.3547 0.1986 -0.0669 -0.0572 0.0600  120 ARG A CA  
37  C C   . ARG A 6   ? 0.3022 0.2938 0.1858 -0.0650 -0.0513 0.0756  120 ARG A C   
38  O O   . ARG A 6   ? 0.2796 0.3022 0.1766 -0.0553 -0.0516 0.0726  120 ARG A O   
39  C CB  . ARG A 6   ? 0.3059 0.3966 0.2247 -0.0713 -0.0638 0.0334  120 ARG A CB  
40  C CG  . ARG A 6   ? 0.3586 0.4231 0.2478 -0.0659 -0.0680 0.0156  120 ARG A CG  
41  C CD  . ARG A 6   ? 0.4130 0.4351 0.2747 -0.0638 -0.0728 -0.0019 120 ARG A CD  
42  N NE  . ARG A 6   ? 0.4712 0.4517 0.3025 -0.0521 -0.0846 -0.0200 120 ARG A NE  
43  C CZ  . ARG A 6   ? 0.5065 0.4631 0.3144 -0.0379 -0.0867 -0.0281 120 ARG A CZ  
44  N NH1 . ARG A 6   ? 0.5234 0.4794 0.3236 -0.0324 -0.0860 -0.0395 120 ARG A NH1 
45  N NH2 . ARG A 6   ? 0.5152 0.4537 0.3185 -0.0343 -0.0900 -0.0267 120 ARG A NH2 
46  N N   . ALA A 7   ? 0.3352 0.2765 0.1843 -0.0581 -0.0456 0.0696  121 ALA A N   
47  C CA  . ALA A 7   ? 0.3332 0.2670 0.2024 -0.0414 -0.0466 0.0485  121 ALA A CA  
48  C C   . ALA A 7   ? 0.2910 0.2393 0.2076 -0.0228 -0.0450 0.0374  121 ALA A C   
49  O O   . ALA A 7   ? 0.2543 0.2609 0.2074 -0.0359 -0.0369 0.0303  121 ALA A O   
50  C CB  . ALA A 7   ? 0.3557 0.2641 0.2157 -0.0368 -0.0529 0.0420  121 ALA A CB  
51  N N   . SER A 8   ? 0.3290 0.2135 0.2244 0.0049  -0.0575 0.0200  122 SER A N   
52  C CA  . SER A 8   ? 0.3468 0.1847 0.2411 0.0088  -0.0463 -0.0009 122 SER A CA  
53  C C   . SER A 8   ? 0.3396 0.1666 0.2540 0.0126  -0.0316 -0.0260 122 SER A C   
54  O O   . SER A 8   ? 0.3595 0.1827 0.2729 0.0340  -0.0468 -0.0378 122 SER A O   
55  C CB  . SER A 8   ? 0.3570 0.2591 0.2742 0.0033  -0.0472 -0.0340 122 SER A CB  
56  O OG  . SER A 8   ? 0.3852 0.3008 0.3079 -0.0032 -0.0540 -0.0609 122 SER A OG  
57  N N   . VAL A 9   ? 0.3140 0.1773 0.2241 0.0119  -0.0026 -0.0348 123 VAL A N   
58  C CA  . VAL A 9   ? 0.3650 0.2016 0.2490 0.0180  0.0082  -0.0697 123 VAL A CA  
59  C C   . VAL A 9   ? 0.4068 0.2721 0.3052 0.0122  0.0065  -0.1126 123 VAL A C   
60  O O   . VAL A 9   ? 0.3724 0.3170 0.3296 -0.0005 0.0224  -0.1422 123 VAL A O   
61  C CB  . VAL A 9   ? 0.3564 0.2418 0.2261 -0.0111 0.0096  -0.0643 123 VAL A CB  
62  C CG1 . VAL A 9   ? 0.3593 0.2612 0.2203 -0.0205 0.0136  -0.0693 123 VAL A CG1 
63  C CG2 . VAL A 9   ? 0.3382 0.2481 0.2272 -0.0270 0.0046  -0.0621 123 VAL A CG2 
64  N N   . GLY A 10  ? 0.4646 0.2919 0.3385 0.0171  -0.0140 -0.1270 124 GLY A N   
65  C CA  . GLY A 10  ? 0.4994 0.3001 0.3506 0.0204  -0.0253 -0.1318 124 GLY A CA  
66  C C   . GLY A 10  ? 0.5212 0.3346 0.3549 0.0155  -0.0403 -0.1247 124 GLY A C   
67  O O   . GLY A 10  ? 0.5379 0.3483 0.3560 0.0123  -0.0566 -0.1125 124 GLY A O   
68  N N   . GLN A 15  ? 0.3763 0.3975 0.2287 0.0016  -0.0945 -0.0236 129 GLN A N   
69  C CA  . GLN A 15  ? 0.3617 0.4090 0.2201 0.0118  -0.1056 -0.0263 129 GLN A CA  
70  C C   . GLN A 15  ? 0.3206 0.4089 0.1756 0.0204  -0.0782 -0.0259 129 GLN A C   
71  O O   . GLN A 15  ? 0.3493 0.4438 0.1923 0.0301  -0.0556 -0.0480 129 GLN A O   
72  C CB  . GLN A 15  ? 0.4107 0.4354 0.2582 0.0099  -0.1204 -0.0381 129 GLN A CB  
73  C CG  . GLN A 15  ? 0.4436 0.4765 0.2934 -0.0005 -0.1169 -0.0610 129 GLN A CG  
74  C CD  . GLN A 15  ? 0.4546 0.5226 0.3243 -0.0133 -0.1059 -0.0884 129 GLN A CD  
75  O OE1 . GLN A 15  ? 0.4781 0.5499 0.3438 -0.0173 -0.1058 -0.1015 129 GLN A OE1 
76  N NE2 . GLN A 15  ? 0.4675 0.5335 0.3291 -0.0130 -0.0977 -0.0970 129 GLN A NE2 
77  N N   . TYR A 16  ? 0.2621 0.3954 0.1394 0.0010  -0.0481 -0.0255 130 TYR A N   
78  C CA  . TYR A 16  ? 0.1947 0.3398 0.1164 -0.0171 -0.0267 -0.0179 130 TYR A CA  
79  C C   . TYR A 16  ? 0.1565 0.2761 0.1203 -0.0147 0.0077  -0.0115 130 TYR A C   
80  O O   . TYR A 16  ? 0.1717 0.2813 0.1271 -0.0068 0.0132  -0.0068 130 TYR A O   
81  C CB  . TYR A 16  ? 0.2220 0.3620 0.1601 -0.0487 -0.0500 -0.0548 130 TYR A CB  
82  C CG  . TYR A 16  ? 0.3079 0.3877 0.2331 -0.0687 -0.0823 -0.1112 130 TYR A CG  
83  C CD1 . TYR A 16  ? 0.3171 0.3917 0.2793 -0.0811 -0.0901 -0.1304 130 TYR A CD1 
84  C CD2 . TYR A 16  ? 0.4044 0.4101 0.2594 -0.0677 -0.0830 -0.1311 130 TYR A CD2 
85  C CE1 . TYR A 16  ? 0.3798 0.4002 0.3157 -0.1072 -0.0866 -0.1481 130 TYR A CE1 
86  C CE2 . TYR A 16  ? 0.4403 0.4208 0.2996 -0.0935 -0.0841 -0.1536 130 TYR A CE2 
87  C CZ  . TYR A 16  ? 0.4146 0.4162 0.3351 -0.1161 -0.0807 -0.1627 130 TYR A CZ  
88  O OH  . TYR A 16  ? 0.4664 0.4373 0.3743 -0.1215 -0.0722 -0.1905 130 TYR A OH  
89  N N   . THR A 17  ? 0.1615 0.2279 0.1127 -0.0274 0.0112  -0.0084 131 THR A N   
90  C CA  . THR A 17  ? 0.1493 0.1890 0.1354 -0.0195 0.0146  -0.0281 131 THR A CA  
91  C C   . THR A 17  ? 0.1265 0.1697 0.1174 -0.0292 0.0216  -0.0358 131 THR A C   
92  O O   . THR A 17  ? 0.1695 0.1673 0.1635 -0.0577 -0.0054 -0.0226 131 THR A O   
93  C CB  . THR A 17  ? 0.1899 0.2021 0.1463 -0.0124 0.0076  -0.0285 131 THR A CB  
94  O OG1 . THR A 17  ? 0.1761 0.2126 0.1609 -0.0149 0.0159  -0.0512 131 THR A OG1 
95  C CG2 . THR A 17  ? 0.2136 0.2212 0.1674 -0.0062 0.0008  -0.0417 131 THR A CG2 
96  N N   . ILE A 18  ? 0.1496 0.1289 0.0990 -0.0313 0.0069  -0.0496 132 ILE A N   
97  C CA  . ILE A 18  ? 0.1385 0.1367 0.0837 -0.0380 0.0185  -0.0508 132 ILE A CA  
98  C C   . ILE A 18  ? 0.1352 0.1239 0.0792 -0.0384 0.0240  -0.0488 132 ILE A C   
99  O O   . ILE A 18  ? 0.1373 0.1225 0.0835 -0.0336 0.0171  -0.0524 132 ILE A O   
100 C CB  . ILE A 18  ? 0.1507 0.1326 0.0914 -0.0441 0.0284  -0.0547 132 ILE A CB  
101 C CG1 . ILE A 18  ? 0.1347 0.1806 0.1095 -0.0460 0.0321  -0.0675 132 ILE A CG1 
102 C CG2 . ILE A 18  ? 0.1443 0.1506 0.0947 -0.0471 0.0204  -0.0461 132 ILE A CG2 
103 C CD1 . ILE A 18  ? 0.1507 0.1978 0.1153 -0.0330 0.0259  -0.0753 132 ILE A CD1 
104 N N   . PRO A 19  ? 0.1290 0.1161 0.0809 -0.0358 0.0283  -0.0488 133 PRO A N   
105 C CA  . PRO A 19  ? 0.1339 0.1449 0.0636 -0.0380 0.0191  -0.0388 133 PRO A CA  
106 C C   . PRO A 19  ? 0.1416 0.1320 0.0685 -0.0318 0.0211  -0.0408 133 PRO A C   
107 O O   . PRO A 19  ? 0.1671 0.1501 0.0691 -0.0261 0.0344  -0.0312 133 PRO A O   
108 C CB  . PRO A 19  ? 0.1482 0.1410 0.0975 -0.0448 0.0183  -0.0462 133 PRO A CB  
109 C CG  . PRO A 19  ? 0.1573 0.1641 0.1349 -0.0449 -0.0001 -0.0780 133 PRO A CG  
110 C CD  . PRO A 19  ? 0.1440 0.1184 0.0772 -0.0315 0.0112  -0.0478 133 PRO A CD  
111 N N   . PHE A 20  ? 0.1558 0.1318 0.0678 -0.0326 0.0284  -0.0366 134 PHE A N   
112 C CA  . PHE A 20  ? 0.1902 0.1173 0.0898 -0.0265 0.0284  -0.0265 134 PHE A CA  
113 C C   . PHE A 20  ? 0.1780 0.1150 0.1005 -0.0197 0.0191  -0.0173 134 PHE A C   
114 O O   . PHE A 20  ? 0.2121 0.1454 0.1260 -0.0178 0.0272  0.0044  134 PHE A O   
115 C CB  . PHE A 20  ? 0.1913 0.1197 0.1161 -0.0379 0.0322  -0.0348 134 PHE A CB  
116 C CG  . PHE A 20  ? 0.1752 0.1167 0.1302 -0.0507 0.0330  -0.0389 134 PHE A CG  
117 C CD1 . PHE A 20  ? 0.1545 0.1340 0.1383 -0.0587 0.0225  -0.0523 134 PHE A CD1 
118 C CD2 . PHE A 20  ? 0.2178 0.1154 0.1375 -0.0343 0.0190  -0.0343 134 PHE A CD2 
119 C CE1 . PHE A 20  ? 0.1709 0.1523 0.1294 -0.0563 0.0141  -0.0470 134 PHE A CE1 
120 C CE2 . PHE A 20  ? 0.2327 0.1289 0.1473 -0.0455 0.0272  -0.0466 134 PHE A CE2 
121 C CZ  . PHE A 20  ? 0.1965 0.1388 0.1446 -0.0599 0.0221  -0.0569 134 PHE A CZ  
122 N N   . ALA A 21  ? 0.1572 0.1121 0.0919 -0.0115 0.0240  -0.0203 135 ALA A N   
123 C CA  . ALA A 21  ? 0.1745 0.0990 0.1044 -0.0057 0.0190  -0.0098 135 ALA A CA  
124 C C   . ALA A 21  ? 0.1585 0.1137 0.1050 -0.0088 0.0215  -0.0081 135 ALA A C   
125 O O   . ALA A 21  ? 0.1679 0.1078 0.0984 -0.0110 0.0107  -0.0083 135 ALA A O   
126 C CB  . ALA A 21  ? 0.2046 0.1101 0.1170 0.0025  0.0233  -0.0235 135 ALA A CB  
127 N N   . PHE A 22  ? 0.1552 0.1172 0.1376 -0.0101 0.0227  0.0016  136 PHE A N   
128 C CA  . PHE A 22  ? 0.1711 0.1435 0.1697 -0.0103 0.0317  -0.0201 136 PHE A CA  
129 C C   . PHE A 22  ? 0.1484 0.1179 0.1522 0.0116  0.0218  -0.0067 136 PHE A C   
130 O O   . PHE A 22  ? 0.1601 0.1343 0.1422 0.0104  0.0218  0.0067  136 PHE A O   
131 C CB  . PHE A 22  ? 0.2160 0.2086 0.1869 -0.0100 0.0309  -0.0448 136 PHE A CB  
132 C CG  . PHE A 22  ? 0.2575 0.2787 0.1794 0.0222  0.0120  -0.0635 136 PHE A CG  
133 C CD1 . PHE A 22  ? 0.2963 0.3004 0.2072 0.0302  -0.0080 -0.0762 136 PHE A CD1 
134 C CD2 . PHE A 22  ? 0.3019 0.3225 0.1864 -0.0023 -0.0005 -0.0664 136 PHE A CD2 
135 C CE1 . PHE A 22  ? 0.3318 0.3245 0.2127 0.0281  -0.0182 -0.0770 136 PHE A CE1 
136 C CE2 . PHE A 22  ? 0.3210 0.3535 0.2016 0.0082  -0.0086 -0.0739 136 PHE A CE2 
137 C CZ  . PHE A 22  ? 0.3215 0.3464 0.2047 0.0259  -0.0137 -0.0749 136 PHE A CZ  
138 N N   . ILE A 23  ? 0.1352 0.1270 0.1323 0.0018  0.0152  0.0026  137 ILE A N   
139 C CA  . ILE A 23  ? 0.1368 0.1411 0.1385 0.0137  0.0129  0.0034  137 ILE A CA  
140 C C   . ILE A 23  ? 0.1285 0.1697 0.1613 0.0021  0.0142  0.0033  137 ILE A C   
141 O O   . ILE A 23  ? 0.1561 0.1680 0.1488 -0.0144 0.0022  -0.0010 137 ILE A O   
142 C CB  . ILE A 23  ? 0.1731 0.1690 0.1433 0.0210  0.0084  -0.0029 137 ILE A CB  
143 C CG1 . ILE A 23  ? 0.2082 0.2104 0.1610 -0.0004 -0.0099 -0.0147 137 ILE A CG1 
144 C CG2 . ILE A 23  ? 0.2129 0.1790 0.1536 0.0146  0.0199  -0.0072 137 ILE A CG2 
145 C CD1 . ILE A 23  ? 0.2252 0.2133 0.1947 0.0100  -0.0355 -0.0269 137 ILE A CD1 
146 N N   . SER A 24  ? 0.1446 0.2114 0.2035 -0.0071 -0.0089 -0.0081 138 SER A N   
147 C CA  . SER A 24  ? 0.2090 0.2461 0.1792 -0.0232 -0.0288 -0.0023 138 SER A CA  
148 C C   . SER A 24  ? 0.1596 0.2651 0.2005 -0.0173 -0.0607 -0.0372 138 SER A C   
149 O O   . SER A 24  ? 0.2118 0.3082 0.1803 -0.0407 -0.0543 -0.0199 138 SER A O   
150 C CB  . SER A 24  ? 0.2281 0.2792 0.2182 -0.0073 -0.0375 -0.0273 138 SER A CB  
151 O OG  . SER A 24  ? 0.2055 0.2852 0.2387 0.0258  -0.0548 -0.0441 138 SER A OG  
152 N N   . GLU A 25  ? 0.1809 0.1803 0.1790 0.0054  -0.0653 -0.0209 139 GLU A N   
153 C CA  . GLU A 25  ? 0.1264 0.2166 0.1700 -0.0028 -0.0219 -0.0284 139 GLU A CA  
154 C C   . GLU A 25  ? 0.1471 0.2117 0.1654 -0.0309 -0.0161 -0.0386 139 GLU A C   
155 O O   . GLU A 25  ? 0.2073 0.2215 0.1645 -0.0295 -0.0111 -0.0322 139 GLU A O   
156 C CB  . GLU A 25  ? 0.1574 0.3622 0.2030 -0.0095 -0.0313 -0.0785 139 GLU A CB  
157 C CG  . GLU A 25  ? 0.2485 0.4011 0.2377 0.0057  -0.0607 -0.0829 139 GLU A CG  
158 C CD  . GLU A 25  ? 0.3209 0.4358 0.3004 -0.0001 -0.0726 -0.1062 139 GLU A CD  
159 O OE1 . GLU A 25  ? 0.3618 0.4601 0.3394 0.0066  -0.0668 -0.1273 139 GLU A OE1 
160 O OE2 . GLU A 25  ? 0.3508 0.4265 0.3167 -0.0014 -0.0800 -0.0939 139 GLU A OE2 
161 N N   . VAL A 26  ? 0.1191 0.1679 0.1276 -0.0333 -0.0095 -0.0202 140 VAL A N   
162 C CA  . VAL A 26  ? 0.1219 0.1789 0.1102 -0.0156 -0.0155 -0.0261 140 VAL A CA  
163 C C   . VAL A 26  ? 0.1064 0.2052 0.1323 -0.0193 -0.0269 -0.0443 140 VAL A C   
164 O O   . VAL A 26  ? 0.1393 0.2151 0.1490 -0.0333 0.0130  -0.0516 140 VAL A O   
165 C CB  . VAL A 26  ? 0.1397 0.1438 0.1068 -0.0216 -0.0079 -0.0279 140 VAL A CB  
166 C CG1 . VAL A 26  ? 0.1431 0.1928 0.0970 -0.0051 -0.0106 -0.0425 140 VAL A CG1 
167 C CG2 . VAL A 26  ? 0.1476 0.1547 0.1131 -0.0219 -0.0060 -0.0238 140 VAL A CG2 
168 N N   . VAL A 27  ? 0.1239 0.2003 0.1360 -0.0020 -0.0157 -0.0465 141 VAL A N   
169 C CA  . VAL A 27  ? 0.1279 0.2291 0.1455 0.0088  -0.0051 -0.0525 141 VAL A CA  
170 C C   . VAL A 27  ? 0.0901 0.2605 0.1479 -0.0052 0.0059  -0.0525 141 VAL A C   
171 O O   . VAL A 27  ? 0.1070 0.2318 0.1408 -0.0205 0.0013  -0.0445 141 VAL A O   
172 C CB  . VAL A 27  ? 0.1585 0.2516 0.1692 0.0425  -0.0062 -0.0636 141 VAL A CB  
173 C CG1 . VAL A 27  ? 0.1920 0.2694 0.1811 0.0403  -0.0034 -0.0656 141 VAL A CG1 
174 C CG2 . VAL A 27  ? 0.1875 0.2551 0.1740 0.0504  -0.0329 -0.0596 141 VAL A CG2 
175 N N   . PRO A 28  ? 0.0930 0.2993 0.1512 -0.0294 0.0050  -0.0355 142 PRO A N   
176 C CA  . PRO A 28  ? 0.1352 0.2887 0.1587 -0.0397 0.0156  -0.0240 142 PRO A CA  
177 C C   . PRO A 28  ? 0.1354 0.3101 0.1525 -0.0231 0.0195  -0.0299 142 PRO A C   
178 O O   . PRO A 28  ? 0.1448 0.3220 0.1736 -0.0080 0.0280  -0.0464 142 PRO A O   
179 C CB  . PRO A 28  ? 0.1632 0.3063 0.1824 -0.0596 0.0034  -0.0286 142 PRO A CB  
180 C CG  . PRO A 28  ? 0.1429 0.3363 0.1897 -0.0649 0.0030  -0.0382 142 PRO A CG  
181 C CD  . PRO A 28  ? 0.1048 0.3332 0.1688 -0.0515 0.0119  -0.0382 142 PRO A CD  
182 N N   . GLY A 29  ? 0.1487 0.2924 0.1339 -0.0345 0.0138  -0.0235 143 GLY A N   
183 C CA  . GLY A 29  ? 0.1803 0.2869 0.1270 -0.0175 0.0140  -0.0375 143 GLY A CA  
184 C C   . GLY A 29  ? 0.1620 0.2442 0.1111 0.0047  0.0080  -0.0330 143 GLY A C   
185 O O   . GLY A 29  ? 0.2153 0.2607 0.1219 0.0000  0.0148  -0.0465 143 GLY A O   
186 N N   . SER A 30  ? 0.1247 0.1981 0.1177 0.0197  0.0027  -0.0473 144 SER A N   
187 C CA  . SER A 30  ? 0.1351 0.1641 0.1152 0.0265  0.0032  -0.0462 144 SER A CA  
188 C C   . SER A 30  ? 0.1378 0.1382 0.0939 0.0284  0.0002  -0.0511 144 SER A C   
189 O O   . SER A 30  ? 0.1388 0.1426 0.0998 0.0174  -0.0087 -0.0467 144 SER A O   
190 C CB  . SER A 30  ? 0.1317 0.1589 0.1262 0.0247  -0.0103 -0.0396 144 SER A CB  
191 O OG  . SER A 30  ? 0.1325 0.1565 0.1053 0.0219  -0.0039 -0.0335 144 SER A OG  
192 N N   . PRO A 31  ? 0.1449 0.1313 0.1075 0.0315  -0.0146 -0.0527 145 PRO A N   
193 C CA  . PRO A 31  ? 0.1395 0.1221 0.1020 0.0182  -0.0165 -0.0373 145 PRO A CA  
194 C C   . PRO A 31  ? 0.1468 0.1128 0.1036 0.0168  -0.0404 -0.0366 145 PRO A C   
195 O O   . PRO A 31  ? 0.1407 0.1194 0.1021 0.0177  -0.0384 -0.0431 145 PRO A O   
196 C CB  . PRO A 31  ? 0.1585 0.1343 0.1126 0.0197  -0.0370 -0.0497 145 PRO A CB  
197 C CG  . PRO A 31  ? 0.1911 0.1391 0.1077 0.0321  -0.0261 -0.0517 145 PRO A CG  
198 C CD  . PRO A 31  ? 0.1658 0.1420 0.1152 0.0499  -0.0152 -0.0557 145 PRO A CD  
199 N N   . SER A 32  ? 0.1147 0.1124 0.0946 0.0322  -0.0289 -0.0343 146 SER A N   
200 C CA  A SER A 32  ? 0.1043 0.1339 0.0898 0.0236  -0.0193 -0.0499 146 SER A CA  
201 C CA  B SER A 32  ? 0.1110 0.1297 0.0889 0.0171  -0.0094 -0.0433 146 SER A CA  
202 C C   . SER A 32  ? 0.1216 0.1247 0.0735 0.0074  -0.0048 -0.0411 146 SER A C   
203 O O   . SER A 32  ? 0.1254 0.1186 0.0805 0.0109  -0.0079 -0.0455 146 SER A O   
204 C CB  A SER A 32  ? 0.1101 0.1400 0.0894 0.0168  -0.0203 -0.0555 146 SER A CB  
205 C CB  B SER A 32  ? 0.1201 0.1327 0.0875 -0.0015 0.0089  -0.0382 146 SER A CB  
206 O OG  A SER A 32  ? 0.1362 0.1651 0.1022 0.0009  -0.0191 -0.0688 146 SER A OG  
207 O OG  B SER A 32  ? 0.1580 0.1428 0.1089 -0.0193 0.0100  -0.0428 146 SER A OG  
208 N N   . ASP A 33  ? 0.1123 0.1230 0.0881 0.0077  -0.0114 -0.0333 147 ASP A N   
209 C CA  . ASP A 33  ? 0.1246 0.1358 0.0965 -0.0042 0.0056  -0.0278 147 ASP A CA  
210 C C   . ASP A 33  ? 0.1291 0.1187 0.1030 -0.0004 0.0063  -0.0313 147 ASP A C   
211 O O   . ASP A 33  ? 0.1426 0.1301 0.1066 -0.0041 -0.0090 -0.0358 147 ASP A O   
212 C CB  . ASP A 33  ? 0.1290 0.1591 0.1300 -0.0128 -0.0061 -0.0156 147 ASP A CB  
213 C CG  . ASP A 33  ? 0.1406 0.2012 0.1876 -0.0255 0.0078  -0.0223 147 ASP A CG  
214 O OD1 . ASP A 33  ? 0.1693 0.1845 0.2379 -0.0370 -0.0069 -0.0216 147 ASP A OD1 
215 O OD2 . ASP A 33  ? 0.1845 0.2155 0.1756 -0.0317 0.0069  0.0078  147 ASP A OD2 
216 N N   . LYS A 34  ? 0.1385 0.1332 0.0969 0.0058  -0.0085 -0.0293 148 LYS A N   
217 C CA  . LYS A 34  ? 0.1562 0.1575 0.0767 0.0140  -0.0035 -0.0305 148 LYS A CA  
218 C C   . LYS A 34  ? 0.1323 0.1539 0.0823 0.0218  -0.0084 -0.0357 148 LYS A C   
219 O O   . LYS A 34  ? 0.1645 0.1642 0.1007 0.0280  -0.0108 -0.0201 148 LYS A O   
220 C CB  . LYS A 34  ? 0.2157 0.1848 0.0849 0.0448  0.0016  -0.0367 148 LYS A CB  
221 C CG  . LYS A 34  ? 0.2393 0.2448 0.0947 0.0659  0.0265  -0.0326 148 LYS A CG  
222 C CD  . LYS A 34  ? 0.2989 0.3061 0.1214 0.0729  0.0263  -0.0567 148 LYS A CD  
223 C CE  . LYS A 34  ? 0.3628 0.3092 0.1498 0.0761  0.0081  -0.0748 148 LYS A CE  
224 N NZ  . LYS A 34  ? 0.3773 0.2984 0.1825 0.0651  0.0177  -0.0915 148 LYS A NZ  
225 N N   . ALA A 35  ? 0.1262 0.1474 0.0778 0.0005  -0.0209 -0.0358 149 ALA A N   
226 C CA  . ALA A 35  ? 0.1241 0.1516 0.0874 0.0034  -0.0158 -0.0306 149 ALA A CA  
227 C C   . ALA A 35  ? 0.1355 0.1542 0.0885 0.0055  -0.0102 -0.0241 149 ALA A C   
228 O O   . ALA A 35  ? 0.1373 0.1777 0.1126 0.0246  -0.0112 -0.0499 149 ALA A O   
229 C CB  . ALA A 35  ? 0.1280 0.1572 0.1201 -0.0023 -0.0378 -0.0320 149 ALA A CB  
230 N N   . ASP A 36  ? 0.1428 0.1228 0.1023 0.0097  -0.0065 -0.0335 150 ASP A N   
231 C CA  . ASP A 36  ? 0.1898 0.1169 0.1075 0.0234  -0.0137 -0.0374 150 ASP A CA  
232 C C   . ASP A 36  ? 0.2038 0.1310 0.0844 0.0274  -0.0046 -0.0348 150 ASP A C   
233 O O   . ASP A 36  ? 0.2402 0.1528 0.1085 0.0263  0.0150  -0.0521 150 ASP A O   
234 C CB  . ASP A 36  ? 0.2963 0.1579 0.1651 0.0341  -0.0301 -0.0393 150 ASP A CB  
235 C CG  . ASP A 36  ? 0.3529 0.2086 0.2330 0.0380  -0.0446 -0.0520 150 ASP A CG  
236 O OD1 . ASP A 36  ? 0.3803 0.2518 0.2643 0.0054  -0.0677 -0.0500 150 ASP A OD1 
237 O OD2 . ASP A 36  ? 0.3848 0.2250 0.2625 0.0401  -0.0461 -0.0582 150 ASP A OD2 
238 N N   . ILE A 37  ? 0.1423 0.1311 0.0825 0.0033  -0.0038 -0.0424 151 ILE A N   
239 C CA  . ILE A 37  ? 0.1105 0.1581 0.0861 0.0099  0.0017  -0.0344 151 ILE A CA  
240 C C   . ILE A 37  ? 0.1188 0.1626 0.0771 0.0069  0.0069  -0.0214 151 ILE A C   
241 O O   . ILE A 37  ? 0.1167 0.1911 0.0909 0.0040  0.0083  -0.0373 151 ILE A O   
242 C CB  . ILE A 37  ? 0.1575 0.1622 0.0924 -0.0161 0.0229  -0.0377 151 ILE A CB  
243 C CG1 . ILE A 37  ? 0.1957 0.1578 0.1251 -0.0247 0.0235  -0.0452 151 ILE A CG1 
244 C CG2 . ILE A 37  ? 0.1844 0.1802 0.0921 -0.0169 0.0066  -0.0223 151 ILE A CG2 
245 C CD1 . ILE A 37  ? 0.1806 0.2229 0.1567 -0.0419 0.0329  -0.0552 151 ILE A CD1 
246 N N   . LYS A 38  ? 0.1210 0.1741 0.0813 -0.0061 0.0048  -0.0309 152 LYS A N   
247 C CA  . LYS A 38  ? 0.1297 0.1707 0.0951 -0.0217 0.0077  -0.0281 152 LYS A CA  
248 C C   . LYS A 38  ? 0.1163 0.1492 0.0911 -0.0259 0.0086  -0.0343 152 LYS A C   
249 O O   . LYS A 38  ? 0.1140 0.1557 0.0989 -0.0256 -0.0034 -0.0319 152 LYS A O   
250 C CB  . LYS A 38  ? 0.1764 0.1753 0.0976 -0.0187 0.0006  -0.0058 152 LYS A CB  
251 C CG  . LYS A 38  ? 0.2226 0.1826 0.1416 -0.0347 -0.0101 -0.0158 152 LYS A CG  
252 C CD  . LYS A 38  ? 0.2527 0.2265 0.1547 -0.0414 -0.0045 -0.0224 152 LYS A CD  
253 C CE  . LYS A 38  ? 0.2965 0.2282 0.1514 -0.0512 0.0107  -0.0052 152 LYS A CE  
254 N NZ  . LYS A 38  ? 0.3237 0.2331 0.1700 -0.0667 0.0210  -0.0046 152 LYS A NZ  
255 N N   . VAL A 39  ? 0.1085 0.1723 0.0994 -0.0260 -0.0049 -0.0306 153 VAL A N   
256 C CA  . VAL A 39  ? 0.1247 0.1635 0.1225 -0.0237 -0.0141 -0.0376 153 VAL A CA  
257 C C   . VAL A 39  ? 0.1453 0.1446 0.1106 -0.0281 -0.0179 -0.0378 153 VAL A C   
258 O O   . VAL A 39  ? 0.1707 0.1472 0.1054 -0.0374 -0.0255 -0.0291 153 VAL A O   
259 C CB  . VAL A 39  ? 0.1427 0.2035 0.1427 -0.0196 -0.0180 -0.0302 153 VAL A CB  
260 C CG1 . VAL A 39  ? 0.1674 0.2183 0.1564 -0.0134 -0.0350 -0.0320 153 VAL A CG1 
261 C CG2 . VAL A 39  ? 0.1398 0.2418 0.1702 -0.0164 -0.0147 -0.0492 153 VAL A CG2 
262 N N   . ASP A 40  ? 0.1543 0.1551 0.0965 -0.0243 -0.0201 -0.0261 154 ASP A N   
263 C CA  . ASP A 40  ? 0.1651 0.1873 0.1135 -0.0343 -0.0197 -0.0373 154 ASP A CA  
264 C C   . ASP A 40  ? 0.1605 0.1609 0.0939 -0.0293 -0.0034 -0.0300 154 ASP A C   
265 O O   . ASP A 40  ? 0.1809 0.2116 0.0953 -0.0229 0.0227  -0.0410 154 ASP A O   
266 C CB  . ASP A 40  ? 0.1993 0.2750 0.1563 -0.0466 -0.0300 -0.0733 154 ASP A CB  
267 C CG  . ASP A 40  ? 0.2965 0.3490 0.2323 -0.0425 -0.0635 -0.1039 154 ASP A CG  
268 O OD1 . ASP A 40  ? 0.3372 0.3809 0.2286 -0.0161 -0.0974 -0.0912 154 ASP A OD1 
269 O OD2 . ASP A 40  ? 0.3419 0.4054 0.2772 -0.0544 -0.0611 -0.1248 154 ASP A OD2 
270 N N   . ASP A 41  ? 0.1292 0.1375 0.0906 -0.0323 0.0032  -0.0301 155 ASP A N   
271 C CA  . ASP A 41  ? 0.1403 0.1157 0.0801 -0.0112 0.0178  -0.0101 155 ASP A CA  
272 C C   . ASP A 41  ? 0.1404 0.1018 0.0929 0.0035  0.0177  -0.0201 155 ASP A C   
273 O O   . ASP A 41  ? 0.1454 0.1312 0.1119 0.0050  0.0256  -0.0112 155 ASP A O   
274 C CB  . ASP A 41  ? 0.1221 0.1274 0.0883 -0.0154 0.0105  -0.0125 155 ASP A CB  
275 C CG  . ASP A 41  ? 0.1174 0.1354 0.0929 -0.0136 0.0095  -0.0259 155 ASP A CG  
276 O OD1 . ASP A 41  ? 0.1580 0.1172 0.1094 -0.0150 0.0095  -0.0265 155 ASP A OD1 
277 O OD2 . ASP A 41  ? 0.1384 0.1304 0.0901 -0.0138 0.0094  -0.0251 155 ASP A OD2 
278 N N   . LYS A 42  ? 0.1540 0.0894 0.0855 -0.0033 0.0226  -0.0259 156 LYS A N   
279 C CA  . LYS A 42  ? 0.1505 0.1032 0.0798 -0.0260 0.0128  -0.0247 156 LYS A CA  
280 C C   . LYS A 42  ? 0.1656 0.1008 0.0758 -0.0228 -0.0018 -0.0254 156 LYS A C   
281 O O   . LYS A 42  ? 0.2699 0.1011 0.1397 -0.0131 -0.0728 -0.0253 156 LYS A O   
282 C CB  . LYS A 42  ? 0.1576 0.1261 0.0802 -0.0251 0.0098  -0.0359 156 LYS A CB  
283 C CG  . LYS A 42  ? 0.1909 0.1428 0.0869 -0.0346 0.0149  -0.0375 156 LYS A CG  
284 C CD  . LYS A 42  ? 0.2087 0.2004 0.0892 -0.0394 0.0196  -0.0494 156 LYS A CD  
285 C CE  . LYS A 42  ? 0.2258 0.2356 0.1044 -0.0558 0.0040  -0.0550 156 LYS A CE  
286 N NZ  . LYS A 42  ? 0.2200 0.2745 0.1156 -0.0746 0.0103  -0.0678 156 LYS A NZ  
287 N N   . LEU A 43  ? 0.1483 0.0976 0.0715 -0.0221 0.0119  -0.0314 157 LEU A N   
288 C CA  . LEU A 43  ? 0.1523 0.0996 0.0675 -0.0232 0.0272  -0.0352 157 LEU A CA  
289 C C   . LEU A 43  ? 0.1542 0.0885 0.0767 -0.0337 0.0263  -0.0364 157 LEU A C   
290 O O   . LEU A 43  ? 0.1628 0.1195 0.0722 -0.0347 0.0247  -0.0401 157 LEU A O   
291 C CB  . LEU A 43  ? 0.1909 0.1050 0.0863 -0.0199 0.0305  -0.0411 157 LEU A CB  
292 C CG  . LEU A 43  ? 0.1467 0.1308 0.1057 -0.0189 0.0268  -0.0498 157 LEU A CG  
293 C CD1 . LEU A 43  ? 0.1554 0.1555 0.0928 -0.0269 0.0086  -0.0354 157 LEU A CD1 
294 C CD2 . LEU A 43  ? 0.1848 0.1102 0.1352 0.0044  0.0038  -0.0518 157 LEU A CD2 
295 N N   . ILE A 44  ? 0.1366 0.0954 0.0773 -0.0148 0.0268  -0.0369 158 ILE A N   
296 C CA  . ILE A 44  ? 0.1500 0.1056 0.0831 -0.0240 0.0290  -0.0465 158 ILE A CA  
297 C C   . ILE A 44  ? 0.1556 0.1223 0.0871 -0.0446 0.0416  -0.0464 158 ILE A C   
298 O O   . ILE A 44  ? 0.1752 0.1362 0.1036 -0.0575 0.0538  -0.0525 158 ILE A O   
299 C CB  . ILE A 44  ? 0.1528 0.1066 0.0815 -0.0281 0.0274  -0.0455 158 ILE A CB  
300 C CG1 . ILE A 44  ? 0.1703 0.1098 0.0791 -0.0256 0.0081  -0.0432 158 ILE A CG1 
301 C CG2 . ILE A 44  ? 0.1476 0.1427 0.1066 -0.0271 0.0087  -0.0556 158 ILE A CG2 
302 C CD1 . ILE A 44  ? 0.1755 0.1205 0.1070 -0.0202 0.0151  -0.0453 158 ILE A CD1 
303 N N   . SER A 45  ? 0.1539 0.1162 0.0933 -0.0410 0.0380  -0.0505 159 SER A N   
304 C CA  . SER A 45  ? 0.1437 0.1219 0.1135 -0.0447 0.0432  -0.0610 159 SER A CA  
305 C C   . SER A 45  ? 0.1386 0.1103 0.0912 -0.0512 0.0202  -0.0461 159 SER A C   
306 O O   . SER A 45  ? 0.1361 0.1116 0.0852 -0.0418 0.0194  -0.0482 159 SER A O   
307 C CB  . SER A 45  ? 0.1635 0.1787 0.1376 -0.0702 0.0493  -0.0674 159 SER A CB  
308 O OG  . SER A 45  ? 0.1744 0.1992 0.1739 -0.0601 0.0425  -0.0703 159 SER A OG  
309 N N   . ILE A 46  ? 0.1635 0.1200 0.1072 -0.0572 0.0545  -0.0521 160 ILE A N   
310 C CA  . ILE A 46  ? 0.1598 0.1298 0.1141 -0.0651 0.0593  -0.0567 160 ILE A CA  
311 C C   . ILE A 46  ? 0.1758 0.1439 0.1260 -0.0801 0.0615  -0.0609 160 ILE A C   
312 O O   . ILE A 46  ? 0.1915 0.1458 0.1326 -0.0734 0.0558  -0.0652 160 ILE A O   
313 C CB  . ILE A 46  ? 0.1828 0.1200 0.1392 -0.0539 0.0536  -0.0509 160 ILE A CB  
314 C CG1 . ILE A 46  ? 0.1757 0.1491 0.1581 -0.0382 0.0768  -0.0494 160 ILE A CG1 
315 C CG2 . ILE A 46  ? 0.2199 0.1244 0.1501 -0.0594 0.0492  -0.0571 160 ILE A CG2 
316 C CD1 . ILE A 46  ? 0.2322 0.1791 0.1961 -0.0383 0.0493  -0.0563 160 ILE A CD1 
317 N N   . GLY A 47  ? 0.1969 0.1670 0.1327 -0.0873 0.0480  -0.0663 161 GLY A N   
318 C CA  . GLY A 47  ? 0.2350 0.1968 0.1482 -0.1068 0.0576  -0.0731 161 GLY A CA  
319 C C   . GLY A 47  ? 0.2438 0.2065 0.1731 -0.1187 0.0616  -0.0758 161 GLY A C   
320 O O   . GLY A 47  ? 0.2224 0.2087 0.1780 -0.1040 0.0645  -0.0909 161 GLY A O   
321 N N   . ASN A 48  ? 0.2674 0.2327 0.2109 -0.1377 0.0753  -0.0781 162 ASN A N   
322 C CA  . ASN A 48  ? 0.2894 0.2431 0.2345 -0.1466 0.0826  -0.0782 162 ASN A CA  
323 C C   . ASN A 48  ? 0.2856 0.2267 0.2117 -0.1365 0.1046  -0.0801 162 ASN A C   
324 O O   . ASN A 48  ? 0.3146 0.2725 0.2118 -0.1605 0.0993  -0.0660 162 ASN A O   
325 C CB  . ASN A 48  ? 0.2950 0.2739 0.2816 -0.1520 0.0601  -0.0986 162 ASN A CB  
326 C CG  . ASN A 48  ? 0.2945 0.3411 0.3331 -0.1488 0.0415  -0.1442 162 ASN A CG  
327 O OD1 . ASN A 48  ? 0.3091 0.3635 0.3595 -0.1309 0.0310  -0.1722 162 ASN A OD1 
328 N ND2 . ASN A 48  ? 0.2829 0.3872 0.3474 -0.1437 0.0370  -0.1593 162 ASN A ND2 
329 N N   . VAL A 49  ? 0.2670 0.1818 0.1914 -0.1093 0.1167  -0.0794 163 VAL A N   
330 C CA  . VAL A 49  ? 0.2389 0.1414 0.1871 -0.0800 0.1067  -0.0675 163 VAL A CA  
331 C C   . VAL A 49  ? 0.1730 0.1503 0.1842 -0.0722 0.0885  -0.0823 163 VAL A C   
332 O O   . VAL A 49  ? 0.1747 0.1354 0.1776 -0.0575 0.0681  -0.0782 163 VAL A O   
333 C CB  . VAL A 49  ? 0.2816 0.1402 0.2070 -0.0387 0.1119  -0.0636 163 VAL A CB  
334 C CG1 . VAL A 49  ? 0.2566 0.1622 0.2481 -0.0494 0.1079  -0.0809 163 VAL A CG1 
335 C CG2 . VAL A 49  ? 0.4090 0.1513 0.2072 0.0036  0.0751  -0.0574 163 VAL A CG2 
336 N N   . HIS A 50  ? 0.1559 0.1681 0.1784 -0.0761 0.0779  -0.0899 164 HIS A N   
337 C CA  . HIS A 50  ? 0.1396 0.1746 0.1953 -0.0492 0.0511  -0.1048 164 HIS A CA  
338 C C   . HIS A 50  ? 0.1387 0.1687 0.1685 -0.0496 0.0580  -0.0931 164 HIS A C   
339 O O   . HIS A 50  ? 0.1717 0.1733 0.1690 -0.0333 0.0204  -0.0994 164 HIS A O   
340 C CB  . HIS A 50  ? 0.1363 0.2611 0.2377 -0.0470 0.0412  -0.1462 164 HIS A CB  
341 C CG  . HIS A 50  ? 0.1796 0.3956 0.2903 -0.0566 0.0391  -0.1960 164 HIS A CG  
342 N ND1 . HIS A 50  ? 0.2077 0.4722 0.3178 -0.0951 0.0435  -0.2069 164 HIS A ND1 
343 C CD2 . HIS A 50  ? 0.1743 0.4816 0.3014 -0.0690 0.0456  -0.2134 164 HIS A CD2 
344 C CE1 . HIS A 50  ? 0.1966 0.4748 0.3196 -0.0988 0.0361  -0.1885 164 HIS A CE1 
345 N NE2 . HIS A 50  ? 0.2388 0.5230 0.3192 -0.1005 0.0247  -0.2081 164 HIS A NE2 
346 N N   . ALA A 51  ? 0.1579 0.1479 0.1669 -0.0484 0.0698  -0.0812 165 ALA A N   
347 C CA  . ALA A 51  ? 0.1833 0.1371 0.1742 -0.0639 0.0796  -0.0751 165 ALA A CA  
348 C C   . ALA A 51  ? 0.2157 0.1569 0.2126 -0.0552 0.0958  -0.0874 165 ALA A C   
349 O O   . ALA A 51  ? 0.2696 0.1692 0.1980 -0.0600 0.0918  -0.0568 165 ALA A O   
350 C CB  . ALA A 51  ? 0.2132 0.1221 0.1604 -0.0440 0.0585  -0.0672 165 ALA A CB  
351 N N   . ALA A 52  ? 0.2244 0.1575 0.2382 -0.0680 0.0939  -0.0789 166 ALA A N   
352 C CA  . ALA A 52  ? 0.2482 0.1796 0.2612 -0.0840 0.0849  -0.0627 166 ALA A CA  
353 C C   . ALA A 52  ? 0.2675 0.1773 0.2240 -0.1112 0.0826  -0.0263 166 ALA A C   
354 O O   . ALA A 52  ? 0.2668 0.2282 0.2296 -0.1153 0.0777  -0.0231 166 ALA A O   
355 C CB  . ALA A 52  ? 0.2319 0.2007 0.2975 -0.0806 0.0844  -0.0723 166 ALA A CB  
356 N N   . ASN A 53  ? 0.2517 0.1666 0.2142 -0.0994 0.0655  -0.0304 167 ASN A N   
357 C CA  . ASN A 53  ? 0.2953 0.1366 0.2175 -0.0892 0.0507  -0.0302 167 ASN A CA  
358 C C   . ASN A 53  ? 0.2469 0.1864 0.2519 -0.0742 0.0511  -0.0558 167 ASN A C   
359 O O   . ASN A 53  ? 0.2728 0.2422 0.3100 -0.0474 0.0346  -0.1088 167 ASN A O   
360 C CB  . ASN A 53  ? 0.2432 0.1744 0.1882 -0.1110 0.0742  -0.0489 167 ASN A CB  
361 C CG  . ASN A 53  ? 0.2966 0.1700 0.1630 -0.1161 0.0822  -0.0501 167 ASN A CG  
362 O OD1 . ASN A 53  ? 0.3187 0.2660 0.1631 -0.1652 0.0865  -0.0737 167 ASN A OD1 
363 N ND2 . ASN A 53  ? 0.3148 0.1827 0.1572 -0.1002 0.0683  -0.0524 167 ASN A ND2 
364 N N   . HIS A 54  ? 0.2389 0.2076 0.2150 -0.0643 0.0512  -0.0225 168 HIS A N   
365 C CA  . HIS A 54  ? 0.2563 0.1817 0.1964 -0.0526 0.0406  0.0106  168 HIS A CA  
366 C C   . HIS A 54  ? 0.3071 0.1998 0.2044 -0.0441 0.0457  0.0252  168 HIS A C   
367 O O   . HIS A 54  ? 0.3169 0.2305 0.1923 -0.0249 0.0463  0.0161  168 HIS A O   
368 C CB  . HIS A 54  ? 0.2195 0.2101 0.1757 -0.0556 0.0403  0.0087  168 HIS A CB  
369 C CG  . HIS A 54  ? 0.2374 0.2330 0.1517 -0.0535 0.0293  0.0189  168 HIS A CG  
370 N ND1 . HIS A 54  ? 0.2520 0.2489 0.1589 -0.0428 0.0255  0.0034  168 HIS A ND1 
371 C CD2 . HIS A 54  ? 0.2294 0.2318 0.1557 -0.0694 0.0349  0.0230  168 HIS A CD2 
372 C CE1 . HIS A 54  ? 0.2635 0.2641 0.1625 -0.0457 0.0257  -0.0052 168 HIS A CE1 
373 N NE2 . HIS A 54  ? 0.2703 0.2362 0.1541 -0.0656 0.0294  0.0191  168 HIS A NE2 
374 N N   . SER A 55  ? 0.3307 0.1955 0.2363 -0.0555 0.0349  0.0392  169 SER A N   
375 C CA  . SER A 55  ? 0.3523 0.2445 0.2570 -0.0509 0.0068  0.0483  169 SER A CA  
376 C C   . SER A 55  ? 0.3185 0.2582 0.2557 -0.0627 0.0122  0.0652  169 SER A C   
377 O O   . SER A 55  ? 0.3261 0.2633 0.2915 -0.0409 -0.0119 0.0497  169 SER A O   
378 C CB  . SER A 55  ? 0.3829 0.2654 0.2529 -0.0728 0.0009  0.0613  169 SER A CB  
379 O OG  . SER A 55  ? 0.4032 0.2764 0.2783 -0.0753 -0.0150 0.0554  169 SER A OG  
380 N N   . LYS A 56  ? 0.3029 0.2971 0.2339 -0.0609 -0.0050 0.0849  170 LYS A N   
381 C CA  . LYS A 56  ? 0.3326 0.2818 0.2177 -0.0566 -0.0116 0.0983  170 LYS A CA  
382 C C   . LYS A 56  ? 0.2921 0.2649 0.2433 -0.0339 -0.0278 0.0766  170 LYS A C   
383 O O   . LYS A 56  ? 0.2882 0.2811 0.2802 0.0030  -0.0572 0.0607  170 LYS A O   
384 C CB  . LYS A 56  ? 0.4204 0.2817 0.2277 -0.0493 -0.0290 0.1016  170 LYS A CB  
385 C CG  . LYS A 56  ? 0.4934 0.2921 0.2413 -0.0532 -0.0414 0.0976  170 LYS A CG  
386 C CD  . LYS A 56  ? 0.5272 0.3463 0.2610 -0.0539 -0.0462 0.0715  170 LYS A CD  
387 C CE  . LYS A 56  ? 0.5413 0.3737 0.2827 -0.0541 -0.0484 0.0494  170 LYS A CE  
388 N NZ  . LYS A 56  ? 0.5575 0.3832 0.3046 -0.0581 -0.0464 0.0320  170 LYS A NZ  
389 N N   . LEU A 57  ? 0.2610 0.2259 0.2096 -0.0332 -0.0252 0.0786  171 LEU A N   
390 C CA  . LEU A 57  ? 0.2476 0.2444 0.2052 -0.0372 0.0000  0.0409  171 LEU A CA  
391 C C   . LEU A 57  ? 0.3017 0.2306 0.2370 -0.0437 -0.0117 0.0205  171 LEU A C   
392 O O   . LEU A 57  ? 0.2642 0.2623 0.2623 -0.0418 0.0033  -0.0117 171 LEU A O   
393 C CB  . LEU A 57  ? 0.2299 0.2589 0.2122 -0.0275 0.0010  0.0233  171 LEU A CB  
394 C CG  . LEU A 57  ? 0.2340 0.2639 0.2311 -0.0269 0.0005  -0.0001 171 LEU A CG  
395 C CD1 . LEU A 57  ? 0.2307 0.2961 0.2381 -0.0440 0.0089  -0.0124 171 LEU A CD1 
396 C CD2 . LEU A 57  ? 0.2162 0.2386 0.2331 -0.0154 0.0155  -0.0099 171 LEU A CD2 
397 N N   . GLN A 58  ? 0.3451 0.2327 0.2507 -0.0439 -0.0112 0.0015  172 GLN A N   
398 C CA  . GLN A 58  ? 0.4102 0.2410 0.2462 -0.0404 -0.0129 -0.0053 172 GLN A CA  
399 C C   . GLN A 58  ? 0.4142 0.2163 0.2312 -0.0701 -0.0078 -0.0105 172 GLN A C   
400 O O   . GLN A 58  ? 0.4318 0.2439 0.2607 -0.0659 -0.0057 -0.0328 172 GLN A O   
401 C CB  . GLN A 58  ? 0.4672 0.2632 0.2678 -0.0481 -0.0228 -0.0033 172 GLN A CB  
402 C CG  . GLN A 58  ? 0.4950 0.2575 0.2706 -0.0473 -0.0280 0.0068  172 GLN A CG  
403 N N   . ASN A 59  ? 0.4076 0.2474 0.2068 -0.1156 0.0122  -0.0189 173 ASN A N   
404 C CA  . ASN A 59  ? 0.4055 0.2832 0.1841 -0.1344 0.0194  -0.0269 173 ASN A CA  
405 C C   . ASN A 59  ? 0.3778 0.3405 0.1340 -0.1592 0.0235  -0.0261 173 ASN A C   
406 O O   . ASN A 59  ? 0.3906 0.3856 0.1464 -0.1820 0.0210  -0.0276 173 ASN A O   
407 C CB  . ASN A 59  ? 0.4087 0.2266 0.1980 -0.1261 0.0483  -0.0194 173 ASN A CB  
408 C CG  . ASN A 59  ? 0.4327 0.2114 0.2406 -0.1137 0.0498  -0.0295 173 ASN A CG  
409 O OD1 . ASN A 59  ? 0.4557 0.1813 0.2742 -0.0923 0.0389  -0.0271 173 ASN A OD1 
410 N ND2 . ASN A 59  ? 0.4262 0.2368 0.2244 -0.1224 0.0603  -0.0232 173 ASN A ND2 
411 N N   . ILE A 60  ? 0.3238 0.3160 0.1178 -0.1479 -0.0044 -0.0053 174 ILE A N   
412 C CA  . ILE A 60  ? 0.2855 0.2591 0.1036 -0.1214 -0.0146 -0.0080 174 ILE A CA  
413 C C   . ILE A 60  ? 0.3220 0.2366 0.1090 -0.1150 -0.0282 -0.0038 174 ILE A C   
414 O O   . ILE A 60  ? 0.2953 0.2227 0.0948 -0.0863 -0.0285 -0.0027 174 ILE A O   
415 C CB  . ILE A 60  ? 0.2319 0.2331 0.1127 -0.0691 -0.0210 -0.0122 174 ILE A CB  
416 C CG1 . ILE A 60  ? 0.2516 0.2683 0.1028 -0.0341 -0.0142 -0.0097 174 ILE A CG1 
417 C CG2 . ILE A 60  ? 0.2256 0.2151 0.1056 -0.0616 -0.0154 -0.0096 174 ILE A CG2 
418 C CD1 . ILE A 60  ? 0.2675 0.2832 0.1049 -0.0014 -0.0032 -0.0262 174 ILE A CD1 
419 N N   . GLN A 61  ? 0.3857 0.2144 0.1263 -0.1097 -0.0549 0.0082  175 GLN A N   
420 C CA  . GLN A 61  ? 0.4602 0.2408 0.1597 -0.0834 -0.0840 -0.0130 175 GLN A CA  
421 C C   . GLN A 61  ? 0.4934 0.2219 0.1568 -0.0931 -0.0769 0.0001  175 GLN A C   
422 O O   . GLN A 61  ? 0.5083 0.1701 0.1652 -0.0424 -0.0752 -0.0161 175 GLN A O   
423 C CB  . GLN A 61  ? 0.4880 0.2748 0.1771 -0.0644 -0.0869 -0.0301 175 GLN A CB  
424 C CG  . GLN A 61  ? 0.5242 0.3285 0.2140 -0.0505 -0.0809 -0.0629 175 GLN A CG  
425 C CD  . GLN A 61  ? 0.5313 0.3935 0.2349 -0.0454 -0.0706 -0.0908 175 GLN A CD  
426 O OE1 . GLN A 61  ? 0.5357 0.4151 0.2438 -0.0439 -0.0689 -0.0994 175 GLN A OE1 
427 N NE2 . GLN A 61  ? 0.5409 0.4333 0.2392 -0.0383 -0.0672 -0.0986 175 GLN A NE2 
428 N N   . MET A 62  ? 0.5221 0.2534 0.1612 -0.1438 -0.0631 0.0142  176 MET A N   
429 C CA  . MET A 62  ? 0.5582 0.2510 0.1683 -0.1777 -0.0498 0.0199  176 MET A CA  
430 C C   . MET A 62  ? 0.4764 0.2769 0.1589 -0.1804 -0.0378 0.0045  176 MET A C   
431 O O   . MET A 62  ? 0.5118 0.2649 0.1687 -0.1826 -0.0502 0.0135  176 MET A O   
432 C CB  . MET A 62  ? 0.6114 0.3115 0.1822 -0.1968 -0.0345 0.0237  176 MET A CB  
433 C CG  . MET A 62  ? 0.6701 0.3893 0.2127 -0.1965 -0.0182 0.0098  176 MET A CG  
434 S SD  . MET A 62  ? 0.7218 0.4635 0.2684 -0.1889 -0.0098 -0.0191 176 MET A SD  
435 C CE  . MET A 62  ? 0.7338 0.4605 0.2789 -0.1813 -0.0107 -0.0311 176 MET A CE  
436 N N   . VAL A 63  ? 0.4044 0.2828 0.1314 -0.1647 0.0012  -0.0098 177 VAL A N   
437 C CA  . VAL A 63  ? 0.3420 0.2822 0.1308 -0.1447 0.0181  -0.0426 177 VAL A CA  
438 C C   . VAL A 63  ? 0.2749 0.2323 0.1036 -0.1008 0.0028  -0.0362 177 VAL A C   
439 O O   . VAL A 63  ? 0.2564 0.2432 0.0997 -0.0862 -0.0148 -0.0331 177 VAL A O   
440 C CB  . VAL A 63  ? 0.3731 0.3425 0.1705 -0.1470 0.0410  -0.0868 177 VAL A CB  
441 C CG1 . VAL A 63  ? 0.4393 0.3550 0.1919 -0.1279 0.0381  -0.1035 177 VAL A CG1 
442 C CG2 . VAL A 63  ? 0.3876 0.3514 0.1719 -0.1500 0.0538  -0.0868 177 VAL A CG2 
443 N N   . VAL A 64  ? 0.2652 0.1684 0.0807 -0.0563 -0.0061 -0.0230 178 VAL A N   
444 C CA  A VAL A 64  ? 0.2500 0.1290 0.0991 -0.0349 -0.0107 -0.0291 178 VAL A CA  
445 C CA  B VAL A 64  ? 0.2598 0.1350 0.0999 -0.0424 -0.0109 -0.0327 178 VAL A CA  
446 C C   . VAL A 64  ? 0.2549 0.1418 0.1055 -0.0364 -0.0167 -0.0353 178 VAL A C   
447 O O   . VAL A 64  ? 0.2614 0.1556 0.0777 -0.0320 -0.0053 -0.0278 178 VAL A O   
448 C CB  A VAL A 64  ? 0.2283 0.1129 0.1168 -0.0348 -0.0150 -0.0293 178 VAL A CB  
449 C CB  B VAL A 64  ? 0.2738 0.1277 0.1163 -0.0503 -0.0196 -0.0345 178 VAL A CB  
450 C CG1 A VAL A 64  ? 0.2133 0.1326 0.1196 -0.0324 -0.0162 -0.0478 178 VAL A CG1 
451 C CG1 B VAL A 64  ? 0.2844 0.1298 0.1112 -0.0579 -0.0228 -0.0227 178 VAL A CG1 
452 C CG2 A VAL A 64  ? 0.1789 0.1368 0.1314 -0.0586 0.0007  -0.0338 178 VAL A CG2 
453 C CG2 B VAL A 64  ? 0.2600 0.1584 0.1107 -0.0516 -0.0203 -0.0476 178 VAL A CG2 
454 N N   . MET A 65  ? 0.3027 0.1294 0.1135 -0.0099 -0.0369 -0.0313 179 MET A N   
455 C CA  . MET A 65  ? 0.3378 0.1401 0.1363 -0.0032 -0.0397 -0.0390 179 MET A CA  
456 C C   . MET A 65  ? 0.3068 0.1412 0.1312 -0.0111 -0.0362 -0.0439 179 MET A C   
457 O O   . MET A 65  ? 0.2899 0.1615 0.1253 0.0026  -0.0393 -0.0542 179 MET A O   
458 C CB  . MET A 65  ? 0.4161 0.1671 0.1720 0.0201  -0.0773 -0.0395 179 MET A CB  
459 C CG  . MET A 65  ? 0.5047 0.2146 0.2274 0.0280  -0.1102 -0.0366 179 MET A CG  
460 S SD  . MET A 65  ? 0.5874 0.2745 0.2776 0.0337  -0.1384 -0.0385 179 MET A SD  
461 C CE  . MET A 65  ? 0.5861 0.3027 0.2918 0.0284  -0.1342 -0.0516 179 MET A CE  
462 N N   . LYS A 66  ? 0.3036 0.1427 0.1182 -0.0375 -0.0302 -0.0341 180 LYS A N   
463 C CA  . LYS A 66  ? 0.2729 0.1718 0.1310 -0.0448 -0.0345 -0.0455 180 LYS A CA  
464 C C   . LYS A 66  ? 0.2484 0.1485 0.1012 -0.0301 -0.0101 -0.0521 180 LYS A C   
465 O O   . LYS A 66  ? 0.2544 0.1743 0.1007 -0.0302 -0.0234 -0.0534 180 LYS A O   
466 C CB  . LYS A 66  ? 0.3235 0.2241 0.1793 -0.0640 -0.0452 -0.0525 180 LYS A CB  
467 C CG  . LYS A 66  ? 0.4274 0.2536 0.2187 -0.0568 -0.0685 -0.0514 180 LYS A CG  
468 C CD  . LYS A 66  ? 0.5195 0.2702 0.2380 -0.0539 -0.0823 -0.0450 180 LYS A CD  
469 C CE  . LYS A 66  ? 0.5687 0.3097 0.2582 -0.0465 -0.0853 -0.0599 180 LYS A CE  
470 N NZ  . LYS A 66  ? 0.5882 0.3220 0.2694 -0.0447 -0.0941 -0.0658 180 LYS A NZ  
471 N N   . ASN A 67  ? 0.2379 0.1498 0.0968 -0.0197 -0.0108 -0.0545 181 ASN A N   
472 C CA  A ASN A 67  ? 0.2133 0.1527 0.0949 -0.0052 -0.0180 -0.0572 181 ASN A CA  
473 C CA  B ASN A 67  ? 0.2191 0.1402 0.0936 -0.0030 -0.0089 -0.0545 181 ASN A CA  
474 C C   . ASN A 67  ? 0.2096 0.1318 0.0874 -0.0028 -0.0154 -0.0506 181 ASN A C   
475 O O   . ASN A 67  ? 0.2203 0.1282 0.0920 -0.0022 -0.0106 -0.0511 181 ASN A O   
476 C CB  A ASN A 67  ? 0.2277 0.1820 0.1172 -0.0130 -0.0163 -0.0697 181 ASN A CB  
477 C CB  B ASN A 67  ? 0.2328 0.1413 0.1098 -0.0024 0.0086  -0.0588 181 ASN A CB  
478 C CG  A ASN A 67  ? 0.2496 0.2405 0.1192 -0.0062 -0.0150 -0.0824 181 ASN A CG  
479 C CG  B ASN A 67  ? 0.2504 0.1789 0.1150 0.0101  0.0094  -0.0633 181 ASN A CG  
480 O OD1 A ASN A 67  ? 0.2799 0.2424 0.1049 -0.0100 -0.0186 -0.0739 181 ASN A OD1 
481 O OD1 B ASN A 67  ? 0.2270 0.2297 0.1087 0.0154  0.0162  -0.0733 181 ASN A OD1 
482 N ND2 A ASN A 67  ? 0.2383 0.2787 0.1467 -0.0172 -0.0314 -0.0959 181 ASN A ND2 
483 N ND2 B ASN A 67  ? 0.2754 0.1967 0.1185 0.0103  0.0151  -0.0633 181 ASN A ND2 
484 N N   . GLU A 68  ? 0.2115 0.1179 0.1039 0.0046  -0.0319 -0.0515 182 GLU A N   
485 C CA  . GLU A 68  ? 0.1958 0.1100 0.1182 0.0140  -0.0450 -0.0531 182 GLU A CA  
486 C C   . GLU A 68  ? 0.1893 0.1059 0.1003 0.0159  -0.0344 -0.0485 182 GLU A C   
487 O O   . GLU A 68  ? 0.1906 0.1288 0.1069 0.0013  -0.0208 -0.0647 182 GLU A O   
488 C CB  . GLU A 68  ? 0.2087 0.1218 0.1519 0.0213  -0.0406 -0.0479 182 GLU A CB  
489 C CG  . GLU A 68  ? 0.2156 0.1125 0.1815 0.0390  -0.0436 -0.0416 182 GLU A CG  
490 C CD  . GLU A 68  ? 0.2552 0.1385 0.2328 0.0345  -0.0465 -0.0559 182 GLU A CD  
491 O OE1 . GLU A 68  ? 0.3196 0.1608 0.2596 0.0383  -0.0479 -0.0440 182 GLU A OE1 
492 O OE2 . GLU A 68  ? 0.2395 0.1538 0.2337 0.0501  -0.0579 -0.0499 182 GLU A OE2 
493 N N   . ASP A 69  ? 0.1785 0.1088 0.0871 0.0226  -0.0331 -0.0440 183 ASP A N   
494 C CA  . ASP A 69  ? 0.1689 0.1193 0.0975 0.0230  -0.0326 -0.0457 183 ASP A CA  
495 C C   . ASP A 69  ? 0.1633 0.1518 0.1019 0.0222  -0.0327 -0.0432 183 ASP A C   
496 O O   . ASP A 69  ? 0.1958 0.1809 0.1069 0.0398  -0.0275 -0.0293 183 ASP A O   
497 C CB  . ASP A 69  ? 0.1840 0.1329 0.1075 0.0313  -0.0273 -0.0589 183 ASP A CB  
498 C CG  . ASP A 69  ? 0.2076 0.1531 0.1341 0.0392  -0.0402 -0.0541 183 ASP A CG  
499 O OD1 . ASP A 69  ? 0.2027 0.2072 0.1458 0.0465  -0.0323 -0.0625 183 ASP A OD1 
500 O OD2 . ASP A 69  ? 0.2012 0.1709 0.1537 0.0435  -0.0267 -0.0636 183 ASP A OD2 
501 N N   . ARG A 70  ? 0.1668 0.1126 0.1055 0.0316  -0.0354 -0.0555 184 ARG A N   
502 C CA  . ARG A 70  ? 0.1536 0.1258 0.1007 0.0165  -0.0302 -0.0547 184 ARG A CA  
503 C C   . ARG A 70  ? 0.1577 0.1164 0.1077 0.0193  -0.0364 -0.0588 184 ARG A C   
504 O O   . ARG A 70  ? 0.2026 0.1373 0.1195 0.0351  -0.0505 -0.0614 184 ARG A O   
505 C CB  . ARG A 70  ? 0.1506 0.1247 0.1478 0.0120  -0.0287 -0.0777 184 ARG A CB  
506 C CG  . ARG A 70  ? 0.1790 0.1420 0.1811 0.0137  -0.0335 -0.0914 184 ARG A CG  
507 C CD  . ARG A 70  ? 0.2140 0.1364 0.1971 0.0040  -0.0414 -0.0845 184 ARG A CD  
508 N NE  . ARG A 70  ? 0.2248 0.1444 0.2102 0.0013  -0.0299 -0.0814 184 ARG A NE  
509 C CZ  . ARG A 70  ? 0.2568 0.2098 0.2376 0.0316  -0.0260 -0.0919 184 ARG A CZ  
510 N NH1 . ARG A 70  ? 0.2698 0.2913 0.2568 0.0372  0.0019  -0.1105 184 ARG A NH1 
511 N NH2 . ARG A 70  ? 0.2781 0.2258 0.2238 0.0100  -0.0130 -0.0882 184 ARG A NH2 
512 N N   . PRO A 71  ? 0.1745 0.1267 0.1259 0.0238  -0.0474 -0.0647 185 PRO A N   
513 C CA  A PRO A 71  ? 0.1404 0.1278 0.1337 0.0127  -0.0370 -0.0724 185 PRO A CA  
514 C CA  B PRO A 71  ? 0.1350 0.1220 0.1298 0.0223  -0.0380 -0.0698 185 PRO A CA  
515 C C   . PRO A 71  ? 0.1366 0.1212 0.1459 -0.0138 -0.0292 -0.0681 185 PRO A C   
516 O O   . PRO A 71  ? 0.1533 0.1954 0.1810 -0.0355 -0.0538 -0.0730 185 PRO A O   
517 C CB  A PRO A 71  ? 0.1572 0.1414 0.1460 0.0182  -0.0394 -0.0761 185 PRO A CB  
518 C CB  B PRO A 71  ? 0.1647 0.1279 0.1408 0.0422  -0.0457 -0.0670 185 PRO A CB  
519 C CG  A PRO A 71  ? 0.1744 0.1543 0.1435 0.0186  -0.0475 -0.0702 185 PRO A CG  
520 C CG  B PRO A 71  ? 0.1938 0.1379 0.1287 0.0549  -0.0619 -0.0505 185 PRO A CG  
521 C CD  A PRO A 71  ? 0.1670 0.1544 0.1319 0.0125  -0.0527 -0.0667 185 PRO A CD  
522 C CD  B PRO A 71  ? 0.2131 0.1503 0.1236 0.0410  -0.0665 -0.0535 185 PRO A CD  
523 N N   . LEU A 72  ? 0.1444 0.1247 0.1337 -0.0355 -0.0007 -0.0691 186 LEU A N   
524 C CA  . LEU A 72  ? 0.2094 0.1597 0.1298 -0.0621 0.0121  -0.0507 186 LEU A CA  
525 C C   . LEU A 72  ? 0.1504 0.1478 0.1050 -0.0610 0.0187  -0.0554 186 LEU A C   
526 O O   . LEU A 72  ? 0.1568 0.1586 0.1164 -0.0624 0.0422  -0.0684 186 LEU A O   
527 C CB  . LEU A 72  ? 0.2897 0.2362 0.1774 -0.0772 0.0135  -0.0601 186 LEU A CB  
528 C CG  . LEU A 72  ? 0.3435 0.2533 0.1816 -0.0808 0.0447  -0.0489 186 LEU A CG  
529 C CD1 . LEU A 72  ? 0.3947 0.2652 0.1688 -0.0711 0.0294  -0.0318 186 LEU A CD1 
530 C CD2 . LEU A 72  ? 0.3284 0.2322 0.2006 -0.0929 0.0631  -0.0450 186 LEU A CD2 
531 N N   . PRO A 73  ? 0.1491 0.1775 0.0997 -0.0666 0.0047  -0.0535 187 PRO A N   
532 C CA  . PRO A 73  ? 0.1570 0.1936 0.0899 -0.0620 0.0022  -0.0508 187 PRO A CA  
533 C C   . PRO A 73  ? 0.1486 0.1833 0.0798 -0.0584 0.0032  -0.0443 187 PRO A C   
534 O O   . PRO A 73  ? 0.2024 0.1791 0.0959 -0.0889 0.0031  -0.0365 187 PRO A O   
535 C CB  . PRO A 73  ? 0.1531 0.2672 0.1366 -0.0726 0.0053  -0.0815 187 PRO A CB  
536 C CG  . PRO A 73  ? 0.1577 0.2960 0.1518 -0.0827 0.0130  -0.0910 187 PRO A CG  
537 C CD  . PRO A 73  ? 0.1579 0.2286 0.1333 -0.0821 -0.0039 -0.0617 187 PRO A CD  
538 N N   . VAL A 74  ? 0.1496 0.1430 0.0677 -0.0442 0.0093  -0.0394 188 VAL A N   
539 C CA  . VAL A 74  ? 0.1368 0.1409 0.0710 -0.0425 0.0178  -0.0444 188 VAL A CA  
540 C C   . VAL A 74  ? 0.1553 0.1266 0.0700 -0.0409 0.0222  -0.0398 188 VAL A C   
541 O O   . VAL A 74  ? 0.2555 0.1449 0.0856 -0.0222 0.0268  -0.0371 188 VAL A O   
542 C CB  . VAL A 74  ? 0.1475 0.1428 0.0890 -0.0401 0.0176  -0.0551 188 VAL A CB  
543 C CG1 . VAL A 74  ? 0.1547 0.1945 0.1116 -0.0727 0.0109  -0.0623 188 VAL A CG1 
544 C CG2 . VAL A 74  ? 0.1424 0.1626 0.1067 -0.0393 0.0122  -0.0657 188 VAL A CG2 
545 N N   . LEU A 75  ? 0.1440 0.1147 0.0743 -0.0398 0.0250  -0.0424 189 LEU A N   
546 C CA  . LEU A 75  ? 0.1350 0.1143 0.0841 -0.0292 0.0143  -0.0360 189 LEU A CA  
547 C C   . LEU A 75  ? 0.1404 0.1023 0.0746 -0.0232 0.0188  -0.0364 189 LEU A C   
548 O O   . LEU A 75  ? 0.1642 0.1062 0.0665 -0.0278 0.0203  -0.0348 189 LEU A O   
549 C CB  . LEU A 75  ? 0.1524 0.1515 0.0977 -0.0315 0.0172  -0.0371 189 LEU A CB  
550 C CG  . LEU A 75  ? 0.1787 0.2395 0.1328 -0.0275 0.0227  -0.0650 189 LEU A CG  
551 C CD1 . LEU A 75  ? 0.1798 0.2901 0.1558 -0.0275 0.0225  -0.0736 189 LEU A CD1 
552 C CD2 . LEU A 75  ? 0.2234 0.3056 0.1807 -0.0414 0.0076  -0.0727 189 LEU A CD2 
553 N N   . LEU A 76  ? 0.1341 0.1046 0.0682 -0.0136 0.0030  -0.0267 190 LEU A N   
554 C CA  . LEU A 76  ? 0.1496 0.1204 0.0804 0.0014  -0.0010 -0.0440 190 LEU A CA  
555 C C   . LEU A 76  ? 0.1377 0.1018 0.0743 -0.0147 0.0114  -0.0323 190 LEU A C   
556 O O   . LEU A 76  ? 0.1431 0.1238 0.0778 -0.0037 0.0021  -0.0392 190 LEU A O   
557 C CB  . LEU A 76  ? 0.1760 0.1858 0.1063 0.0118  -0.0099 -0.0674 190 LEU A CB  
558 C CG  . LEU A 76  ? 0.1677 0.1363 0.1417 -0.0025 -0.0363 -0.0546 190 LEU A CG  
559 C CD1 . LEU A 76  ? 0.1729 0.1380 0.1291 -0.0213 -0.0125 -0.0419 190 LEU A CD1 
560 C CD2 . LEU A 76  ? 0.2185 0.1666 0.1815 0.0433  -0.0719 -0.0892 190 LEU A CD2 
561 N N   . LEU A 77  ? 0.1395 0.0982 0.0691 -0.0042 -0.0039 -0.0310 191 LEU A N   
562 C CA  . LEU A 77  ? 0.1515 0.0917 0.0691 0.0054  0.0107  -0.0394 191 LEU A CA  
563 C C   . LEU A 77  ? 0.1278 0.0864 0.0862 -0.0071 0.0086  -0.0364 191 LEU A C   
564 O O   . LEU A 77  ? 0.1547 0.0919 0.1079 -0.0157 -0.0080 -0.0255 191 LEU A O   
565 C CB  . LEU A 77  ? 0.1620 0.1155 0.0971 -0.0111 0.0167  -0.0520 191 LEU A CB  
566 C CG  . LEU A 77  ? 0.1768 0.1571 0.1084 -0.0246 0.0328  -0.0589 191 LEU A CG  
567 C CD1 . LEU A 77  ? 0.2216 0.1573 0.1196 -0.0033 0.0453  -0.0544 191 LEU A CD1 
568 C CD2 . LEU A 77  ? 0.2246 0.2042 0.0977 -0.0143 0.0286  -0.0580 191 LEU A CD2 
569 N N   . ARG A 78  ? 0.1338 0.0907 0.0913 -0.0074 0.0055  -0.0357 192 ARG A N   
570 C CA  . ARG A 78  ? 0.1628 0.0949 0.0890 -0.0062 -0.0014 -0.0202 192 ARG A CA  
571 C C   . ARG A 78  ? 0.1909 0.1007 0.0809 -0.0174 0.0115  -0.0166 192 ARG A C   
572 O O   . ARG A 78  ? 0.2133 0.0983 0.0720 0.0047  0.0113  -0.0201 192 ARG A O   
573 C CB  . ARG A 78  ? 0.1791 0.0971 0.0962 -0.0087 0.0176  -0.0315 192 ARG A CB  
574 C CG  . ARG A 78  ? 0.1769 0.1202 0.1106 -0.0185 0.0251  -0.0358 192 ARG A CG  
575 C CD  . ARG A 78  ? 0.1884 0.1236 0.1171 -0.0102 0.0350  -0.0351 192 ARG A CD  
576 N NE  . ARG A 78  ? 0.1867 0.1226 0.1079 -0.0018 0.0204  -0.0223 192 ARG A NE  
577 C CZ  . ARG A 78  ? 0.1646 0.1287 0.1114 -0.0015 0.0121  -0.0228 192 ARG A CZ  
578 N NH1 . ARG A 78  ? 0.2156 0.1316 0.1089 -0.0120 0.0235  -0.0149 192 ARG A NH1 
579 N NH2 . ARG A 78  ? 0.1924 0.1273 0.1107 -0.0026 0.0141  -0.0336 192 ARG A NH2 
580 N N   . GLU A 79  ? 0.2079 0.1157 0.0928 -0.0382 0.0000  -0.0201 193 GLU A N   
581 C CA  . GLU A 79  ? 0.2607 0.1359 0.1085 -0.0522 0.0095  -0.0330 193 GLU A CA  
582 C C   . GLU A 79  ? 0.2628 0.1169 0.0956 -0.0465 0.0290  -0.0336 193 GLU A C   
583 O O   . GLU A 79  ? 0.3029 0.1312 0.1194 -0.0470 0.0493  -0.0419 193 GLU A O   
584 C CB  . GLU A 79  ? 0.2579 0.1263 0.1234 -0.0650 0.0186  -0.0320 193 GLU A CB  
585 C CG  . GLU A 79  ? 0.2707 0.1657 0.1361 -0.0724 0.0214  -0.0273 193 GLU A CG  
586 C CD  . GLU A 79  ? 0.2947 0.1519 0.1358 -0.0529 0.0261  -0.0164 193 GLU A CD  
587 O OE1 . GLU A 79  ? 0.2957 0.1410 0.1376 -0.0514 0.0360  -0.0212 193 GLU A OE1 
588 O OE2 . GLU A 79  ? 0.3062 0.1889 0.1422 -0.0445 0.0323  -0.0082 193 GLU A OE2 
589 N N   . GLY A 80  ? 0.2464 0.1363 0.0841 -0.0444 0.0266  -0.0338 194 GLY A N   
590 C CA  . GLY A 80  ? 0.2629 0.1285 0.0804 -0.0351 0.0232  -0.0256 194 GLY A CA  
591 C C   . GLY A 80  ? 0.2457 0.1165 0.0964 0.0058  0.0344  -0.0315 194 GLY A C   
592 O O   . GLY A 80  ? 0.2632 0.1609 0.1120 0.0242  0.0450  -0.0435 194 GLY A O   
593 N N   . GLN A 81  ? 0.1987 0.1208 0.0985 0.0170  0.0263  -0.0388 195 GLN A N   
594 C CA  A GLN A 81  ? 0.2252 0.1403 0.1062 0.0373  0.0091  -0.0415 195 GLN A CA  
595 C CA  B GLN A 81  ? 0.2196 0.1445 0.1026 0.0376  0.0073  -0.0354 195 GLN A CA  
596 C C   . GLN A 81  ? 0.2037 0.1437 0.0944 0.0393  -0.0027 -0.0406 195 GLN A C   
597 O O   . GLN A 81  ? 0.1745 0.1350 0.1101 0.0268  -0.0178 -0.0674 195 GLN A O   
598 C CB  A GLN A 81  ? 0.2743 0.1562 0.1248 0.0435  0.0065  -0.0421 195 GLN A CB  
599 C CB  B GLN A 81  ? 0.2594 0.1702 0.1126 0.0405  0.0042  -0.0246 195 GLN A CB  
600 C CG  A GLN A 81  ? 0.3172 0.1832 0.1438 0.0514  -0.0003 -0.0581 195 GLN A CG  
601 C CG  B GLN A 81  ? 0.2994 0.1970 0.1218 0.0500  -0.0043 -0.0246 195 GLN A CG  
602 C CD  A GLN A 81  ? 0.3383 0.2035 0.1703 0.0560  -0.0170 -0.0778 195 GLN A CD  
603 C CD  B GLN A 81  ? 0.3271 0.2191 0.1433 0.0532  -0.0180 -0.0310 195 GLN A CD  
604 O OE1 A GLN A 81  ? 0.3587 0.2010 0.1838 0.0537  -0.0145 -0.0887 195 GLN A OE1 
605 O OE1 B GLN A 81  ? 0.3238 0.2308 0.1394 0.0576  -0.0172 -0.0269 195 GLN A OE1 
606 N NE2 A GLN A 81  ? 0.3303 0.2143 0.1840 0.0535  -0.0268 -0.0848 195 GLN A NE2 
607 N NE2 B GLN A 81  ? 0.3579 0.2190 0.1484 0.0514  -0.0259 -0.0252 195 GLN A NE2 
608 N N   . ILE A 82  ? 0.1887 0.1607 0.1188 0.0484  -0.0003 -0.0581 196 ILE A N   
609 C CA  . ILE A 82  ? 0.1704 0.1994 0.1147 0.0408  -0.0202 -0.0414 196 ILE A CA  
610 C C   . ILE A 82  ? 0.1766 0.1951 0.1013 0.0528  -0.0207 -0.0267 196 ILE A C   
611 O O   . ILE A 82  ? 0.2575 0.2425 0.1209 0.1004  -0.0242 -0.0458 196 ILE A O   
612 C CB  . ILE A 82  ? 0.1719 0.2493 0.1384 0.0110  -0.0113 -0.0477 196 ILE A CB  
613 C CG1 . ILE A 82  ? 0.1774 0.2777 0.1538 -0.0056 0.0235  -0.0621 196 ILE A CG1 
614 C CG2 . ILE A 82  ? 0.1687 0.2710 0.1634 -0.0107 -0.0109 -0.0648 196 ILE A CG2 
615 C CD1 . ILE A 82  ? 0.1957 0.2965 0.1790 -0.0267 0.0289  -0.0613 196 ILE A CD1 
616 N N   . LEU A 83  ? 0.1436 0.1327 0.0974 0.0188  -0.0040 -0.0266 197 LEU A N   
617 C CA  . LEU A 83  ? 0.1596 0.1411 0.0918 -0.0018 0.0035  -0.0269 197 LEU A CA  
618 C C   . LEU A 83  ? 0.1417 0.1328 0.0897 0.0058  -0.0060 -0.0215 197 LEU A C   
619 O O   . LEU A 83  ? 0.1669 0.1391 0.0857 -0.0018 -0.0066 -0.0300 197 LEU A O   
620 C CB  . LEU A 83  ? 0.2023 0.1821 0.1059 -0.0121 0.0159  -0.0249 197 LEU A CB  
621 C CG  . LEU A 83  ? 0.2105 0.1928 0.1531 -0.0451 -0.0065 -0.0230 197 LEU A CG  
622 C CD1 . LEU A 83  ? 0.2227 0.2057 0.1640 -0.0659 -0.0038 -0.0191 197 LEU A CD1 
623 C CD2 . LEU A 83  ? 0.2715 0.1849 0.1787 -0.0476 -0.0260 -0.0386 197 LEU A CD2 
624 N N   . LYS A 84  ? 0.1532 0.1234 0.0962 -0.0059 -0.0062 -0.0274 198 LYS A N   
625 C CA  . LYS A 84  ? 0.1570 0.1284 0.0983 -0.0255 0.0029  -0.0280 198 LYS A CA  
626 C C   . LYS A 84  ? 0.1620 0.1220 0.0798 -0.0174 -0.0001 -0.0173 198 LYS A C   
627 O O   . LYS A 84  ? 0.2075 0.1358 0.1075 -0.0073 0.0127  -0.0326 198 LYS A O   
628 C CB  . LYS A 84  ? 0.1528 0.1810 0.1656 -0.0435 0.0171  -0.0677 198 LYS A CB  
629 C CG  . LYS A 84  ? 0.2408 0.3001 0.2131 -0.0454 -0.0045 -0.0779 198 LYS A CG  
630 C CD  . LYS A 84  ? 0.3237 0.3799 0.2486 -0.0444 -0.0117 -0.0916 198 LYS A CD  
631 C CE  . LYS A 84  ? 0.3804 0.4265 0.2656 -0.0361 -0.0226 -0.0986 198 LYS A CE  
632 N NZ  . LYS A 84  ? 0.4067 0.4582 0.2796 -0.0356 -0.0301 -0.1063 198 LYS A NZ  
633 N N   . THR A 85  ? 0.1537 0.1311 0.0846 -0.0214 0.0035  -0.0326 199 THR A N   
634 C CA  . THR A 85  ? 0.1481 0.1325 0.0707 -0.0180 0.0017  -0.0259 199 THR A CA  
635 C C   . THR A 85  ? 0.1194 0.1360 0.0743 -0.0127 -0.0039 -0.0304 199 THR A C   
636 O O   . THR A 85  ? 0.1204 0.1472 0.0785 -0.0139 0.0011  -0.0457 199 THR A O   
637 C CB  . THR A 85  ? 0.1467 0.1388 0.0847 -0.0134 0.0072  -0.0279 199 THR A CB  
638 O OG1 . THR A 85  ? 0.1504 0.1316 0.1064 -0.0316 -0.0130 -0.0193 199 THR A OG1 
639 C CG2 . THR A 85  ? 0.1471 0.1743 0.1009 -0.0175 0.0089  -0.0320 199 THR A CG2 
640 N N   . SER A 86  ? 0.1094 0.1028 0.1063 -0.0260 0.0105  -0.0300 200 SER A N   
641 C CA  A SER A 86  ? 0.1136 0.1069 0.1071 -0.0232 -0.0002 -0.0233 200 SER A CA  
642 C CA  B SER A 86  ? 0.1168 0.1174 0.1092 -0.0242 0.0038  -0.0306 200 SER A CA  
643 C C   . SER A 86  ? 0.1163 0.1153 0.1034 -0.0147 -0.0060 -0.0210 200 SER A C   
644 O O   . SER A 86  ? 0.1203 0.1401 0.1391 -0.0233 -0.0045 -0.0122 200 SER A O   
645 C CB  A SER A 86  ? 0.1000 0.1322 0.1146 -0.0004 -0.0168 -0.0376 200 SER A CB  
646 C CB  B SER A 86  ? 0.1189 0.1440 0.1189 -0.0210 0.0013  -0.0465 200 SER A CB  
647 O OG  A SER A 86  ? 0.1245 0.1761 0.1102 -0.0119 -0.0217 -0.0506 200 SER A OG  
648 O OG  B SER A 86  ? 0.1433 0.1709 0.1297 -0.0283 -0.0044 -0.0619 200 SER A OG  
649 N N   . LEU A 87  ? 0.1167 0.1168 0.0980 -0.0139 0.0053  -0.0403 201 LEU A N   
650 C CA  . LEU A 87  ? 0.1173 0.1279 0.0987 0.0038  -0.0074 -0.0518 201 LEU A CA  
651 C C   . LEU A 87  ? 0.1249 0.1386 0.0853 -0.0030 0.0040  -0.0441 201 LEU A C   
652 O O   . LEU A 87  ? 0.1406 0.1455 0.1411 -0.0152 0.0061  -0.0772 201 LEU A O   
653 C CB  . LEU A 87  ? 0.2115 0.1556 0.1215 0.0094  -0.0069 -0.0592 201 LEU A CB  
654 C CG  . LEU A 87  ? 0.3105 0.1732 0.1122 0.0166  -0.0391 -0.0264 201 LEU A CG  
655 C CD1 . LEU A 87  ? 0.3160 0.1752 0.1657 0.0076  -0.0562 -0.0503 201 LEU A CD1 
656 C CD2 . LEU A 87  ? 0.2889 0.2167 0.1263 0.0006  -0.0273 -0.0450 201 LEU A CD2 
657 N N   . THR A 88  ? 0.1290 0.1241 0.0856 -0.0001 -0.0172 -0.0395 202 THR A N   
658 C CA  . THR A 88  ? 0.1516 0.1189 0.0854 0.0220  -0.0158 -0.0540 202 THR A CA  
659 C C   . THR A 88  ? 0.1147 0.1329 0.0916 0.0065  -0.0253 -0.0584 202 THR A C   
660 O O   . THR A 88  ? 0.1350 0.1382 0.1030 0.0038  -0.0237 -0.0480 202 THR A O   
661 C CB  . THR A 88  ? 0.1596 0.1513 0.0848 0.0286  -0.0296 -0.0484 202 THR A CB  
662 O OG1 . THR A 88  ? 0.1833 0.1807 0.0940 0.0291  -0.0397 -0.0424 202 THR A OG1 
663 C CG2 . THR A 88  ? 0.1624 0.1924 0.0839 0.0162  -0.0259 -0.0567 202 THR A CG2 
664 N N   . PRO A 89  ? 0.1307 0.1262 0.0924 0.0120  -0.0254 -0.0459 203 PRO A N   
665 C CA  . PRO A 89  ? 0.1291 0.1408 0.0969 0.0160  -0.0309 -0.0455 203 PRO A CA  
666 C C   . PRO A 89  ? 0.1418 0.1522 0.0958 0.0202  -0.0297 -0.0531 203 PRO A C   
667 O O   . PRO A 89  ? 0.1378 0.1687 0.1028 0.0191  -0.0346 -0.0669 203 PRO A O   
668 C CB  . PRO A 89  ? 0.1593 0.1482 0.1147 0.0182  -0.0262 -0.0427 203 PRO A CB  
669 C CG  . PRO A 89  ? 0.1465 0.1465 0.1106 0.0109  -0.0224 -0.0463 203 PRO A CG  
670 C CD  . PRO A 89  ? 0.1510 0.1187 0.1021 0.0109  -0.0123 -0.0442 203 PRO A CD  
671 N N   . SER A 90  ? 0.1357 0.1719 0.1105 0.0290  -0.0320 -0.0600 204 SER A N   
672 C CA  . SER A 90  ? 0.1563 0.2217 0.1126 0.0750  -0.0178 -0.0480 204 SER A CA  
673 C C   . SER A 90  ? 0.1564 0.2608 0.1117 0.0697  -0.0244 -0.0410 204 SER A C   
674 O O   . SER A 90  ? 0.1548 0.3590 0.1326 0.0760  -0.0327 -0.0835 204 SER A O   
675 C CB  . SER A 90  ? 0.2276 0.2833 0.1252 0.0869  -0.0004 -0.0371 204 SER A CB  
676 O OG  . SER A 90  ? 0.2877 0.3220 0.1597 0.0887  0.0016  -0.0348 204 SER A OG  
677 N N   . ARG A 91  ? 0.1414 0.2196 0.0999 0.0825  -0.0106 -0.0094 205 ARG A N   
678 C CA  . ARG A 91  ? 0.1467 0.2393 0.1281 0.0553  -0.0077 -0.0043 205 ARG A CA  
679 C C   . ARG A 91  ? 0.1396 0.2657 0.1736 0.0448  -0.0034 -0.0206 205 ARG A C   
680 O O   . ARG A 91  ? 0.2027 0.2726 0.1967 0.0318  -0.0277 -0.0393 205 ARG A O   
681 C CB  . ARG A 91  ? 0.1817 0.2239 0.1562 0.0567  -0.0310 -0.0284 205 ARG A CB  
682 C CG  . ARG A 91  ? 0.1933 0.1591 0.2096 0.0572  -0.0469 -0.0448 205 ARG A CG  
683 C CD  . ARG A 91  ? 0.3166 0.1377 0.2538 0.0476  -0.0345 -0.0605 205 ARG A CD  
684 N NE  . ARG A 91  ? 0.3995 0.1668 0.2814 0.0473  -0.0374 -0.0696 205 ARG A NE  
685 C CZ  . ARG A 91  ? 0.4342 0.1700 0.2796 0.0515  -0.0507 -0.0497 205 ARG A CZ  
686 N NH1 . ARG A 91  ? 0.4533 0.1828 0.2698 0.0637  -0.0509 -0.0473 205 ARG A NH1 
687 N NH2 . ARG A 91  ? 0.4541 0.2090 0.2895 0.0480  -0.0623 -0.0540 205 ARG A NH2 
688 N N   . ASN A 92  ? 0.1447 0.2057 0.1397 0.0507  0.0050  0.0244  206 ASN A N   
689 C CA  . ASN A 92  ? 0.1824 0.1994 0.1610 0.0828  0.0080  0.0135  206 ASN A CA  
690 C C   . ASN A 92  ? 0.2562 0.2220 0.1799 0.0606  0.0026  0.0076  206 ASN A C   
691 O O   . ASN A 92  ? 0.2889 0.2594 0.1872 0.0347  0.0059  -0.0009 206 ASN A O   
692 C CB  . ASN A 92  ? 0.2465 0.1790 0.1627 0.0631  -0.0033 0.0161  206 ASN A CB  
693 C CG  . ASN A 92  ? 0.2713 0.2023 0.1933 0.0653  -0.0567 0.0071  206 ASN A CG  
694 O OD1 . ASN A 92  ? 0.3099 0.2230 0.2286 0.0794  -0.0814 -0.0201 206 ASN A OD1 
695 N ND2 . ASN A 92  ? 0.2924 0.2167 0.2125 0.0584  -0.0723 -0.0007 206 ASN A ND2 
696 N N   . TRP A 93  ? 0.2372 0.2070 0.2066 0.0748  0.0459  -0.0311 207 TRP A N   
697 C CA  . TRP A 93  ? 0.2368 0.2511 0.2440 0.0714  0.0374  -0.0622 207 TRP A CA  
698 C C   . TRP A 93  ? 0.2257 0.2863 0.2846 0.0666  0.0284  -0.1033 207 TRP A C   
699 O O   . TRP A 93  ? 0.2260 0.2558 0.2985 0.0891  -0.0071 -0.1058 207 TRP A O   
700 C CB  . TRP A 93  ? 0.2091 0.2414 0.2376 0.0854  0.0513  -0.0638 207 TRP A CB  
701 C CG  . TRP A 93  ? 0.2086 0.2134 0.2264 0.0944  0.0437  -0.0640 207 TRP A CG  
702 C CD1 . TRP A 93  ? 0.2258 0.1868 0.1935 0.0827  0.0313  -0.0430 207 TRP A CD1 
703 C CD2 . TRP A 93  ? 0.2042 0.2027 0.2452 0.0947  0.0234  -0.0721 207 TRP A CD2 
704 N NE1 . TRP A 93  ? 0.1909 0.2117 0.1981 0.0704  0.0229  -0.0511 207 TRP A NE1 
705 C CE2 . TRP A 93  ? 0.1875 0.1965 0.2105 0.0995  0.0156  -0.0524 207 TRP A CE2 
706 C CE3 . TRP A 93  ? 0.2081 0.2352 0.2697 0.0964  0.0131  -0.0942 207 TRP A CE3 
707 C CZ2 . TRP A 93  ? 0.1843 0.2336 0.2331 0.0942  0.0001  -0.0764 207 TRP A CZ2 
708 C CZ3 . TRP A 93  ? 0.1996 0.2645 0.2761 0.0873  0.0163  -0.1112 207 TRP A CZ3 
709 C CH2 . TRP A 93  ? 0.1654 0.2663 0.2516 0.0829  0.0073  -0.1008 207 TRP A CH2 
710 N N   . ASN A 94  ? 0.2342 0.3509 0.3148 0.0385  0.0437  -0.1403 208 ASN A N   
711 C CA  . ASN A 94  ? 0.2169 0.4073 0.3544 0.0322  0.0364  -0.1739 208 ASN A CA  
712 C C   . ASN A 94  ? 0.1836 0.3640 0.3733 0.0420  0.0169  -0.1887 208 ASN A C   
713 O O   . ASN A 94  ? 0.2390 0.3620 0.3914 0.0081  0.0074  -0.1898 208 ASN A O   
714 C CB  . ASN A 94  ? 0.2550 0.4901 0.3676 0.0082  0.0373  -0.1785 208 ASN A CB  
715 C CG  . ASN A 94  ? 0.2959 0.5654 0.3732 -0.0124 0.0285  -0.1709 208 ASN A CG  
716 O OD1 . ASN A 94  ? 0.2834 0.6079 0.3656 -0.0132 0.0222  -0.1665 208 ASN A OD1 
717 N ND2 . ASN A 94  ? 0.3793 0.5716 0.3778 -0.0242 0.0170  -0.1615 208 ASN A ND2 
718 N N   . GLY A 95  ? 0.1840 0.3196 0.3595 0.0696  -0.0170 -0.1706 209 GLY A N   
719 C CA  . GLY A 95  ? 0.1720 0.2940 0.3345 0.0775  -0.0417 -0.1571 209 GLY A CA  
720 C C   . GLY A 95  ? 0.1786 0.2767 0.3014 0.0835  -0.0494 -0.1489 209 GLY A C   
721 O O   . GLY A 95  ? 0.1960 0.2517 0.2987 0.0687  -0.0504 -0.1531 209 GLY A O   
722 N N   . ARG A 96  ? 0.1771 0.2856 0.2804 0.0903  -0.0718 -0.1393 210 ARG A N   
723 C CA  . ARG A 96  ? 0.2165 0.2505 0.2586 0.1057  -0.0923 -0.1175 210 ARG A CA  
724 C C   . ARG A 96  ? 0.2212 0.2228 0.2169 0.0911  -0.0946 -0.0961 210 ARG A C   
725 O O   . ARG A 96  ? 0.2179 0.2116 0.2381 0.0945  -0.0951 -0.1138 210 ARG A O   
726 C CB  . ARG A 96  ? 0.2284 0.3042 0.2771 0.1123  -0.1216 -0.1144 210 ARG A CB  
727 C CG  . ARG A 96  ? 0.2880 0.3252 0.2762 0.1026  -0.1281 -0.1047 210 ARG A CG  
728 C CD  . ARG A 96  ? 0.3247 0.3646 0.2854 0.0822  -0.1328 -0.1033 210 ARG A CD  
729 N N   . GLY A 97  ? 0.2132 0.1920 0.2023 0.0825  -0.0850 -0.0890 211 GLY A N   
730 C CA  . GLY A 97  ? 0.2284 0.1962 0.1848 0.0641  -0.0889 -0.0818 211 GLY A CA  
731 C C   . GLY A 97  ? 0.2166 0.1691 0.1607 0.0703  -0.0796 -0.0689 211 GLY A C   
732 O O   . GLY A 97  ? 0.1852 0.2065 0.1744 0.0663  -0.0673 -0.0877 211 GLY A O   
733 N N   . LEU A 98  ? 0.1952 0.1582 0.1523 0.0488  -0.0628 -0.0694 212 LEU A N   
734 C CA  . LEU A 98  ? 0.1923 0.1725 0.1441 0.0481  -0.0483 -0.0694 212 LEU A CA  
735 C C   . LEU A 98  ? 0.1801 0.1802 0.1182 0.0434  -0.0559 -0.0518 212 LEU A C   
736 O O   . LEU A 98  ? 0.1790 0.1909 0.1256 0.0409  -0.0569 -0.0574 212 LEU A O   
737 C CB  . LEU A 98  ? 0.2028 0.1748 0.1703 0.0412  -0.0495 -0.0876 212 LEU A CB  
738 C CG  . LEU A 98  ? 0.2407 0.1966 0.1896 0.0313  -0.0517 -0.0965 212 LEU A CG  
739 C CD1 . LEU A 98  ? 0.2877 0.2001 0.2158 0.0202  -0.0512 -0.0972 212 LEU A CD1 
740 C CD2 . LEU A 98  ? 0.3173 0.1882 0.1852 0.0269  -0.0503 -0.0922 212 LEU A CD2 
741 N N   . LEU A 99  ? 0.1907 0.1605 0.1203 0.0458  -0.0602 -0.0548 213 LEU A N   
742 C CA  . LEU A 99  ? 0.1716 0.1602 0.1219 0.0388  -0.0388 -0.0491 213 LEU A CA  
743 C C   . LEU A 99  ? 0.1624 0.1520 0.1114 0.0456  -0.0271 -0.0456 213 LEU A C   
744 O O   . LEU A 99  ? 0.1693 0.1598 0.1279 0.0439  -0.0222 -0.0384 213 LEU A O   
745 C CB  . LEU A 99  ? 0.2000 0.1972 0.1502 0.0159  -0.0295 -0.0524 213 LEU A CB  
746 C CG  . LEU A 99  ? 0.2070 0.2195 0.1681 -0.0065 -0.0229 -0.0440 213 LEU A CG  
747 C CD1 . LEU A 99  ? 0.2176 0.2554 0.1894 -0.0342 -0.0151 -0.0723 213 LEU A CD1 
748 C CD2 . LEU A 99  ? 0.2186 0.2544 0.1864 -0.0083 -0.0272 -0.0457 213 LEU A CD2 
749 N N   . GLY A 100 ? 0.1654 0.1552 0.1128 0.0411  -0.0351 -0.0532 214 GLY A N   
750 C CA  . GLY A 100 ? 0.1542 0.1774 0.1171 0.0228  -0.0233 -0.0555 214 GLY A CA  
751 C C   . GLY A 100 ? 0.1462 0.1734 0.1287 0.0059  -0.0153 -0.0547 214 GLY A C   
752 O O   . GLY A 100 ? 0.1865 0.1907 0.1562 -0.0183 0.0092  -0.0588 214 GLY A O   
753 N N   . CYS A 101 ? 0.1763 0.1574 0.1245 -0.0049 -0.0063 -0.0521 215 CYS A N   
754 C CA  . CYS A 101 ? 0.2091 0.1541 0.1285 -0.0053 0.0176  -0.0311 215 CYS A CA  
755 C C   . CYS A 101 ? 0.1985 0.1558 0.1320 0.0019  -0.0031 -0.0248 215 CYS A C   
756 O O   . CYS A 101 ? 0.2844 0.1862 0.1499 -0.0285 -0.0089 -0.0286 215 CYS A O   
757 C CB  . CYS A 101 ? 0.2442 0.1776 0.1361 0.0037  0.0302  -0.0087 215 CYS A CB  
758 S SG  . CYS A 101 ? 0.2318 0.2461 0.1777 0.0193  0.0301  -0.0045 215 CYS A SG  
759 N N   . ARG A 102 ? 0.1659 0.1582 0.1214 -0.0075 -0.0079 -0.0102 216 ARG A N   
760 C CA  . ARG A 102 ? 0.1573 0.1679 0.1394 0.0162  -0.0191 -0.0070 216 ARG A CA  
761 C C   . ARG A 102 ? 0.1566 0.1415 0.1506 0.0233  -0.0132 -0.0108 216 ARG A C   
762 O O   . ARG A 102 ? 0.1968 0.1400 0.1683 0.0129  0.0240  -0.0040 216 ARG A O   
763 C CB  . ARG A 102 ? 0.1958 0.2164 0.1561 0.0266  -0.0192 -0.0123 216 ARG A CB  
764 C CG  . ARG A 102 ? 0.2315 0.2628 0.1874 0.0467  -0.0445 -0.0101 216 ARG A CG  
765 C CD  . ARG A 102 ? 0.3130 0.3200 0.2474 0.0412  -0.0483 -0.0312 216 ARG A CD  
766 N NE  . ARG A 102 ? 0.3840 0.3563 0.3010 0.0345  -0.0497 -0.0500 216 ARG A NE  
767 C CZ  . ARG A 102 ? 0.4294 0.4001 0.3366 0.0281  -0.0470 -0.0700 216 ARG A CZ  
768 N NH1 . ARG A 102 ? 0.4565 0.4218 0.3430 0.0212  -0.0521 -0.0682 216 ARG A NH1 
769 N NH2 . ARG A 102 ? 0.4410 0.4168 0.3563 0.0256  -0.0446 -0.0855 216 ARG A NH2 
770 N N   . ILE A 103 ? 0.1771 0.1389 0.1379 0.0113  -0.0078 -0.0117 217 ILE A N   
771 C CA  . ILE A 103 ? 0.1637 0.1309 0.1192 0.0090  0.0008  -0.0083 217 ILE A CA  
772 C C   . ILE A 103 ? 0.1867 0.1460 0.1228 0.0233  -0.0121 -0.0106 217 ILE A C   
773 O O   . ILE A 103 ? 0.2261 0.1506 0.1371 0.0114  -0.0019 -0.0148 217 ILE A O   
774 C CB  . ILE A 103 ? 0.1700 0.1303 0.1159 0.0064  0.0018  -0.0111 217 ILE A CB  
775 C CG1 . ILE A 103 ? 0.1837 0.1904 0.1153 -0.0069 -0.0010 -0.0274 217 ILE A CG1 
776 C CG2 . ILE A 103 ? 0.1811 0.1574 0.1313 -0.0057 0.0085  -0.0171 217 ILE A CG2 
777 C CD1 . ILE A 103 ? 0.1934 0.2220 0.1324 0.0078  -0.0117 -0.0385 217 ILE A CD1 
778 N N   . GLN A 104 ? 0.2308 0.1520 0.1203 0.0364  -0.0074 -0.0101 218 GLN A N   
779 C CA  . GLN A 104 ? 0.2681 0.1784 0.1073 0.0349  -0.0201 0.0110  218 GLN A CA  
780 C C   . GLN A 104 ? 0.2748 0.1487 0.1228 0.0145  0.0104  0.0062  218 GLN A C   
781 O O   . GLN A 104 ? 0.2401 0.1513 0.1255 0.0128  0.0217  0.0117  218 GLN A O   
782 C CB  . GLN A 104 ? 0.2790 0.2134 0.1247 0.0478  -0.0357 0.0047  218 GLN A CB  
783 C CG  . GLN A 104 ? 0.2979 0.2507 0.1656 0.0289  -0.0510 -0.0028 218 GLN A CG  
784 C CD  . GLN A 104 ? 0.3147 0.2606 0.1947 0.0111  -0.0849 0.0034  218 GLN A CD  
785 O OE1 . GLN A 104 ? 0.3776 0.2275 0.2210 -0.0086 -0.1074 0.0117  218 GLN A OE1 
786 N NE2 . GLN A 104 ? 0.2927 0.3091 0.1818 -0.0020 -0.0895 0.0040  218 GLN A NE2 
787 N N   . GLU A 105 ? 0.3688 0.1470 0.1307 0.0112  0.0098  0.0144  219 GLU A N   
788 C CA  . GLU A 105 ? 0.3990 0.1801 0.1456 -0.0263 0.0243  0.0116  219 GLU A CA  
789 C C   . GLU A 105 ? 0.4069 0.2369 0.1445 -0.0157 0.0187  -0.0208 219 GLU A C   
790 O O   . GLU A 105 ? 0.4166 0.2876 0.1644 -0.0005 -0.0081 -0.0511 219 GLU A O   
791 C CB  . GLU A 105 ? 0.4619 0.2246 0.1820 -0.0428 0.0176  0.0163  219 GLU A CB  
792 C CG  . GLU A 105 ? 0.5180 0.2417 0.2164 -0.0510 0.0101  0.0149  219 GLU A CG  
793 C CD  . GLU A 105 ? 0.5358 0.2944 0.2439 -0.0594 0.0031  0.0013  219 GLU A CD  
794 O OE1 . GLU A 105 ? 0.5592 0.2996 0.2566 -0.0584 -0.0064 0.0042  219 GLU A OE1 
795 O OE2 . GLU A 105 ? 0.5408 0.3340 0.2448 -0.0697 0.0089  -0.0041 219 GLU A OE2 
796 N N   . LEU A 106 ? 0.4048 0.2292 0.1331 -0.0210 0.0555  -0.0264 220 LEU A N   
797 C CA  . LEU A 106 ? 0.4481 0.2843 0.1614 -0.0073 0.0415  -0.0546 220 LEU A CA  
798 C C   . LEU A 106 ? 0.5182 0.3788 0.2231 -0.0257 0.0355  -0.0955 220 LEU A C   
799 O O   . LEU A 106 ? 0.5589 0.4290 0.2549 -0.0338 0.0132  -0.1078 220 LEU A O   
800 C CB  . LEU A 106 ? 0.4123 0.2606 0.1864 0.0092  0.0329  -0.0771 220 LEU A CB  
801 C CG  . LEU A 106 ? 0.3765 0.2269 0.1890 0.0288  0.0242  -0.0925 220 LEU A CG  
802 C CD1 . LEU A 106 ? 0.3831 0.2437 0.2226 0.0326  0.0118  -0.1177 220 LEU A CD1 
803 C CD2 . LEU A 106 ? 0.3606 0.2588 0.1935 0.0241  0.0439  -0.1109 220 LEU A CD2 
804 O OXT . LEU A 106 ? 0.5442 0.4239 0.2415 -0.0349 0.0371  -0.1067 220 LEU A OXT 
805 C C4  . PG4 B .   ? 0.3389 0.4834 0.3146 -0.0098 -0.0366 0.0032  301 PG4 A C4  
806 O O3  . PG4 B .   ? 0.3408 0.4853 0.2999 -0.0170 -0.0327 0.0118  301 PG4 A O3  
807 C C5  . PG4 B .   ? 0.3718 0.4405 0.3070 -0.0092 -0.0457 0.0250  301 PG4 A C5  
808 C C6  . PG4 B .   ? 0.3695 0.4150 0.3101 -0.0215 -0.0510 0.0343  301 PG4 A C6  
809 O O4  . PG4 B .   ? 0.3662 0.3863 0.3064 -0.0430 -0.0511 0.0463  301 PG4 A O4  
810 C C7  . PG4 B .   ? 0.3796 0.3829 0.3354 -0.0762 -0.0485 0.0250  301 PG4 A C7  
811 C C8  . PG4 B .   ? 0.4203 0.3707 0.3585 -0.0750 -0.0562 0.0060  301 PG4 A C8  
812 O O5  . PG4 B .   ? 0.4569 0.3553 0.3732 -0.0719 -0.0650 -0.0034 301 PG4 A O5  
813 S S   . SO4 C .   ? 0.4115 0.3948 0.3209 -0.0103 -0.1403 0.0507  302 SO4 A S   
814 O O1  . SO4 C .   ? 0.4447 0.3984 0.3481 -0.0175 -0.1241 0.0280  302 SO4 A O1  
815 O O2  . SO4 C .   ? 0.3972 0.4186 0.3415 -0.0119 -0.1206 0.0260  302 SO4 A O2  
816 O O3  . SO4 C .   ? 0.4170 0.4449 0.3223 -0.0171 -0.1284 0.0296  302 SO4 A O3  
817 O O4  . SO4 C .   ? 0.3954 0.4219 0.3410 -0.0174 -0.1386 0.0325  302 SO4 A O4  
818 O O   . HOH D .   ? 0.2205 0.2464 0.1378 -0.0835 0.0244  -0.0716 401 HOH A O   
819 O O   . HOH D .   ? 0.2203 0.1437 0.1358 -0.0334 -0.0083 -0.0356 402 HOH A O   
820 O O   . HOH D .   ? 0.1621 0.1508 0.0958 -0.0037 -0.0247 -0.0315 403 HOH A O   
821 O O   . HOH D .   ? 0.1450 0.1901 0.1217 -0.0721 0.0428  -0.0761 404 HOH A O   
822 O O   . HOH D .   ? 0.1860 0.5102 0.3595 0.0004  0.0085  0.2470  405 HOH A O   
823 O O   . HOH D .   ? 0.2348 0.1840 0.1435 0.0339  -0.0684 -0.0426 406 HOH A O   
824 O O   . HOH D .   ? 0.2193 0.1546 0.1307 -0.0096 -0.0396 -0.0719 407 HOH A O   
825 O O   . HOH D .   ? 0.2512 0.2427 0.1658 0.0226  -0.0543 -0.0513 408 HOH A O   
826 O O   . HOH D .   ? 0.2201 0.2005 0.1752 -0.0347 0.0481  -0.0463 409 HOH A O   
827 O O   . HOH D .   ? 0.1962 0.2056 0.1537 0.0668  -0.0108 -0.0620 410 HOH A O   
828 O O   . HOH D .   ? 0.1910 0.3219 0.1932 0.0516  0.0219  0.0854  411 HOH A O   
829 O O   . HOH D .   ? 0.3078 0.2643 0.3315 0.1325  0.1302  0.0267  412 HOH A O   
830 O O   . HOH D .   ? 0.2618 0.2028 0.1365 0.0252  -0.0110 0.0191  413 HOH A O   
831 O O   . HOH D .   ? 0.4355 0.2404 0.1934 -0.0398 0.0795  0.0403  414 HOH A O   
832 O O   . HOH D .   ? 0.1926 0.1987 0.1410 0.0005  -0.0269 -0.0205 415 HOH A O   
833 O O   . HOH D .   ? 0.3025 0.1721 0.2022 -0.0343 0.0274  0.0379  416 HOH A O   
834 O O   . HOH D .   ? 0.2527 0.4199 0.2505 0.0891  -0.0639 -0.1734 417 HOH A O   
835 O O   . HOH D .   ? 0.3144 0.5908 0.2238 -0.1697 0.0454  -0.1349 418 HOH A O   
836 O O   . HOH D .   ? 0.2347 0.3544 0.2354 -0.1367 0.0832  -0.1463 419 HOH A O   
837 O O   . HOH D .   ? 0.1473 0.3553 0.2002 -0.0724 0.0137  0.0201  420 HOH A O   
838 O O   . HOH D .   ? 0.2546 0.3170 0.4828 0.0964  0.0700  -0.0964 421 HOH A O   
839 O O   . HOH D .   ? 0.3247 0.2628 0.2717 0.0450  -0.1113 -0.1028 422 HOH A O   
840 O O   . HOH D .   ? 0.4464 0.3232 0.2575 0.0486  -0.1753 -0.0729 423 HOH A O   
841 O O   . HOH D .   ? 0.4616 0.2578 0.2957 -0.0525 0.1172  -0.1296 424 HOH A O   
842 O O   . HOH D .   ? 0.2676 0.3225 0.3637 0.0121  -0.0889 -0.1433 425 HOH A O   
843 O O   . HOH D .   ? 0.2094 0.3250 0.4218 -0.0077 -0.0910 -0.0297 426 HOH A O   
844 O O   . HOH D .   ? 0.4307 0.3927 0.3109 -0.0863 -0.0236 -0.0557 427 HOH A O   
845 O O   . HOH D .   ? 0.1887 0.4156 0.2502 -0.0758 -0.0473 0.0326  428 HOH A O   
846 O O   . HOH D .   ? 0.3114 0.2942 0.1607 0.0453  -0.0116 -0.0313 429 HOH A O   
847 O O   . HOH D .   ? 0.8403 0.2750 0.3076 -0.0637 -0.2069 0.0387  430 HOH A O   
848 O O   . HOH D .   ? 0.3617 0.3496 0.2871 -0.0312 -0.0487 0.0764  431 HOH A O   
849 O O   . HOH D .   ? 0.2383 0.4082 0.1660 0.0644  0.0226  -0.0088 432 HOH A O   
850 O O   . HOH D .   ? 0.3529 0.6441 0.3365 -0.0235 -0.0917 0.1067  433 HOH A O   
851 O O   . HOH D .   ? 0.5037 0.4098 0.5800 -0.1083 -0.1890 -0.0151 434 HOH A O   
852 O O   . HOH D .   ? 0.2677 0.2214 0.5851 -0.0407 -0.0119 -0.1390 435 HOH A O   
853 O O   . HOH D .   ? 0.2869 0.2498 0.6526 -0.0287 0.0481  0.1513  436 HOH A O   
854 O O   . HOH D .   ? 0.3196 0.2239 0.2732 -0.0721 -0.0294 0.0242  437 HOH A O   
855 O O   . HOH D .   ? 0.4505 0.2435 0.4898 -0.1276 0.0062  0.1082  438 HOH A O   
856 O O   . HOH D .   ? 0.2770 0.2605 0.2088 0.0223  0.0055  -0.0377 439 HOH A O   
857 O O   . HOH D .   ? 0.2404 0.4474 0.4479 0.0522  -0.0936 -0.2269 440 HOH A O   
858 O O   . HOH D .   ? 0.3464 0.3201 0.3806 0.0309  -0.1771 -0.1370 441 HOH A O   
859 O O   . HOH D .   ? 0.1725 0.4247 0.3849 0.0526  0.0525  0.2236  442 HOH A O   
860 O O   . HOH D .   ? 0.6244 0.4507 0.2852 -0.0117 0.2082  -0.0444 443 HOH A O   
861 O O   . HOH D .   ? 0.3276 0.3230 0.5181 -0.0136 0.0374  0.1411  444 HOH A O   
862 O O   . HOH D .   ? 0.3768 0.4395 0.3559 -0.0117 0.0337  0.0110  445 HOH A O   
863 O O   . HOH D .   ? 0.5034 0.6255 0.2074 -0.0441 -0.1207 -0.0327 446 HOH A O   
864 O O   . HOH D .   ? 0.7030 0.4618 0.2233 -0.1768 0.0214  -0.0279 447 HOH A O   
865 O O   . HOH D .   ? 0.2932 0.3152 0.2145 -0.0993 -0.0317 0.0053  448 HOH A O   
866 O O   . HOH D .   ? 0.3052 0.2399 0.2303 0.0065  -0.0260 0.0679  449 HOH A O   
867 O O   . HOH D .   ? 0.2878 0.2634 0.2708 0.0115  -0.0177 -0.0065 450 HOH A O   
868 O O   . HOH D .   ? 0.4191 0.4772 0.8238 -0.2200 0.1079  -0.0001 451 HOH A O   
869 O O   . HOH D .   ? 0.6413 0.3068 0.2932 -0.1136 0.2081  -0.0676 452 HOH A O   
870 O O   . HOH D .   ? 0.4475 0.4469 0.5036 -0.1083 -0.1527 -0.1282 453 HOH A O   
871 O O   . HOH D .   ? 0.3747 0.8371 0.2941 0.1672  -0.0800 0.0241  454 HOH A O   
872 O O   . HOH D .   ? 0.3657 0.4381 0.2641 -0.1151 0.0631  0.0561  455 HOH A O   
873 O O   . HOH D .   ? 0.2399 0.7089 0.2330 0.0187  0.0512  -0.0589 456 HOH A O   
874 O O   . HOH D .   ? 0.4224 0.3344 0.2532 0.0102  -0.0394 -0.0485 457 HOH A O   
875 O O   . HOH D .   ? 0.3201 0.6461 0.1999 -0.0956 0.0347  -0.1070 458 HOH A O   
876 O O   . HOH D .   ? 0.5369 0.1844 0.2918 -0.0049 -0.1782 -0.0266 459 HOH A O   
877 O O   . HOH D .   ? 0.5405 0.3628 0.6554 -0.0874 -0.2388 -0.1078 460 HOH A O   
878 O O   . HOH D .   ? 0.3021 0.5215 0.7090 0.0901  -0.1185 -0.3506 461 HOH A O   
879 O O   . HOH D .   ? 0.3560 0.4054 0.2912 -0.0869 -0.0492 -0.0364 462 HOH A O   
880 O O   . HOH D .   ? 0.4115 0.3361 0.3758 -0.1057 0.1453  -0.0830 463 HOH A O   
881 O O   . HOH D .   ? 0.5567 0.5612 0.2953 -0.0952 0.0937  0.1742  464 HOH A O   
882 O O   . HOH D .   ? 0.4275 0.5600 0.2246 -0.1913 -0.1031 0.0639  465 HOH A O   
883 O O   . HOH D .   ? 0.6755 0.4788 0.2442 0.0701  0.0487  0.0503  466 HOH A O   
884 O O   . HOH D .   ? 0.3080 0.4238 0.2804 -0.0085 -0.0109 0.1035  467 HOH A O   
885 O O   . HOH D .   ? 0.5046 0.2352 0.7297 -0.0537 -0.2473 0.0238  468 HOH A O   
886 O O   . HOH D .   ? 0.3533 0.8072 0.3748 -0.0050 0.0389  0.1214  469 HOH A O   
887 O O   . HOH D .   ? 0.4721 0.2882 0.7717 0.0075  0.2870  0.0426  470 HOH A O   
888 O O   . HOH D .   ? 0.7268 0.6049 0.2996 0.2866  0.0011  0.0648  471 HOH A O   
889 O O   . HOH D .   ? 0.2856 0.3462 0.2446 -0.0514 -0.0060 0.0279  472 HOH A O   
890 O O   . HOH D .   ? 0.3801 0.5365 0.2645 -0.2538 -0.0430 0.0720  473 HOH A O   
891 O O   . HOH D .   ? 0.3793 0.3545 0.4138 -0.0293 -0.1573 -0.0407 474 HOH A O   
892 O O   . HOH D .   ? 0.4579 0.8227 0.2476 -0.2936 -0.0105 0.0220  475 HOH A O   
893 O O   . HOH D .   ? 0.6607 0.4170 0.5019 0.1446  -0.0672 -0.1330 476 HOH A O   
894 O O   . HOH D .   ? 0.6447 0.5805 0.2942 -0.0141 0.2001  0.0878  477 HOH A O   
895 O O   . HOH D .   ? 0.5360 0.2603 0.4630 0.0776  0.2343  0.1260  478 HOH A O   
896 O O   . HOH D .   ? 0.6671 0.3049 0.4050 0.0636  0.1543  0.1501  479 HOH A O   
897 O O   . HOH D .   ? 0.2207 0.8468 0.6149 0.0017  -0.0176 -0.0806 480 HOH A O   
898 O O   . HOH D .   ? 0.4232 0.4717 0.1854 0.0024  -0.0076 -0.0348 481 HOH A O   
899 O O   . HOH D .   ? 0.6123 0.2685 0.6800 -0.1520 0.0545  -0.1165 482 HOH A O   
900 O O   . HOH D .   ? 0.5223 0.4452 0.4694 -0.0530 -0.0156 -0.1263 483 HOH A O   
901 O O   . HOH D .   ? 0.2750 0.1863 0.4475 0.0699  0.0547  0.0679  484 HOH A O   
902 O O   . HOH D .   ? 0.4265 0.3074 0.2404 -0.1557 -0.1376 0.1115  485 HOH A O   
903 O O   . HOH D .   ? 0.6023 0.6296 0.2795 -0.1630 -0.0568 -0.0172 486 HOH A O   
904 O O   . HOH D .   ? 0.3024 0.4954 0.2132 -0.0338 -0.0449 0.0896  487 HOH A O   
905 O O   . HOH D .   ? 0.3407 0.3524 0.2607 -0.1646 -0.0477 0.0701  488 HOH A O   
906 O O   . HOH D .   ? 0.7068 0.4361 0.3159 -0.1748 0.0200  -0.1332 489 HOH A O   
907 O O   . HOH D .   ? 0.2922 0.2878 0.5780 -0.0057 0.0328  0.0300  490 HOH A O   
908 O O   . HOH D .   ? 0.6087 0.3892 0.3274 0.1418  -0.1903 -0.1413 491 HOH A O   
909 O O   . HOH D .   ? 0.3306 0.2345 0.5895 -0.0828 -0.0490 -0.0458 492 HOH A O   
910 O O   . HOH D .   ? 0.3215 0.4195 0.3009 -0.0071 -0.0883 -0.0106 493 HOH A O   
911 O O   . HOH D .   ? 0.2743 0.4209 0.3460 -0.0035 0.1260  -0.0901 494 HOH A O   
912 O O   . HOH D .   ? 0.3565 0.4297 0.5974 -0.1097 -0.0425 0.2210  495 HOH A O   
913 O O   . HOH D .   ? 0.6051 0.5326 0.2744 0.3151  0.1076  0.0634  496 HOH A O   
914 O O   . HOH D .   ? 0.3112 0.4155 0.5249 -0.0516 -0.0153 0.0729  497 HOH A O   
915 O O   . HOH D .   ? 0.3821 0.5133 0.4537 -0.0123 -0.0947 0.0638  498 HOH A O   
# 
loop_
_pdbx_poly_seq_scheme.asym_id 
_pdbx_poly_seq_scheme.entity_id 
_pdbx_poly_seq_scheme.seq_id 
_pdbx_poly_seq_scheme.mon_id 
_pdbx_poly_seq_scheme.ndb_seq_num 
_pdbx_poly_seq_scheme.pdb_seq_num 
_pdbx_poly_seq_scheme.auth_seq_num 
_pdbx_poly_seq_scheme.pdb_mon_id 
_pdbx_poly_seq_scheme.auth_mon_id 
_pdbx_poly_seq_scheme.pdb_strand_id 
_pdbx_poly_seq_scheme.pdb_ins_code 
_pdbx_poly_seq_scheme.hetero 
A 1 1   GLY 1   115 115 GLY GLY A . n 
A 1 2   PRO 2   116 116 PRO PRO A . n 
A 1 3   LEU 3   117 117 LEU LEU A . n 
A 1 4   THR 4   118 118 THR THR A . n 
A 1 5   ARG 5   119 119 ARG ARG A . n 
A 1 6   ARG 6   120 120 ARG ARG A . n 
A 1 7   ALA 7   121 121 ALA ALA A . n 
A 1 8   SER 8   122 122 SER SER A . n 
A 1 9   VAL 9   123 123 VAL VAL A . n 
A 1 10  GLY 10  124 124 GLY GLY A . n 
A 1 11  SER 11  125 ?   ?   ?   A . n 
A 1 12  GLN 12  126 ?   ?   ?   A . n 
A 1 13  ALA 13  127 ?   ?   ?   A . n 
A 1 14  ILE 14  128 ?   ?   ?   A . n 
A 1 15  GLN 15  129 129 GLN GLN A . n 
A 1 16  TYR 16  130 130 TYR TYR A . n 
A 1 17  THR 17  131 131 THR THR A . n 
A 1 18  ILE 18  132 132 ILE ILE A . n 
A 1 19  PRO 19  133 133 PRO PRO A . n 
A 1 20  PHE 20  134 134 PHE PHE A . n 
A 1 21  ALA 21  135 135 ALA ALA A . n 
A 1 22  PHE 22  136 136 PHE PHE A . n 
A 1 23  ILE 23  137 137 ILE ILE A . n 
A 1 24  SER 24  138 138 SER SER A . n 
A 1 25  GLU 25  139 139 GLU GLU A . n 
A 1 26  VAL 26  140 140 VAL VAL A . n 
A 1 27  VAL 27  141 141 VAL VAL A . n 
A 1 28  PRO 28  142 142 PRO PRO A . n 
A 1 29  GLY 29  143 143 GLY GLY A . n 
A 1 30  SER 30  144 144 SER SER A . n 
A 1 31  PRO 31  145 145 PRO PRO A . n 
A 1 32  SER 32  146 146 SER SER A . n 
A 1 33  ASP 33  147 147 ASP ASP A . n 
A 1 34  LYS 34  148 148 LYS LYS A . n 
A 1 35  ALA 35  149 149 ALA ALA A . n 
A 1 36  ASP 36  150 150 ASP ASP A . n 
A 1 37  ILE 37  151 151 ILE ILE A . n 
A 1 38  LYS 38  152 152 LYS LYS A . n 
A 1 39  VAL 39  153 153 VAL VAL A . n 
A 1 40  ASP 40  154 154 ASP ASP A . n 
A 1 41  ASP 41  155 155 ASP ASP A . n 
A 1 42  LYS 42  156 156 LYS LYS A . n 
A 1 43  LEU 43  157 157 LEU LEU A . n 
A 1 44  ILE 44  158 158 ILE ILE A . n 
A 1 45  SER 45  159 159 SER SER A . n 
A 1 46  ILE 46  160 160 ILE ILE A . n 
A 1 47  GLY 47  161 161 GLY GLY A . n 
A 1 48  ASN 48  162 162 ASN ASN A . n 
A 1 49  VAL 49  163 163 VAL VAL A . n 
A 1 50  HIS 50  164 164 HIS HIS A . n 
A 1 51  ALA 51  165 165 ALA ALA A . n 
A 1 52  ALA 52  166 166 ALA ALA A . n 
A 1 53  ASN 53  167 167 ASN ASN A . n 
A 1 54  HIS 54  168 168 HIS HIS A . n 
A 1 55  SER 55  169 169 SER SER A . n 
A 1 56  LYS 56  170 170 LYS LYS A . n 
A 1 57  LEU 57  171 171 LEU LEU A . n 
A 1 58  GLN 58  172 172 GLN GLN A . n 
A 1 59  ASN 59  173 173 ASN ASN A . n 
A 1 60  ILE 60  174 174 ILE ILE A . n 
A 1 61  GLN 61  175 175 GLN GLN A . n 
A 1 62  MET 62  176 176 MET MET A . n 
A 1 63  VAL 63  177 177 VAL VAL A . n 
A 1 64  VAL 64  178 178 VAL VAL A . n 
A 1 65  MET 65  179 179 MET MET A . n 
A 1 66  LYS 66  180 180 LYS LYS A . n 
A 1 67  ASN 67  181 181 ASN ASN A . n 
A 1 68  GLU 68  182 182 GLU GLU A . n 
A 1 69  ASP 69  183 183 ASP ASP A . n 
A 1 70  ARG 70  184 184 ARG ARG A . n 
A 1 71  PRO 71  185 185 PRO PRO A . n 
A 1 72  LEU 72  186 186 LEU LEU A . n 
A 1 73  PRO 73  187 187 PRO PRO A . n 
A 1 74  VAL 74  188 188 VAL VAL A . n 
A 1 75  LEU 75  189 189 LEU LEU A . n 
A 1 76  LEU 76  190 190 LEU LEU A . n 
A 1 77  LEU 77  191 191 LEU LEU A . n 
A 1 78  ARG 78  192 192 ARG ARG A . n 
A 1 79  GLU 79  193 193 GLU GLU A . n 
A 1 80  GLY 80  194 194 GLY GLY A . n 
A 1 81  GLN 81  195 195 GLN GLN A . n 
A 1 82  ILE 82  196 196 ILE ILE A . n 
A 1 83  LEU 83  197 197 LEU LEU A . n 
A 1 84  LYS 84  198 198 LYS LYS A . n 
A 1 85  THR 85  199 199 THR THR A . n 
A 1 86  SER 86  200 200 SER SER A . n 
A 1 87  LEU 87  201 201 LEU LEU A . n 
A 1 88  THR 88  202 202 THR THR A . n 
A 1 89  PRO 89  203 203 PRO PRO A . n 
A 1 90  SER 90  204 204 SER SER A . n 
A 1 91  ARG 91  205 205 ARG ARG A . n 
A 1 92  ASN 92  206 206 ASN ASN A . n 
A 1 93  TRP 93  207 207 TRP TRP A . n 
A 1 94  ASN 94  208 208 ASN ASN A . n 
A 1 95  GLY 95  209 209 GLY GLY A . n 
A 1 96  ARG 96  210 210 ARG ARG A . n 
A 1 97  GLY 97  211 211 GLY GLY A . n 
A 1 98  LEU 98  212 212 LEU LEU A . n 
A 1 99  LEU 99  213 213 LEU LEU A . n 
A 1 100 GLY 100 214 214 GLY GLY A . n 
A 1 101 CYS 101 215 215 CYS CYS A . n 
A 1 102 ARG 102 216 216 ARG ARG A . n 
A 1 103 ILE 103 217 217 ILE ILE A . n 
A 1 104 GLN 104 218 218 GLN GLN A . n 
A 1 105 GLU 105 219 219 GLU GLU A . n 
A 1 106 LEU 106 220 220 LEU LEU A . n 
# 
loop_
_pdbx_nonpoly_scheme.asym_id 
_pdbx_nonpoly_scheme.entity_id 
_pdbx_nonpoly_scheme.mon_id 
_pdbx_nonpoly_scheme.ndb_seq_num 
_pdbx_nonpoly_scheme.pdb_seq_num 
_pdbx_nonpoly_scheme.auth_seq_num 
_pdbx_nonpoly_scheme.pdb_mon_id 
_pdbx_nonpoly_scheme.auth_mon_id 
_pdbx_nonpoly_scheme.pdb_strand_id 
_pdbx_nonpoly_scheme.pdb_ins_code 
B 2 PG4 1  301 1  PG4 PG4 A . 
C 3 SO4 1  302 1  SO4 SO4 A . 
D 4 HOH 1  401 1  HOH HOH A . 
D 4 HOH 2  402 2  HOH HOH A . 
D 4 HOH 3  403 3  HOH HOH A . 
D 4 HOH 4  404 4  HOH HOH A . 
D 4 HOH 5  405 5  HOH HOH A . 
D 4 HOH 6  406 6  HOH HOH A . 
D 4 HOH 7  407 7  HOH HOH A . 
D 4 HOH 8  408 8  HOH HOH A . 
D 4 HOH 9  409 9  HOH HOH A . 
D 4 HOH 10 410 10 HOH HOH A . 
D 4 HOH 11 411 11 HOH HOH A . 
D 4 HOH 12 412 12 HOH HOH A . 
D 4 HOH 13 413 13 HOH HOH A . 
D 4 HOH 14 414 14 HOH HOH A . 
D 4 HOH 15 415 15 HOH HOH A . 
D 4 HOH 16 416 16 HOH HOH A . 
D 4 HOH 17 417 17 HOH HOH A . 
D 4 HOH 18 418 18 HOH HOH A . 
D 4 HOH 19 419 19 HOH HOH A . 
D 4 HOH 20 420 20 HOH HOH A . 
D 4 HOH 21 421 21 HOH HOH A . 
D 4 HOH 22 422 22 HOH HOH A . 
D 4 HOH 23 423 23 HOH HOH A . 
D 4 HOH 24 424 24 HOH HOH A . 
D 4 HOH 25 425 25 HOH HOH A . 
D 4 HOH 26 426 26 HOH HOH A . 
D 4 HOH 27 427 27 HOH HOH A . 
D 4 HOH 28 428 28 HOH HOH A . 
D 4 HOH 29 429 29 HOH HOH A . 
D 4 HOH 30 430 30 HOH HOH A . 
D 4 HOH 31 431 31 HOH HOH A . 
D 4 HOH 32 432 32 HOH HOH A . 
D 4 HOH 33 433 33 HOH HOH A . 
D 4 HOH 34 434 34 HOH HOH A . 
D 4 HOH 35 435 35 HOH HOH A . 
D 4 HOH 36 436 36 HOH HOH A . 
D 4 HOH 37 437 37 HOH HOH A . 
D 4 HOH 38 438 38 HOH HOH A . 
D 4 HOH 39 439 39 HOH HOH A . 
D 4 HOH 40 440 40 HOH HOH A . 
D 4 HOH 41 441 41 HOH HOH A . 
D 4 HOH 42 442 42 HOH HOH A . 
D 4 HOH 43 443 43 HOH HOH A . 
D 4 HOH 44 444 44 HOH HOH A . 
D 4 HOH 45 445 45 HOH HOH A . 
D 4 HOH 46 446 46 HOH HOH A . 
D 4 HOH 47 447 47 HOH HOH A . 
D 4 HOH 48 448 48 HOH HOH A . 
D 4 HOH 49 449 49 HOH HOH A . 
D 4 HOH 50 450 50 HOH HOH A . 
D 4 HOH 51 451 51 HOH HOH A . 
D 4 HOH 52 452 52 HOH HOH A . 
D 4 HOH 53 453 53 HOH HOH A . 
D 4 HOH 54 454 54 HOH HOH A . 
D 4 HOH 55 455 55 HOH HOH A . 
D 4 HOH 56 456 56 HOH HOH A . 
D 4 HOH 57 457 57 HOH HOH A . 
D 4 HOH 58 458 58 HOH HOH A . 
D 4 HOH 59 459 59 HOH HOH A . 
D 4 HOH 60 460 60 HOH HOH A . 
D 4 HOH 61 461 61 HOH HOH A . 
D 4 HOH 62 462 62 HOH HOH A . 
D 4 HOH 63 463 63 HOH HOH A . 
D 4 HOH 64 464 64 HOH HOH A . 
D 4 HOH 65 465 65 HOH HOH A . 
D 4 HOH 66 466 66 HOH HOH A . 
D 4 HOH 67 467 67 HOH HOH A . 
D 4 HOH 68 468 68 HOH HOH A . 
D 4 HOH 69 469 69 HOH HOH A . 
D 4 HOH 70 470 70 HOH HOH A . 
D 4 HOH 71 471 71 HOH HOH A . 
D 4 HOH 72 472 72 HOH HOH A . 
D 4 HOH 73 473 73 HOH HOH A . 
D 4 HOH 74 474 74 HOH HOH A . 
D 4 HOH 75 475 75 HOH HOH A . 
D 4 HOH 76 476 76 HOH HOH A . 
D 4 HOH 77 477 77 HOH HOH A . 
D 4 HOH 78 478 78 HOH HOH A . 
D 4 HOH 79 479 79 HOH HOH A . 
D 4 HOH 80 480 80 HOH HOH A . 
D 4 HOH 81 481 81 HOH HOH A . 
D 4 HOH 82 482 82 HOH HOH A . 
D 4 HOH 83 483 83 HOH HOH A . 
D 4 HOH 84 484 84 HOH HOH A . 
D 4 HOH 85 485 85 HOH HOH A . 
D 4 HOH 86 486 86 HOH HOH A . 
D 4 HOH 87 487 87 HOH HOH A . 
D 4 HOH 88 488 88 HOH HOH A . 
D 4 HOH 89 489 89 HOH HOH A . 
D 4 HOH 90 490 90 HOH HOH A . 
D 4 HOH 91 491 91 HOH HOH A . 
D 4 HOH 92 492 92 HOH HOH A . 
D 4 HOH 93 493 93 HOH HOH A . 
D 4 HOH 94 494 94 HOH HOH A . 
D 4 HOH 95 495 95 HOH HOH A . 
D 4 HOH 96 496 96 HOH HOH A . 
D 4 HOH 97 497 97 HOH HOH A . 
D 4 HOH 98 498 98 HOH HOH A . 
# 
_pdbx_struct_assembly.id                   1 
_pdbx_struct_assembly.details              author_and_software_defined_assembly 
_pdbx_struct_assembly.method_details       PISA 
_pdbx_struct_assembly.oligomeric_details   monomeric 
_pdbx_struct_assembly.oligomeric_count     1 
# 
_pdbx_struct_assembly_gen.assembly_id       1 
_pdbx_struct_assembly_gen.oper_expression   1 
_pdbx_struct_assembly_gen.asym_id_list      A,B,C,D 
# 
_pdbx_struct_oper_list.id                   1 
_pdbx_struct_oper_list.type                 'identity operation' 
_pdbx_struct_oper_list.name                 1_555 
_pdbx_struct_oper_list.symmetry_operation   x,y,z 
_pdbx_struct_oper_list.matrix[1][1]         1.0000000000 
_pdbx_struct_oper_list.matrix[1][2]         0.0000000000 
_pdbx_struct_oper_list.matrix[1][3]         0.0000000000 
_pdbx_struct_oper_list.vector[1]            0.0000000000 
_pdbx_struct_oper_list.matrix[2][1]         0.0000000000 
_pdbx_struct_oper_list.matrix[2][2]         1.0000000000 
_pdbx_struct_oper_list.matrix[2][3]         0.0000000000 
_pdbx_struct_oper_list.vector[2]            0.0000000000 
_pdbx_struct_oper_list.matrix[3][1]         0.0000000000 
_pdbx_struct_oper_list.matrix[3][2]         0.0000000000 
_pdbx_struct_oper_list.matrix[3][3]         1.0000000000 
_pdbx_struct_oper_list.vector[3]            0.0000000000 
# 
_pdbx_struct_special_symmetry.id              1 
_pdbx_struct_special_symmetry.PDB_model_num   1 
_pdbx_struct_special_symmetry.auth_asym_id    A 
_pdbx_struct_special_symmetry.auth_comp_id    HOH 
_pdbx_struct_special_symmetry.auth_seq_id     442 
_pdbx_struct_special_symmetry.PDB_ins_code    ? 
_pdbx_struct_special_symmetry.label_asym_id   D 
_pdbx_struct_special_symmetry.label_comp_id   HOH 
_pdbx_struct_special_symmetry.label_seq_id    . 
# 
loop_
_pdbx_audit_revision_history.ordinal 
_pdbx_audit_revision_history.data_content_type 
_pdbx_audit_revision_history.major_revision 
_pdbx_audit_revision_history.minor_revision 
_pdbx_audit_revision_history.revision_date 
1 'Structure model' 1 0 2014-04-16 
2 'Structure model' 1 1 2017-11-22 
3 'Structure model' 1 2 2023-09-20 
# 
_pdbx_audit_revision_details.ordinal             1 
_pdbx_audit_revision_details.revision_ordinal    1 
_pdbx_audit_revision_details.data_content_type   'Structure model' 
_pdbx_audit_revision_details.provider            repository 
_pdbx_audit_revision_details.type                'Initial release' 
_pdbx_audit_revision_details.description         ? 
_pdbx_audit_revision_details.details             ? 
# 
loop_
_pdbx_audit_revision_group.ordinal 
_pdbx_audit_revision_group.revision_ordinal 
_pdbx_audit_revision_group.data_content_type 
_pdbx_audit_revision_group.group 
1 2 'Structure model' 'Refinement description' 
2 3 'Structure model' 'Data collection'        
3 3 'Structure model' 'Database references'    
4 3 'Structure model' 'Derived calculations'   
5 3 'Structure model' 'Refinement description' 
# 
loop_
_pdbx_audit_revision_category.ordinal 
_pdbx_audit_revision_category.revision_ordinal 
_pdbx_audit_revision_category.data_content_type 
_pdbx_audit_revision_category.category 
1 2 'Structure model' software                      
2 3 'Structure model' chem_comp_atom                
3 3 'Structure model' chem_comp_bond                
4 3 'Structure model' database_2                    
5 3 'Structure model' pdbx_initial_refinement_model 
6 3 'Structure model' struct_ref_seq_dif            
7 3 'Structure model' struct_site                   
# 
loop_
_pdbx_audit_revision_item.ordinal 
_pdbx_audit_revision_item.revision_ordinal 
_pdbx_audit_revision_item.data_content_type 
_pdbx_audit_revision_item.item 
1 2 'Structure model' '_software.name'                      
2 3 'Structure model' '_database_2.pdbx_DOI'                
3 3 'Structure model' '_database_2.pdbx_database_accession' 
4 3 'Structure model' '_struct_ref_seq_dif.details'         
5 3 'Structure model' '_struct_site.pdbx_auth_asym_id'      
6 3 'Structure model' '_struct_site.pdbx_auth_comp_id'      
7 3 'Structure model' '_struct_site.pdbx_auth_seq_id'       
# 
_phasing.method   MR 
# 
loop_
_software.pdbx_ordinal 
_software.name 
_software.version 
_software.date 
_software.type 
_software.contact_author 
_software.contact_author_email 
_software.classification 
_software.location 
_software.language 
_software.citation_id 
1 Aimless     0.2.8    04/10/13         program 'Phil Evans'    ?                        'data scaling'    
http://www.mrc-lmb.cam.ac.uk/harry/pre/aimless.html ?   ? 
2 PHENIX      dev_1563 ?                package 'Paul D. Adams' PDAdams@lbl.gov          refinement        
http://www.phenix-online.org/                       C++ ? 
3 PDB_EXTRACT 3.11     'April 22, 2011' package PDB             deposit@deposit.rcsb.org 'data extraction' 
http://sw-tools.pdb.org/apps/PDB_EXTRACT/           C++ ? 
4 JDirector   .        ?                ?       ?               ?                        'data collection' ? ?   ? 
5 XSCALE      .        ?                ?       ?               ?                        'data scaling'    ? ?   ? 
6 BALBES      .        ?                ?       ?               ?                        phasing           ? ?   ? 
# 
_pdbx_validate_close_contact.id               1 
_pdbx_validate_close_contact.PDB_model_num    1 
_pdbx_validate_close_contact.auth_atom_id_1   O 
_pdbx_validate_close_contact.auth_asym_id_1   A 
_pdbx_validate_close_contact.auth_comp_id_1   HOH 
_pdbx_validate_close_contact.auth_seq_id_1    418 
_pdbx_validate_close_contact.PDB_ins_code_1   ? 
_pdbx_validate_close_contact.label_alt_id_1   ? 
_pdbx_validate_close_contact.auth_atom_id_2   O 
_pdbx_validate_close_contact.auth_asym_id_2   A 
_pdbx_validate_close_contact.auth_comp_id_2   HOH 
_pdbx_validate_close_contact.auth_seq_id_2    487 
_pdbx_validate_close_contact.PDB_ins_code_2   ? 
_pdbx_validate_close_contact.label_alt_id_2   ? 
_pdbx_validate_close_contact.dist             2.11 
# 
loop_
_pdbx_validate_torsion.id 
_pdbx_validate_torsion.PDB_model_num 
_pdbx_validate_torsion.auth_comp_id 
_pdbx_validate_torsion.auth_asym_id 
_pdbx_validate_torsion.auth_seq_id 
_pdbx_validate_torsion.PDB_ins_code 
_pdbx_validate_torsion.label_alt_id 
_pdbx_validate_torsion.phi 
_pdbx_validate_torsion.psi 
1 1 ASP A 154 ? ? 81.39 -4.07  
2 1 LEU A 171 ? ? 78.92 -10.71 
# 
loop_
_pdbx_unobs_or_zero_occ_atoms.id 
_pdbx_unobs_or_zero_occ_atoms.PDB_model_num 
_pdbx_unobs_or_zero_occ_atoms.polymer_flag 
_pdbx_unobs_or_zero_occ_atoms.occupancy_flag 
_pdbx_unobs_or_zero_occ_atoms.auth_asym_id 
_pdbx_unobs_or_zero_occ_atoms.auth_comp_id 
_pdbx_unobs_or_zero_occ_atoms.auth_seq_id 
_pdbx_unobs_or_zero_occ_atoms.PDB_ins_code 
_pdbx_unobs_or_zero_occ_atoms.auth_atom_id 
_pdbx_unobs_or_zero_occ_atoms.label_alt_id 
_pdbx_unobs_or_zero_occ_atoms.label_asym_id 
_pdbx_unobs_or_zero_occ_atoms.label_comp_id 
_pdbx_unobs_or_zero_occ_atoms.label_seq_id 
_pdbx_unobs_or_zero_occ_atoms.label_atom_id 
1  1 Y 1 A LEU 117 ? CG  ? A LEU 3  CG  
2  1 Y 1 A LEU 117 ? CD1 ? A LEU 3  CD1 
3  1 Y 1 A LEU 117 ? CD2 ? A LEU 3  CD2 
4  1 Y 1 A GLN 172 ? CD  ? A GLN 58 CD  
5  1 Y 1 A GLN 172 ? OE1 ? A GLN 58 OE1 
6  1 Y 1 A GLN 172 ? NE2 ? A GLN 58 NE2 
7  1 Y 1 A ARG 210 ? NE  ? A ARG 96 NE  
8  1 Y 1 A ARG 210 ? CZ  ? A ARG 96 CZ  
9  1 Y 1 A ARG 210 ? NH1 ? A ARG 96 NH1 
10 1 Y 1 A ARG 210 ? NH2 ? A ARG 96 NH2 
11 1 N 1 A PG4 301 ? O1  ? B PG4 1  O1  
12 1 N 1 A PG4 301 ? C1  ? B PG4 1  C1  
13 1 N 1 A PG4 301 ? C2  ? B PG4 1  C2  
14 1 N 1 A PG4 301 ? O2  ? B PG4 1  O2  
15 1 N 1 A PG4 301 ? C3  ? B PG4 1  C3  
# 
loop_
_pdbx_unobs_or_zero_occ_residues.id 
_pdbx_unobs_or_zero_occ_residues.PDB_model_num 
_pdbx_unobs_or_zero_occ_residues.polymer_flag 
_pdbx_unobs_or_zero_occ_residues.occupancy_flag 
_pdbx_unobs_or_zero_occ_residues.auth_asym_id 
_pdbx_unobs_or_zero_occ_residues.auth_comp_id 
_pdbx_unobs_or_zero_occ_residues.auth_seq_id 
_pdbx_unobs_or_zero_occ_residues.PDB_ins_code 
_pdbx_unobs_or_zero_occ_residues.label_asym_id 
_pdbx_unobs_or_zero_occ_residues.label_comp_id 
_pdbx_unobs_or_zero_occ_residues.label_seq_id 
1 1 Y 1 A SER 125 ? A SER 11 
2 1 Y 1 A GLN 126 ? A GLN 12 
3 1 Y 1 A ALA 127 ? A ALA 13 
4 1 Y 1 A ILE 128 ? A ILE 14 
# 
loop_
_chem_comp_atom.comp_id 
_chem_comp_atom.atom_id 
_chem_comp_atom.type_symbol 
_chem_comp_atom.pdbx_aromatic_flag 
_chem_comp_atom.pdbx_stereo_config 
_chem_comp_atom.pdbx_ordinal 
ALA N    N N N 1   
ALA CA   C N S 2   
ALA C    C N N 3   
ALA O    O N N 4   
ALA CB   C N N 5   
ALA OXT  O N N 6   
ALA H    H N N 7   
ALA H2   H N N 8   
ALA HA   H N N 9   
ALA HB1  H N N 10  
ALA HB2  H N N 11  
ALA HB3  H N N 12  
ALA HXT  H N N 13  
ARG N    N N N 14  
ARG CA   C N S 15  
ARG C    C N N 16  
ARG O    O N N 17  
ARG CB   C N N 18  
ARG CG   C N N 19  
ARG CD   C N N 20  
ARG NE   N N N 21  
ARG CZ   C N N 22  
ARG NH1  N N N 23  
ARG NH2  N N N 24  
ARG OXT  O N N 25  
ARG H    H N N 26  
ARG H2   H N N 27  
ARG HA   H N N 28  
ARG HB2  H N N 29  
ARG HB3  H N N 30  
ARG HG2  H N N 31  
ARG HG3  H N N 32  
ARG HD2  H N N 33  
ARG HD3  H N N 34  
ARG HE   H N N 35  
ARG HH11 H N N 36  
ARG HH12 H N N 37  
ARG HH21 H N N 38  
ARG HH22 H N N 39  
ARG HXT  H N N 40  
ASN N    N N N 41  
ASN CA   C N S 42  
ASN C    C N N 43  
ASN O    O N N 44  
ASN CB   C N N 45  
ASN CG   C N N 46  
ASN OD1  O N N 47  
ASN ND2  N N N 48  
ASN OXT  O N N 49  
ASN H    H N N 50  
ASN H2   H N N 51  
ASN HA   H N N 52  
ASN HB2  H N N 53  
ASN HB3  H N N 54  
ASN HD21 H N N 55  
ASN HD22 H N N 56  
ASN HXT  H N N 57  
ASP N    N N N 58  
ASP CA   C N S 59  
ASP C    C N N 60  
ASP O    O N N 61  
ASP CB   C N N 62  
ASP CG   C N N 63  
ASP OD1  O N N 64  
ASP OD2  O N N 65  
ASP OXT  O N N 66  
ASP H    H N N 67  
ASP H2   H N N 68  
ASP HA   H N N 69  
ASP HB2  H N N 70  
ASP HB3  H N N 71  
ASP HD2  H N N 72  
ASP HXT  H N N 73  
CYS N    N N N 74  
CYS CA   C N R 75  
CYS C    C N N 76  
CYS O    O N N 77  
CYS CB   C N N 78  
CYS SG   S N N 79  
CYS OXT  O N N 80  
CYS H    H N N 81  
CYS H2   H N N 82  
CYS HA   H N N 83  
CYS HB2  H N N 84  
CYS HB3  H N N 85  
CYS HG   H N N 86  
CYS HXT  H N N 87  
GLN N    N N N 88  
GLN CA   C N S 89  
GLN C    C N N 90  
GLN O    O N N 91  
GLN CB   C N N 92  
GLN CG   C N N 93  
GLN CD   C N N 94  
GLN OE1  O N N 95  
GLN NE2  N N N 96  
GLN OXT  O N N 97  
GLN H    H N N 98  
GLN H2   H N N 99  
GLN HA   H N N 100 
GLN HB2  H N N 101 
GLN HB3  H N N 102 
GLN HG2  H N N 103 
GLN HG3  H N N 104 
GLN HE21 H N N 105 
GLN HE22 H N N 106 
GLN HXT  H N N 107 
GLU N    N N N 108 
GLU CA   C N S 109 
GLU C    C N N 110 
GLU O    O N N 111 
GLU CB   C N N 112 
GLU CG   C N N 113 
GLU CD   C N N 114 
GLU OE1  O N N 115 
GLU OE2  O N N 116 
GLU OXT  O N N 117 
GLU H    H N N 118 
GLU H2   H N N 119 
GLU HA   H N N 120 
GLU HB2  H N N 121 
GLU HB3  H N N 122 
GLU HG2  H N N 123 
GLU HG3  H N N 124 
GLU HE2  H N N 125 
GLU HXT  H N N 126 
GLY N    N N N 127 
GLY CA   C N N 128 
GLY C    C N N 129 
GLY O    O N N 130 
GLY OXT  O N N 131 
GLY H    H N N 132 
GLY H2   H N N 133 
GLY HA2  H N N 134 
GLY HA3  H N N 135 
GLY HXT  H N N 136 
HIS N    N N N 137 
HIS CA   C N S 138 
HIS C    C N N 139 
HIS O    O N N 140 
HIS CB   C N N 141 
HIS CG   C Y N 142 
HIS ND1  N Y N 143 
HIS CD2  C Y N 144 
HIS CE1  C Y N 145 
HIS NE2  N Y N 146 
HIS OXT  O N N 147 
HIS H    H N N 148 
HIS H2   H N N 149 
HIS HA   H N N 150 
HIS HB2  H N N 151 
HIS HB3  H N N 152 
HIS HD1  H N N 153 
HIS HD2  H N N 154 
HIS HE1  H N N 155 
HIS HE2  H N N 156 
HIS HXT  H N N 157 
HOH O    O N N 158 
HOH H1   H N N 159 
HOH H2   H N N 160 
ILE N    N N N 161 
ILE CA   C N S 162 
ILE C    C N N 163 
ILE O    O N N 164 
ILE CB   C N S 165 
ILE CG1  C N N 166 
ILE CG2  C N N 167 
ILE CD1  C N N 168 
ILE OXT  O N N 169 
ILE H    H N N 170 
ILE H2   H N N 171 
ILE HA   H N N 172 
ILE HB   H N N 173 
ILE HG12 H N N 174 
ILE HG13 H N N 175 
ILE HG21 H N N 176 
ILE HG22 H N N 177 
ILE HG23 H N N 178 
ILE HD11 H N N 179 
ILE HD12 H N N 180 
ILE HD13 H N N 181 
ILE HXT  H N N 182 
LEU N    N N N 183 
LEU CA   C N S 184 
LEU C    C N N 185 
LEU O    O N N 186 
LEU CB   C N N 187 
LEU CG   C N N 188 
LEU CD1  C N N 189 
LEU CD2  C N N 190 
LEU OXT  O N N 191 
LEU H    H N N 192 
LEU H2   H N N 193 
LEU HA   H N N 194 
LEU HB2  H N N 195 
LEU HB3  H N N 196 
LEU HG   H N N 197 
LEU HD11 H N N 198 
LEU HD12 H N N 199 
LEU HD13 H N N 200 
LEU HD21 H N N 201 
LEU HD22 H N N 202 
LEU HD23 H N N 203 
LEU HXT  H N N 204 
LYS N    N N N 205 
LYS CA   C N S 206 
LYS C    C N N 207 
LYS O    O N N 208 
LYS CB   C N N 209 
LYS CG   C N N 210 
LYS CD   C N N 211 
LYS CE   C N N 212 
LYS NZ   N N N 213 
LYS OXT  O N N 214 
LYS H    H N N 215 
LYS H2   H N N 216 
LYS HA   H N N 217 
LYS HB2  H N N 218 
LYS HB3  H N N 219 
LYS HG2  H N N 220 
LYS HG3  H N N 221 
LYS HD2  H N N 222 
LYS HD3  H N N 223 
LYS HE2  H N N 224 
LYS HE3  H N N 225 
LYS HZ1  H N N 226 
LYS HZ2  H N N 227 
LYS HZ3  H N N 228 
LYS HXT  H N N 229 
MET N    N N N 230 
MET CA   C N S 231 
MET C    C N N 232 
MET O    O N N 233 
MET CB   C N N 234 
MET CG   C N N 235 
MET SD   S N N 236 
MET CE   C N N 237 
MET OXT  O N N 238 
MET H    H N N 239 
MET H2   H N N 240 
MET HA   H N N 241 
MET HB2  H N N 242 
MET HB3  H N N 243 
MET HG2  H N N 244 
MET HG3  H N N 245 
MET HE1  H N N 246 
MET HE2  H N N 247 
MET HE3  H N N 248 
MET HXT  H N N 249 
PG4 O1   O N N 250 
PG4 C1   C N N 251 
PG4 C2   C N N 252 
PG4 O2   O N N 253 
PG4 C3   C N N 254 
PG4 C4   C N N 255 
PG4 O3   O N N 256 
PG4 C5   C N N 257 
PG4 C6   C N N 258 
PG4 O4   O N N 259 
PG4 C7   C N N 260 
PG4 C8   C N N 261 
PG4 O5   O N N 262 
PG4 HO1  H N N 263 
PG4 H11  H N N 264 
PG4 H12  H N N 265 
PG4 H21  H N N 266 
PG4 H22  H N N 267 
PG4 H31  H N N 268 
PG4 H32  H N N 269 
PG4 H41  H N N 270 
PG4 H42  H N N 271 
PG4 H51  H N N 272 
PG4 H52  H N N 273 
PG4 H61  H N N 274 
PG4 H62  H N N 275 
PG4 H71  H N N 276 
PG4 H72  H N N 277 
PG4 H81  H N N 278 
PG4 H82  H N N 279 
PG4 HO5  H N N 280 
PHE N    N N N 281 
PHE CA   C N S 282 
PHE C    C N N 283 
PHE O    O N N 284 
PHE CB   C N N 285 
PHE CG   C Y N 286 
PHE CD1  C Y N 287 
PHE CD2  C Y N 288 
PHE CE1  C Y N 289 
PHE CE2  C Y N 290 
PHE CZ   C Y N 291 
PHE OXT  O N N 292 
PHE H    H N N 293 
PHE H2   H N N 294 
PHE HA   H N N 295 
PHE HB2  H N N 296 
PHE HB3  H N N 297 
PHE HD1  H N N 298 
PHE HD2  H N N 299 
PHE HE1  H N N 300 
PHE HE2  H N N 301 
PHE HZ   H N N 302 
PHE HXT  H N N 303 
PRO N    N N N 304 
PRO CA   C N S 305 
PRO C    C N N 306 
PRO O    O N N 307 
PRO CB   C N N 308 
PRO CG   C N N 309 
PRO CD   C N N 310 
PRO OXT  O N N 311 
PRO H    H N N 312 
PRO HA   H N N 313 
PRO HB2  H N N 314 
PRO HB3  H N N 315 
PRO HG2  H N N 316 
PRO HG3  H N N 317 
PRO HD2  H N N 318 
PRO HD3  H N N 319 
PRO HXT  H N N 320 
SER N    N N N 321 
SER CA   C N S 322 
SER C    C N N 323 
SER O    O N N 324 
SER CB   C N N 325 
SER OG   O N N 326 
SER OXT  O N N 327 
SER H    H N N 328 
SER H2   H N N 329 
SER HA   H N N 330 
SER HB2  H N N 331 
SER HB3  H N N 332 
SER HG   H N N 333 
SER HXT  H N N 334 
SO4 S    S N N 335 
SO4 O1   O N N 336 
SO4 O2   O N N 337 
SO4 O3   O N N 338 
SO4 O4   O N N 339 
THR N    N N N 340 
THR CA   C N S 341 
THR C    C N N 342 
THR O    O N N 343 
THR CB   C N R 344 
THR OG1  O N N 345 
THR CG2  C N N 346 
THR OXT  O N N 347 
THR H    H N N 348 
THR H2   H N N 349 
THR HA   H N N 350 
THR HB   H N N 351 
THR HG1  H N N 352 
THR HG21 H N N 353 
THR HG22 H N N 354 
THR HG23 H N N 355 
THR HXT  H N N 356 
TRP N    N N N 357 
TRP CA   C N S 358 
TRP C    C N N 359 
TRP O    O N N 360 
TRP CB   C N N 361 
TRP CG   C Y N 362 
TRP CD1  C Y N 363 
TRP CD2  C Y N 364 
TRP NE1  N Y N 365 
TRP CE2  C Y N 366 
TRP CE3  C Y N 367 
TRP CZ2  C Y N 368 
TRP CZ3  C Y N 369 
TRP CH2  C Y N 370 
TRP OXT  O N N 371 
TRP H    H N N 372 
TRP H2   H N N 373 
TRP HA   H N N 374 
TRP HB2  H N N 375 
TRP HB3  H N N 376 
TRP HD1  H N N 377 
TRP HE1  H N N 378 
TRP HE3  H N N 379 
TRP HZ2  H N N 380 
TRP HZ3  H N N 381 
TRP HH2  H N N 382 
TRP HXT  H N N 383 
TYR N    N N N 384 
TYR CA   C N S 385 
TYR C    C N N 386 
TYR O    O N N 387 
TYR CB   C N N 388 
TYR CG   C Y N 389 
TYR CD1  C Y N 390 
TYR CD2  C Y N 391 
TYR CE1  C Y N 392 
TYR CE2  C Y N 393 
TYR CZ   C Y N 394 
TYR OH   O N N 395 
TYR OXT  O N N 396 
TYR H    H N N 397 
TYR H2   H N N 398 
TYR HA   H N N 399 
TYR HB2  H N N 400 
TYR HB3  H N N 401 
TYR HD1  H N N 402 
TYR HD2  H N N 403 
TYR HE1  H N N 404 
TYR HE2  H N N 405 
TYR HH   H N N 406 
TYR HXT  H N N 407 
VAL N    N N N 408 
VAL CA   C N S 409 
VAL C    C N N 410 
VAL O    O N N 411 
VAL CB   C N N 412 
VAL CG1  C N N 413 
VAL CG2  C N N 414 
VAL OXT  O N N 415 
VAL H    H N N 416 
VAL H2   H N N 417 
VAL HA   H N N 418 
VAL HB   H N N 419 
VAL HG11 H N N 420 
VAL HG12 H N N 421 
VAL HG13 H N N 422 
VAL HG21 H N N 423 
VAL HG22 H N N 424 
VAL HG23 H N N 425 
VAL HXT  H N N 426 
# 
loop_
_chem_comp_bond.comp_id 
_chem_comp_bond.atom_id_1 
_chem_comp_bond.atom_id_2 
_chem_comp_bond.value_order 
_chem_comp_bond.pdbx_aromatic_flag 
_chem_comp_bond.pdbx_stereo_config 
_chem_comp_bond.pdbx_ordinal 
ALA N   CA   sing N N 1   
ALA N   H    sing N N 2   
ALA N   H2   sing N N 3   
ALA CA  C    sing N N 4   
ALA CA  CB   sing N N 5   
ALA CA  HA   sing N N 6   
ALA C   O    doub N N 7   
ALA C   OXT  sing N N 8   
ALA CB  HB1  sing N N 9   
ALA CB  HB2  sing N N 10  
ALA CB  HB3  sing N N 11  
ALA OXT HXT  sing N N 12  
ARG N   CA   sing N N 13  
ARG N   H    sing N N 14  
ARG N   H2   sing N N 15  
ARG CA  C    sing N N 16  
ARG CA  CB   sing N N 17  
ARG CA  HA   sing N N 18  
ARG C   O    doub N N 19  
ARG C   OXT  sing N N 20  
ARG CB  CG   sing N N 21  
ARG CB  HB2  sing N N 22  
ARG CB  HB3  sing N N 23  
ARG CG  CD   sing N N 24  
ARG CG  HG2  sing N N 25  
ARG CG  HG3  sing N N 26  
ARG CD  NE   sing N N 27  
ARG CD  HD2  sing N N 28  
ARG CD  HD3  sing N N 29  
ARG NE  CZ   sing N N 30  
ARG NE  HE   sing N N 31  
ARG CZ  NH1  sing N N 32  
ARG CZ  NH2  doub N N 33  
ARG NH1 HH11 sing N N 34  
ARG NH1 HH12 sing N N 35  
ARG NH2 HH21 sing N N 36  
ARG NH2 HH22 sing N N 37  
ARG OXT HXT  sing N N 38  
ASN N   CA   sing N N 39  
ASN N   H    sing N N 40  
ASN N   H2   sing N N 41  
ASN CA  C    sing N N 42  
ASN CA  CB   sing N N 43  
ASN CA  HA   sing N N 44  
ASN C   O    doub N N 45  
ASN C   OXT  sing N N 46  
ASN CB  CG   sing N N 47  
ASN CB  HB2  sing N N 48  
ASN CB  HB3  sing N N 49  
ASN CG  OD1  doub N N 50  
ASN CG  ND2  sing N N 51  
ASN ND2 HD21 sing N N 52  
ASN ND2 HD22 sing N N 53  
ASN OXT HXT  sing N N 54  
ASP N   CA   sing N N 55  
ASP N   H    sing N N 56  
ASP N   H2   sing N N 57  
ASP CA  C    sing N N 58  
ASP CA  CB   sing N N 59  
ASP CA  HA   sing N N 60  
ASP C   O    doub N N 61  
ASP C   OXT  sing N N 62  
ASP CB  CG   sing N N 63  
ASP CB  HB2  sing N N 64  
ASP CB  HB3  sing N N 65  
ASP CG  OD1  doub N N 66  
ASP CG  OD2  sing N N 67  
ASP OD2 HD2  sing N N 68  
ASP OXT HXT  sing N N 69  
CYS N   CA   sing N N 70  
CYS N   H    sing N N 71  
CYS N   H2   sing N N 72  
CYS CA  C    sing N N 73  
CYS CA  CB   sing N N 74  
CYS CA  HA   sing N N 75  
CYS C   O    doub N N 76  
CYS C   OXT  sing N N 77  
CYS CB  SG   sing N N 78  
CYS CB  HB2  sing N N 79  
CYS CB  HB3  sing N N 80  
CYS SG  HG   sing N N 81  
CYS OXT HXT  sing N N 82  
GLN N   CA   sing N N 83  
GLN N   H    sing N N 84  
GLN N   H2   sing N N 85  
GLN CA  C    sing N N 86  
GLN CA  CB   sing N N 87  
GLN CA  HA   sing N N 88  
GLN C   O    doub N N 89  
GLN C   OXT  sing N N 90  
GLN CB  CG   sing N N 91  
GLN CB  HB2  sing N N 92  
GLN CB  HB3  sing N N 93  
GLN CG  CD   sing N N 94  
GLN CG  HG2  sing N N 95  
GLN CG  HG3  sing N N 96  
GLN CD  OE1  doub N N 97  
GLN CD  NE2  sing N N 98  
GLN NE2 HE21 sing N N 99  
GLN NE2 HE22 sing N N 100 
GLN OXT HXT  sing N N 101 
GLU N   CA   sing N N 102 
GLU N   H    sing N N 103 
GLU N   H2   sing N N 104 
GLU CA  C    sing N N 105 
GLU CA  CB   sing N N 106 
GLU CA  HA   sing N N 107 
GLU C   O    doub N N 108 
GLU C   OXT  sing N N 109 
GLU CB  CG   sing N N 110 
GLU CB  HB2  sing N N 111 
GLU CB  HB3  sing N N 112 
GLU CG  CD   sing N N 113 
GLU CG  HG2  sing N N 114 
GLU CG  HG3  sing N N 115 
GLU CD  OE1  doub N N 116 
GLU CD  OE2  sing N N 117 
GLU OE2 HE2  sing N N 118 
GLU OXT HXT  sing N N 119 
GLY N   CA   sing N N 120 
GLY N   H    sing N N 121 
GLY N   H2   sing N N 122 
GLY CA  C    sing N N 123 
GLY CA  HA2  sing N N 124 
GLY CA  HA3  sing N N 125 
GLY C   O    doub N N 126 
GLY C   OXT  sing N N 127 
GLY OXT HXT  sing N N 128 
HIS N   CA   sing N N 129 
HIS N   H    sing N N 130 
HIS N   H2   sing N N 131 
HIS CA  C    sing N N 132 
HIS CA  CB   sing N N 133 
HIS CA  HA   sing N N 134 
HIS C   O    doub N N 135 
HIS C   OXT  sing N N 136 
HIS CB  CG   sing N N 137 
HIS CB  HB2  sing N N 138 
HIS CB  HB3  sing N N 139 
HIS CG  ND1  sing Y N 140 
HIS CG  CD2  doub Y N 141 
HIS ND1 CE1  doub Y N 142 
HIS ND1 HD1  sing N N 143 
HIS CD2 NE2  sing Y N 144 
HIS CD2 HD2  sing N N 145 
HIS CE1 NE2  sing Y N 146 
HIS CE1 HE1  sing N N 147 
HIS NE2 HE2  sing N N 148 
HIS OXT HXT  sing N N 149 
HOH O   H1   sing N N 150 
HOH O   H2   sing N N 151 
ILE N   CA   sing N N 152 
ILE N   H    sing N N 153 
ILE N   H2   sing N N 154 
ILE CA  C    sing N N 155 
ILE CA  CB   sing N N 156 
ILE CA  HA   sing N N 157 
ILE C   O    doub N N 158 
ILE C   OXT  sing N N 159 
ILE CB  CG1  sing N N 160 
ILE CB  CG2  sing N N 161 
ILE CB  HB   sing N N 162 
ILE CG1 CD1  sing N N 163 
ILE CG1 HG12 sing N N 164 
ILE CG1 HG13 sing N N 165 
ILE CG2 HG21 sing N N 166 
ILE CG2 HG22 sing N N 167 
ILE CG2 HG23 sing N N 168 
ILE CD1 HD11 sing N N 169 
ILE CD1 HD12 sing N N 170 
ILE CD1 HD13 sing N N 171 
ILE OXT HXT  sing N N 172 
LEU N   CA   sing N N 173 
LEU N   H    sing N N 174 
LEU N   H2   sing N N 175 
LEU CA  C    sing N N 176 
LEU CA  CB   sing N N 177 
LEU CA  HA   sing N N 178 
LEU C   O    doub N N 179 
LEU C   OXT  sing N N 180 
LEU CB  CG   sing N N 181 
LEU CB  HB2  sing N N 182 
LEU CB  HB3  sing N N 183 
LEU CG  CD1  sing N N 184 
LEU CG  CD2  sing N N 185 
LEU CG  HG   sing N N 186 
LEU CD1 HD11 sing N N 187 
LEU CD1 HD12 sing N N 188 
LEU CD1 HD13 sing N N 189 
LEU CD2 HD21 sing N N 190 
LEU CD2 HD22 sing N N 191 
LEU CD2 HD23 sing N N 192 
LEU OXT HXT  sing N N 193 
LYS N   CA   sing N N 194 
LYS N   H    sing N N 195 
LYS N   H2   sing N N 196 
LYS CA  C    sing N N 197 
LYS CA  CB   sing N N 198 
LYS CA  HA   sing N N 199 
LYS C   O    doub N N 200 
LYS C   OXT  sing N N 201 
LYS CB  CG   sing N N 202 
LYS CB  HB2  sing N N 203 
LYS CB  HB3  sing N N 204 
LYS CG  CD   sing N N 205 
LYS CG  HG2  sing N N 206 
LYS CG  HG3  sing N N 207 
LYS CD  CE   sing N N 208 
LYS CD  HD2  sing N N 209 
LYS CD  HD3  sing N N 210 
LYS CE  NZ   sing N N 211 
LYS CE  HE2  sing N N 212 
LYS CE  HE3  sing N N 213 
LYS NZ  HZ1  sing N N 214 
LYS NZ  HZ2  sing N N 215 
LYS NZ  HZ3  sing N N 216 
LYS OXT HXT  sing N N 217 
MET N   CA   sing N N 218 
MET N   H    sing N N 219 
MET N   H2   sing N N 220 
MET CA  C    sing N N 221 
MET CA  CB   sing N N 222 
MET CA  HA   sing N N 223 
MET C   O    doub N N 224 
MET C   OXT  sing N N 225 
MET CB  CG   sing N N 226 
MET CB  HB2  sing N N 227 
MET CB  HB3  sing N N 228 
MET CG  SD   sing N N 229 
MET CG  HG2  sing N N 230 
MET CG  HG3  sing N N 231 
MET SD  CE   sing N N 232 
MET CE  HE1  sing N N 233 
MET CE  HE2  sing N N 234 
MET CE  HE3  sing N N 235 
MET OXT HXT  sing N N 236 
PG4 O1  C1   sing N N 237 
PG4 O1  HO1  sing N N 238 
PG4 C1  C2   sing N N 239 
PG4 C1  H11  sing N N 240 
PG4 C1  H12  sing N N 241 
PG4 C2  O2   sing N N 242 
PG4 C2  H21  sing N N 243 
PG4 C2  H22  sing N N 244 
PG4 O2  C3   sing N N 245 
PG4 C3  C4   sing N N 246 
PG4 C3  H31  sing N N 247 
PG4 C3  H32  sing N N 248 
PG4 C4  O3   sing N N 249 
PG4 C4  H41  sing N N 250 
PG4 C4  H42  sing N N 251 
PG4 O3  C5   sing N N 252 
PG4 C5  C6   sing N N 253 
PG4 C5  H51  sing N N 254 
PG4 C5  H52  sing N N 255 
PG4 C6  O4   sing N N 256 
PG4 C6  H61  sing N N 257 
PG4 C6  H62  sing N N 258 
PG4 O4  C7   sing N N 259 
PG4 C7  C8   sing N N 260 
PG4 C7  H71  sing N N 261 
PG4 C7  H72  sing N N 262 
PG4 C8  O5   sing N N 263 
PG4 C8  H81  sing N N 264 
PG4 C8  H82  sing N N 265 
PG4 O5  HO5  sing N N 266 
PHE N   CA   sing N N 267 
PHE N   H    sing N N 268 
PHE N   H2   sing N N 269 
PHE CA  C    sing N N 270 
PHE CA  CB   sing N N 271 
PHE CA  HA   sing N N 272 
PHE C   O    doub N N 273 
PHE C   OXT  sing N N 274 
PHE CB  CG   sing N N 275 
PHE CB  HB2  sing N N 276 
PHE CB  HB3  sing N N 277 
PHE CG  CD1  doub Y N 278 
PHE CG  CD2  sing Y N 279 
PHE CD1 CE1  sing Y N 280 
PHE CD1 HD1  sing N N 281 
PHE CD2 CE2  doub Y N 282 
PHE CD2 HD2  sing N N 283 
PHE CE1 CZ   doub Y N 284 
PHE CE1 HE1  sing N N 285 
PHE CE2 CZ   sing Y N 286 
PHE CE2 HE2  sing N N 287 
PHE CZ  HZ   sing N N 288 
PHE OXT HXT  sing N N 289 
PRO N   CA   sing N N 290 
PRO N   CD   sing N N 291 
PRO N   H    sing N N 292 
PRO CA  C    sing N N 293 
PRO CA  CB   sing N N 294 
PRO CA  HA   sing N N 295 
PRO C   O    doub N N 296 
PRO C   OXT  sing N N 297 
PRO CB  CG   sing N N 298 
PRO CB  HB2  sing N N 299 
PRO CB  HB3  sing N N 300 
PRO CG  CD   sing N N 301 
PRO CG  HG2  sing N N 302 
PRO CG  HG3  sing N N 303 
PRO CD  HD2  sing N N 304 
PRO CD  HD3  sing N N 305 
PRO OXT HXT  sing N N 306 
SER N   CA   sing N N 307 
SER N   H    sing N N 308 
SER N   H2   sing N N 309 
SER CA  C    sing N N 310 
SER CA  CB   sing N N 311 
SER CA  HA   sing N N 312 
SER C   O    doub N N 313 
SER C   OXT  sing N N 314 
SER CB  OG   sing N N 315 
SER CB  HB2  sing N N 316 
SER CB  HB3  sing N N 317 
SER OG  HG   sing N N 318 
SER OXT HXT  sing N N 319 
SO4 S   O1   doub N N 320 
SO4 S   O2   doub N N 321 
SO4 S   O3   sing N N 322 
SO4 S   O4   sing N N 323 
THR N   CA   sing N N 324 
THR N   H    sing N N 325 
THR N   H2   sing N N 326 
THR CA  C    sing N N 327 
THR CA  CB   sing N N 328 
THR CA  HA   sing N N 329 
THR C   O    doub N N 330 
THR C   OXT  sing N N 331 
THR CB  OG1  sing N N 332 
THR CB  CG2  sing N N 333 
THR CB  HB   sing N N 334 
THR OG1 HG1  sing N N 335 
THR CG2 HG21 sing N N 336 
THR CG2 HG22 sing N N 337 
THR CG2 HG23 sing N N 338 
THR OXT HXT  sing N N 339 
TRP N   CA   sing N N 340 
TRP N   H    sing N N 341 
TRP N   H2   sing N N 342 
TRP CA  C    sing N N 343 
TRP CA  CB   sing N N 344 
TRP CA  HA   sing N N 345 
TRP C   O    doub N N 346 
TRP C   OXT  sing N N 347 
TRP CB  CG   sing N N 348 
TRP CB  HB2  sing N N 349 
TRP CB  HB3  sing N N 350 
TRP CG  CD1  doub Y N 351 
TRP CG  CD2  sing Y N 352 
TRP CD1 NE1  sing Y N 353 
TRP CD1 HD1  sing N N 354 
TRP CD2 CE2  doub Y N 355 
TRP CD2 CE3  sing Y N 356 
TRP NE1 CE2  sing Y N 357 
TRP NE1 HE1  sing N N 358 
TRP CE2 CZ2  sing Y N 359 
TRP CE3 CZ3  doub Y N 360 
TRP CE3 HE3  sing N N 361 
TRP CZ2 CH2  doub Y N 362 
TRP CZ2 HZ2  sing N N 363 
TRP CZ3 CH2  sing Y N 364 
TRP CZ3 HZ3  sing N N 365 
TRP CH2 HH2  sing N N 366 
TRP OXT HXT  sing N N 367 
TYR N   CA   sing N N 368 
TYR N   H    sing N N 369 
TYR N   H2   sing N N 370 
TYR CA  C    sing N N 371 
TYR CA  CB   sing N N 372 
TYR CA  HA   sing N N 373 
TYR C   O    doub N N 374 
TYR C   OXT  sing N N 375 
TYR CB  CG   sing N N 376 
TYR CB  HB2  sing N N 377 
TYR CB  HB3  sing N N 378 
TYR CG  CD1  doub Y N 379 
TYR CG  CD2  sing Y N 380 
TYR CD1 CE1  sing Y N 381 
TYR CD1 HD1  sing N N 382 
TYR CD2 CE2  doub Y N 383 
TYR CD2 HD2  sing N N 384 
TYR CE1 CZ   doub Y N 385 
TYR CE1 HE1  sing N N 386 
TYR CE2 CZ   sing Y N 387 
TYR CE2 HE2  sing N N 388 
TYR CZ  OH   sing N N 389 
TYR OH  HH   sing N N 390 
TYR OXT HXT  sing N N 391 
VAL N   CA   sing N N 392 
VAL N   H    sing N N 393 
VAL N   H2   sing N N 394 
VAL CA  C    sing N N 395 
VAL CA  CB   sing N N 396 
VAL CA  HA   sing N N 397 
VAL C   O    doub N N 398 
VAL C   OXT  sing N N 399 
VAL CB  CG1  sing N N 400 
VAL CB  CG2  sing N N 401 
VAL CB  HB   sing N N 402 
VAL CG1 HG11 sing N N 403 
VAL CG1 HG12 sing N N 404 
VAL CG1 HG13 sing N N 405 
VAL CG2 HG21 sing N N 406 
VAL CG2 HG22 sing N N 407 
VAL CG2 HG23 sing N N 408 
VAL OXT HXT  sing N N 409 
# 
loop_
_pdbx_entity_nonpoly.entity_id 
_pdbx_entity_nonpoly.name 
_pdbx_entity_nonpoly.comp_id 
2 'TETRAETHYLENE GLYCOL' PG4 
3 'SULFATE ION'          SO4 
4 water                  HOH 
# 
_pdbx_initial_refinement_model.id               1 
_pdbx_initial_refinement_model.entity_id_list   ? 
_pdbx_initial_refinement_model.type             'experimental model' 
_pdbx_initial_refinement_model.source_name      PDB 
_pdbx_initial_refinement_model.accession_code   3RLE 
_pdbx_initial_refinement_model.details          ? 
# 
